data_1J6Y
#
_entry.id   1J6Y
#
_cell.length_a   1.000
_cell.length_b   1.000
_cell.length_c   1.000
_cell.angle_alpha   90.00
_cell.angle_beta   90.00
_cell.angle_gamma   90.00
#
_symmetry.space_group_name_H-M   'P 1'
#
_entity_poly.entity_id   1
_entity_poly.type   'polypeptide(L)'
_entity_poly.pdbx_seq_one_letter_code
;MGSSHHHHHHSSGLVPRGSHMASRDQVKASHILIKHQGSRRKASWKDPEGKIILTTTREAAVEQLKSIREDIVSGKANFE
EVATRVSDCSSAKRGGDLGSFGRGQMQKPFEEATYALKVGDISDIVDTDSGVHIIKRTA
;
_entity_poly.pdbx_strand_id   A
#
# COMPACT_ATOMS: atom_id res chain seq x y z
N HIS A 20 10.82 -19.41 17.67
CA HIS A 20 12.11 -19.52 18.41
C HIS A 20 13.13 -18.54 17.84
N MET A 21 13.78 -17.79 18.68
CA MET A 21 14.79 -16.80 18.19
C MET A 21 15.45 -16.08 19.36
N ALA A 22 16.59 -15.49 19.14
CA ALA A 22 17.28 -14.76 20.24
C ALA A 22 17.00 -13.26 20.16
N SER A 23 16.85 -12.74 18.96
CA SER A 23 16.56 -11.28 18.82
C SER A 23 15.39 -11.06 17.86
N ARG A 24 15.28 -9.89 17.29
CA ARG A 24 14.15 -9.63 16.35
C ARG A 24 14.59 -9.86 14.90
N ASP A 25 13.63 -10.03 14.04
CA ASP A 25 13.94 -10.27 12.60
C ASP A 25 12.70 -10.02 11.74
N GLN A 26 11.78 -10.95 11.74
CA GLN A 26 10.53 -10.80 10.92
C GLN A 26 10.06 -9.34 10.93
N VAL A 27 9.34 -8.91 9.92
CA VAL A 27 8.89 -7.50 9.88
C VAL A 27 7.35 -7.39 9.88
N LYS A 28 6.79 -6.78 10.88
CA LYS A 28 5.31 -6.59 10.90
C LYS A 28 4.99 -5.26 10.23
N ALA A 29 3.77 -5.02 9.84
CA ALA A 29 3.49 -3.70 9.18
C ALA A 29 2.07 -3.63 8.60
N SER A 30 1.63 -2.45 8.25
CA SER A 30 0.29 -2.27 7.64
C SER A 30 0.44 -1.59 6.29
N HIS A 31 -0.63 -1.36 5.57
CA HIS A 31 -0.46 -0.68 4.25
C HIS A 31 -1.81 -0.45 3.54
N ILE A 32 -1.77 0.23 2.42
CA ILE A 32 -3.01 0.51 1.64
C ILE A 32 -2.70 0.35 0.14
N LEU A 33 -3.68 0.45 -0.72
CA LEU A 33 -3.40 0.30 -2.20
C LEU A 33 -4.27 1.26 -3.01
N ILE A 34 -3.69 1.95 -3.95
CA ILE A 34 -4.50 2.89 -4.79
C ILE A 34 -4.83 2.21 -6.13
N LYS A 35 -5.61 2.84 -6.96
CA LYS A 35 -5.96 2.23 -8.27
C LYS A 35 -5.13 2.86 -9.39
N HIS A 36 -4.70 2.07 -10.34
CA HIS A 36 -3.89 2.60 -11.46
C HIS A 36 -3.81 1.58 -12.60
N GLN A 37 -2.93 1.79 -13.55
CA GLN A 37 -2.83 0.83 -14.69
C GLN A 37 -2.48 -0.57 -14.17
N GLY A 38 -1.39 -0.69 -13.46
CA GLY A 38 -0.99 -2.02 -12.93
C GLY A 38 -0.46 -2.89 -14.08
N SER A 39 -0.79 -4.16 -14.06
CA SER A 39 -0.31 -5.06 -15.14
C SER A 39 -1.43 -6.00 -15.59
N ARG A 40 -2.66 -5.66 -15.28
CA ARG A 40 -3.79 -6.53 -15.69
C ARG A 40 -5.02 -5.68 -16.04
N ARG A 41 -5.73 -5.20 -15.06
CA ARG A 41 -6.93 -4.37 -15.35
C ARG A 41 -6.92 -3.11 -14.45
N LYS A 42 -7.36 -3.25 -13.23
CA LYS A 42 -7.37 -2.07 -12.32
C LYS A 42 -6.94 -2.48 -10.90
N ALA A 43 -7.50 -3.56 -10.41
CA ALA A 43 -7.11 -4.01 -9.04
C ALA A 43 -7.96 -5.22 -8.63
N SER A 44 -8.34 -6.05 -9.57
CA SER A 44 -9.16 -7.24 -9.23
C SER A 44 -10.23 -6.88 -8.22
N TRP A 45 -10.93 -5.80 -8.43
CA TRP A 45 -12.00 -5.39 -7.47
C TRP A 45 -13.38 -5.68 -8.06
N LYS A 46 -14.42 -5.28 -7.38
CA LYS A 46 -15.79 -5.53 -7.91
C LYS A 46 -16.25 -4.35 -8.77
N ASP A 47 -15.75 -4.27 -9.98
CA ASP A 47 -16.16 -3.14 -10.88
C ASP A 47 -16.84 -3.69 -12.13
N PRO A 48 -17.54 -2.83 -12.80
CA PRO A 48 -18.25 -3.23 -14.05
C PRO A 48 -17.25 -3.40 -15.19
N GLU A 49 -16.99 -4.62 -15.59
CA GLU A 49 -16.02 -4.84 -16.70
C GLU A 49 -16.27 -3.80 -17.81
N GLY A 50 -17.51 -3.50 -18.07
CA GLY A 50 -17.89 -2.48 -19.11
C GLY A 50 -16.73 -2.22 -20.09
N LYS A 51 -16.04 -1.14 -19.91
CA LYS A 51 -14.90 -0.81 -20.81
C LYS A 51 -13.86 0.04 -20.07
N ILE A 52 -12.61 -0.34 -20.14
CA ILE A 52 -11.56 0.44 -19.44
C ILE A 52 -11.63 1.92 -19.85
N ILE A 53 -11.46 2.81 -18.91
CA ILE A 53 -11.51 4.26 -19.24
C ILE A 53 -10.20 4.94 -18.85
N LEU A 54 -10.02 6.17 -19.23
CA LEU A 54 -8.75 6.88 -18.88
C LEU A 54 -8.76 7.31 -17.41
N THR A 55 -7.78 6.89 -16.66
CA THR A 55 -7.73 7.27 -15.22
C THR A 55 -6.29 7.20 -14.72
N THR A 56 -6.10 7.04 -13.44
CA THR A 56 -4.71 6.96 -12.90
C THR A 56 -3.91 5.91 -13.68
N THR A 57 -2.70 6.21 -14.03
CA THR A 57 -1.88 5.22 -14.79
C THR A 57 -0.52 5.02 -14.11
N ARG A 58 0.34 4.22 -14.69
CA ARG A 58 1.68 3.98 -14.07
C ARG A 58 2.23 5.30 -13.51
N GLU A 59 2.75 6.14 -14.35
CA GLU A 59 3.30 7.44 -13.85
C GLU A 59 2.28 8.11 -12.93
N ALA A 60 1.17 8.53 -13.47
CA ALA A 60 0.13 9.20 -12.65
C ALA A 60 -0.01 8.51 -11.29
N ALA A 61 0.00 7.20 -11.29
CA ALA A 61 -0.13 6.46 -9.99
C ALA A 61 0.85 7.03 -8.97
N VAL A 62 2.10 7.08 -9.31
CA VAL A 62 3.11 7.64 -8.36
C VAL A 62 2.72 9.06 -7.99
N GLU A 63 2.17 9.78 -8.92
CA GLU A 63 1.75 11.18 -8.63
C GLU A 63 0.58 11.17 -7.66
N GLN A 64 -0.38 10.30 -7.89
CA GLN A 64 -1.54 10.22 -6.96
C GLN A 64 -1.05 9.85 -5.57
N LEU A 65 -0.06 9.00 -5.49
CA LEU A 65 0.47 8.61 -4.16
C LEU A 65 1.36 9.73 -3.61
N LYS A 66 2.09 10.38 -4.48
CA LYS A 66 2.97 11.49 -4.02
C LYS A 66 2.18 12.42 -3.09
N SER A 67 0.95 12.71 -3.44
CA SER A 67 0.12 13.60 -2.59
C SER A 67 -0.57 12.77 -1.50
N ILE A 68 -0.87 11.54 -1.79
CA ILE A 68 -1.54 10.68 -0.76
C ILE A 68 -0.57 10.50 0.41
N ARG A 69 0.66 10.20 0.12
CA ARG A 69 1.66 10.04 1.21
C ARG A 69 1.83 11.39 1.90
N GLU A 70 1.84 12.43 1.11
CA GLU A 70 1.97 13.81 1.67
C GLU A 70 0.78 14.09 2.58
N ASP A 71 -0.39 13.94 2.03
CA ASP A 71 -1.61 14.17 2.85
C ASP A 71 -1.56 13.27 4.07
N ILE A 72 -1.38 11.99 3.88
CA ILE A 72 -1.28 11.07 5.04
C ILE A 72 -0.07 11.49 5.90
N VAL A 73 0.88 12.14 5.28
CA VAL A 73 2.07 12.60 6.03
C VAL A 73 1.68 13.75 6.96
N SER A 74 1.15 14.81 6.41
CA SER A 74 0.73 15.96 7.26
C SER A 74 -0.77 15.87 7.56
N GLY A 75 -1.15 16.16 8.77
CA GLY A 75 -2.59 16.09 9.13
C GLY A 75 -2.89 14.68 9.62
N LYS A 76 -3.18 14.53 10.88
CA LYS A 76 -3.50 13.17 11.43
C LYS A 76 -4.85 12.70 10.89
N ALA A 77 -5.02 12.72 9.60
CA ALA A 77 -6.32 12.27 9.01
C ALA A 77 -6.62 10.83 9.44
N ASN A 78 -7.40 10.12 8.66
CA ASN A 78 -7.73 8.71 9.02
C ASN A 78 -6.86 7.75 8.22
N PHE A 79 -7.24 6.49 8.18
CA PHE A 79 -6.44 5.50 7.41
C PHE A 79 -7.17 4.15 7.37
N GLU A 80 -7.54 3.64 8.51
CA GLU A 80 -8.25 2.33 8.55
C GLU A 80 -9.34 2.27 7.48
N GLU A 81 -10.49 2.85 7.75
CA GLU A 81 -11.60 2.82 6.74
C GLU A 81 -11.04 3.04 5.34
N VAL A 82 -10.10 3.94 5.19
CA VAL A 82 -9.52 4.18 3.83
C VAL A 82 -8.78 2.92 3.40
N ALA A 83 -8.06 2.33 4.29
CA ALA A 83 -7.30 1.08 3.97
C ALA A 83 -8.28 -0.04 3.62
N THR A 84 -9.53 0.16 3.88
CA THR A 84 -10.55 -0.88 3.58
C THR A 84 -11.13 -0.67 2.18
N ARG A 85 -11.29 0.57 1.78
CA ARG A 85 -11.84 0.86 0.43
C ARG A 85 -10.72 0.96 -0.61
N VAL A 86 -9.88 1.95 -0.46
CA VAL A 86 -8.76 2.11 -1.43
C VAL A 86 -7.60 1.19 -1.05
N SER A 87 -7.83 -0.10 -1.06
CA SER A 87 -6.74 -1.04 -0.69
C SER A 87 -6.85 -2.34 -1.50
N ASP A 88 -5.82 -3.13 -1.49
CA ASP A 88 -5.88 -4.41 -2.24
C ASP A 88 -7.17 -5.13 -1.91
N CYS A 89 -7.84 -5.65 -2.91
CA CYS A 89 -9.14 -6.35 -2.68
C CYS A 89 -9.09 -7.10 -1.34
N SER A 90 -8.17 -8.00 -1.20
CA SER A 90 -8.04 -8.72 0.09
C SER A 90 -7.77 -7.71 1.20
N SER A 91 -6.90 -6.79 0.93
CA SER A 91 -6.59 -5.75 1.94
C SER A 91 -7.84 -4.95 2.28
N ALA A 92 -8.68 -4.67 1.32
CA ALA A 92 -9.93 -3.93 1.65
C ALA A 92 -10.57 -4.63 2.84
N LYS A 93 -10.50 -5.93 2.86
CA LYS A 93 -11.04 -6.71 4.01
C LYS A 93 -10.08 -6.54 5.19
N ARG A 94 -8.81 -6.38 4.89
CA ARG A 94 -7.78 -6.18 5.95
C ARG A 94 -7.11 -4.82 5.75
N GLY A 95 -7.90 -3.77 5.67
CA GLY A 95 -7.32 -2.42 5.44
C GLY A 95 -6.35 -2.09 6.57
N GLY A 96 -6.47 -2.78 7.65
CA GLY A 96 -5.56 -2.51 8.79
C GLY A 96 -4.11 -2.79 8.37
N ASP A 97 -3.60 -3.93 8.72
CA ASP A 97 -2.20 -4.24 8.35
C ASP A 97 -2.01 -5.72 8.03
N LEU A 98 -0.83 -6.09 7.62
CA LEU A 98 -0.54 -7.51 7.31
C LEU A 98 -0.38 -8.25 8.64
N GLY A 99 0.56 -7.82 9.43
CA GLY A 99 0.81 -8.46 10.74
C GLY A 99 2.30 -8.69 10.87
N SER A 100 2.77 -9.80 10.40
CA SER A 100 4.22 -10.10 10.49
C SER A 100 4.68 -11.01 9.35
N PHE A 101 5.85 -10.77 8.84
CA PHE A 101 6.39 -11.61 7.74
C PHE A 101 7.85 -11.26 7.47
N GLY A 102 8.76 -12.08 7.90
CA GLY A 102 10.20 -11.77 7.70
C GLY A 102 10.58 -11.88 6.22
N ARG A 103 11.20 -12.96 5.84
CA ARG A 103 11.60 -13.12 4.41
C ARG A 103 10.46 -13.75 3.62
N GLY A 104 9.27 -13.76 4.16
CA GLY A 104 8.12 -14.36 3.45
C GLY A 104 7.14 -13.24 3.05
N GLN A 105 6.18 -13.54 2.23
CA GLN A 105 5.19 -12.49 1.82
C GLN A 105 5.94 -11.31 1.22
N MET A 106 5.21 -10.31 0.79
CA MET A 106 5.89 -9.11 0.23
C MET A 106 7.02 -9.55 -0.70
N GLN A 107 8.00 -8.71 -0.92
CA GLN A 107 9.12 -9.10 -1.81
C GLN A 107 10.29 -8.10 -1.69
N LYS A 108 10.93 -7.79 -2.77
CA LYS A 108 12.09 -6.86 -2.73
C LYS A 108 11.67 -5.42 -2.37
N PRO A 109 10.67 -4.92 -3.04
CA PRO A 109 10.21 -3.53 -2.80
C PRO A 109 9.57 -3.37 -1.41
N PHE A 110 8.32 -3.72 -1.25
CA PHE A 110 7.67 -3.53 0.08
C PHE A 110 8.60 -3.92 1.22
N GLU A 111 8.95 -5.17 1.32
CA GLU A 111 9.82 -5.62 2.45
C GLU A 111 10.93 -4.60 2.69
N GLU A 112 11.73 -4.34 1.70
CA GLU A 112 12.83 -3.34 1.89
C GLU A 112 12.23 -2.01 2.37
N ALA A 113 10.96 -1.82 2.14
CA ALA A 113 10.29 -0.57 2.58
C ALA A 113 10.07 -0.60 4.10
N THR A 114 9.39 -1.60 4.58
CA THR A 114 9.15 -1.70 6.03
C THR A 114 10.47 -1.98 6.75
N TYR A 115 11.39 -2.59 6.06
CA TYR A 115 12.71 -2.88 6.68
C TYR A 115 13.58 -1.62 6.64
N ALA A 116 13.26 -0.72 5.75
CA ALA A 116 14.06 0.53 5.61
C ALA A 116 13.44 1.68 6.43
N LEU A 117 12.14 1.83 6.38
CA LEU A 117 11.50 2.95 7.13
C LEU A 117 11.06 2.49 8.53
N LYS A 118 10.47 3.37 9.28
CA LYS A 118 10.02 3.01 10.65
C LYS A 118 9.02 4.06 11.17
N VAL A 119 7.87 4.15 10.58
CA VAL A 119 6.86 5.15 11.02
C VAL A 119 7.43 6.57 10.87
N GLY A 120 6.69 7.46 10.28
CA GLY A 120 7.19 8.85 10.11
C GLY A 120 7.10 9.24 8.63
N ASP A 121 7.99 8.73 7.82
CA ASP A 121 7.95 9.06 6.37
C ASP A 121 6.79 8.33 5.69
N ILE A 122 6.35 7.25 6.26
CA ILE A 122 5.22 6.48 5.65
C ILE A 122 5.64 5.90 4.30
N SER A 123 6.84 5.39 4.23
CA SER A 123 7.32 4.79 2.95
C SER A 123 7.35 5.83 1.83
N ASP A 124 8.27 5.71 0.91
CA ASP A 124 8.36 6.68 -0.21
C ASP A 124 7.67 6.11 -1.46
N ILE A 125 6.36 6.06 -1.44
CA ILE A 125 5.63 5.50 -2.62
C ILE A 125 5.94 4.01 -2.79
N VAL A 126 5.01 3.16 -2.51
CA VAL A 126 5.26 1.68 -2.66
C VAL A 126 4.55 1.17 -3.91
N ASP A 127 5.19 1.21 -5.04
CA ASP A 127 4.52 0.72 -6.30
C ASP A 127 5.05 -0.67 -6.65
N THR A 128 4.30 -1.69 -6.32
CA THR A 128 4.74 -3.09 -6.64
C THR A 128 3.66 -4.09 -6.28
N ASP A 129 3.98 -5.35 -6.32
CA ASP A 129 2.97 -6.40 -5.97
C ASP A 129 1.68 -6.18 -6.77
N SER A 130 0.72 -5.49 -6.21
CA SER A 130 -0.55 -5.25 -6.95
C SER A 130 -0.46 -3.96 -7.77
N GLY A 131 -0.01 -2.91 -7.16
CA GLY A 131 0.11 -1.61 -7.90
C GLY A 131 0.86 -0.60 -7.04
N VAL A 132 0.16 0.27 -6.38
CA VAL A 132 0.82 1.29 -5.52
C VAL A 132 0.23 1.24 -4.10
N HIS A 133 1.07 1.16 -3.10
CA HIS A 133 0.57 1.08 -1.71
C HIS A 133 1.30 2.10 -0.82
N ILE A 134 1.00 2.09 0.45
CA ILE A 134 1.66 3.00 1.42
C ILE A 134 1.68 2.31 2.78
N ILE A 135 2.83 1.95 3.26
CA ILE A 135 2.92 1.21 4.56
C ILE A 135 2.74 2.14 5.76
N LYS A 136 2.56 1.54 6.92
CA LYS A 136 2.38 2.32 8.17
C LYS A 136 2.39 1.35 9.36
N ARG A 137 3.38 1.41 10.20
CA ARG A 137 3.44 0.47 11.36
C ARG A 137 2.90 1.13 12.63
N THR A 138 3.77 1.58 13.50
CA THR A 138 3.30 2.22 14.76
C THR A 138 2.53 3.51 14.45
N ALA A 139 3.19 4.63 14.45
CA ALA A 139 2.50 5.92 14.15
C ALA A 139 1.52 6.27 15.27
N HIS A 20 20.05 -10.13 23.32
CA HIS A 20 20.30 -11.46 22.69
C HIS A 20 19.04 -11.93 21.95
N MET A 21 18.01 -12.30 22.68
CA MET A 21 16.76 -12.77 22.03
C MET A 21 15.74 -11.64 21.97
N ALA A 22 15.13 -11.32 23.09
CA ALA A 22 14.12 -10.22 23.11
C ALA A 22 13.20 -10.32 21.89
N SER A 23 12.24 -11.20 21.92
CA SER A 23 11.31 -11.32 20.76
C SER A 23 12.11 -11.51 19.46
N ARG A 24 11.43 -11.83 18.39
CA ARG A 24 12.14 -12.03 17.10
C ARG A 24 12.31 -10.69 16.38
N ASP A 25 12.39 -10.69 15.08
CA ASP A 25 12.56 -9.42 14.34
C ASP A 25 11.48 -9.27 13.27
N GLN A 26 11.56 -10.04 12.22
CA GLN A 26 10.55 -9.95 11.14
C GLN A 26 10.30 -8.48 10.78
N VAL A 27 9.37 -8.22 9.91
CA VAL A 27 9.10 -6.81 9.52
C VAL A 27 7.58 -6.54 9.52
N LYS A 28 7.05 -6.10 10.63
CA LYS A 28 5.59 -5.81 10.67
C LYS A 28 5.29 -4.53 9.88
N ALA A 29 4.06 -4.31 9.50
CA ALA A 29 3.75 -3.07 8.72
C ALA A 29 2.33 -3.08 8.18
N SER A 30 1.90 -1.97 7.65
CA SER A 30 0.54 -1.89 7.06
C SER A 30 0.68 -1.54 5.57
N HIS A 31 -0.40 -1.43 4.85
CA HIS A 31 -0.24 -1.10 3.39
C HIS A 31 -1.58 -0.77 2.73
N ILE A 32 -1.54 0.07 1.72
CA ILE A 32 -2.78 0.43 0.97
C ILE A 32 -2.48 0.32 -0.53
N LEU A 33 -3.47 0.11 -1.36
CA LEU A 33 -3.16 -0.01 -2.82
C LEU A 33 -3.99 0.97 -3.65
N ILE A 34 -3.36 1.64 -4.58
CA ILE A 34 -4.10 2.59 -5.46
C ILE A 34 -4.26 1.97 -6.86
N LYS A 35 -5.35 2.25 -7.52
CA LYS A 35 -5.55 1.66 -8.87
C LYS A 35 -4.65 2.34 -9.91
N HIS A 36 -4.00 1.59 -10.74
CA HIS A 36 -3.11 2.19 -11.78
C HIS A 36 -3.02 1.28 -13.00
N GLN A 37 -2.10 1.53 -13.90
CA GLN A 37 -1.98 0.68 -15.12
C GLN A 37 -1.85 -0.80 -14.71
N GLY A 38 -0.66 -1.23 -14.39
CA GLY A 38 -0.46 -2.65 -13.99
C GLY A 38 -1.22 -3.56 -14.97
N SER A 39 -2.01 -4.47 -14.45
CA SER A 39 -2.77 -5.39 -15.35
C SER A 39 -4.21 -5.55 -14.85
N ARG A 40 -5.08 -6.07 -15.66
CA ARG A 40 -6.49 -6.25 -15.23
C ARG A 40 -7.09 -4.91 -14.78
N ARG A 41 -7.87 -4.92 -13.73
CA ARG A 41 -8.47 -3.65 -13.24
C ARG A 41 -8.59 -3.67 -11.72
N LYS A 42 -8.01 -2.70 -11.06
CA LYS A 42 -8.09 -2.66 -9.56
C LYS A 42 -7.48 -3.94 -8.96
N ALA A 43 -8.20 -5.02 -8.97
CA ALA A 43 -7.66 -6.29 -8.40
C ALA A 43 -8.77 -7.36 -8.35
N SER A 44 -8.94 -8.08 -9.42
CA SER A 44 -9.99 -9.14 -9.44
C SER A 44 -11.34 -8.56 -9.00
N TRP A 45 -11.95 -7.73 -9.82
CA TRP A 45 -13.25 -7.14 -9.44
C TRP A 45 -14.27 -7.29 -10.58
N LYS A 46 -15.51 -7.56 -10.25
CA LYS A 46 -16.54 -7.71 -11.31
C LYS A 46 -17.78 -6.89 -10.95
N ASP A 47 -17.61 -5.62 -10.69
CA ASP A 47 -18.78 -4.77 -10.33
C ASP A 47 -18.75 -3.46 -11.13
N PRO A 48 -17.79 -2.62 -10.84
CA PRO A 48 -17.69 -1.32 -11.57
C PRO A 48 -17.24 -1.55 -13.01
N GLU A 49 -17.93 -0.97 -13.94
CA GLU A 49 -17.54 -1.16 -15.38
C GLU A 49 -17.17 0.19 -16.01
N GLY A 50 -16.03 0.71 -15.69
CA GLY A 50 -15.61 2.02 -16.27
C GLY A 50 -15.50 1.87 -17.79
N LYS A 51 -15.20 0.70 -18.26
CA LYS A 51 -15.08 0.48 -19.73
C LYS A 51 -14.08 1.47 -20.34
N ILE A 52 -12.92 0.99 -20.71
CA ILE A 52 -11.90 1.90 -21.34
C ILE A 52 -11.67 3.12 -20.44
N ILE A 53 -11.29 4.24 -21.02
CA ILE A 53 -11.04 5.46 -20.21
C ILE A 53 -10.01 5.15 -19.12
N LEU A 54 -8.75 5.22 -19.45
CA LEU A 54 -7.69 4.94 -18.43
C LEU A 54 -7.75 5.98 -17.31
N THR A 55 -7.07 5.73 -16.23
CA THR A 55 -7.08 6.71 -15.10
C THR A 55 -5.66 6.94 -14.56
N THR A 56 -5.21 6.09 -13.69
CA THR A 56 -3.83 6.26 -13.13
C THR A 56 -2.86 5.29 -13.82
N THR A 57 -1.63 5.71 -13.99
CA THR A 57 -0.63 4.81 -14.65
C THR A 57 0.59 4.66 -13.74
N ARG A 58 1.74 4.36 -14.31
CA ARG A 58 2.96 4.20 -13.48
C ARG A 58 3.34 5.54 -12.83
N GLU A 59 3.88 6.44 -13.59
CA GLU A 59 4.23 7.77 -13.00
C GLU A 59 3.07 8.28 -12.17
N ALA A 60 1.93 8.41 -12.77
CA ALA A 60 0.73 8.90 -12.03
C ALA A 60 0.57 8.16 -10.69
N ALA A 61 0.60 6.86 -10.73
CA ALA A 61 0.45 6.08 -9.47
C ALA A 61 1.30 6.70 -8.36
N VAL A 62 2.59 6.68 -8.50
CA VAL A 62 3.45 7.29 -7.45
C VAL A 62 2.99 8.73 -7.20
N GLU A 63 2.53 9.40 -8.21
CA GLU A 63 2.05 10.79 -8.03
C GLU A 63 0.86 10.79 -7.09
N GLN A 64 -0.11 9.95 -7.36
CA GLN A 64 -1.29 9.87 -6.47
C GLN A 64 -0.81 9.62 -5.04
N LEU A 65 0.14 8.73 -4.91
CA LEU A 65 0.69 8.43 -3.56
C LEU A 65 1.50 9.62 -3.05
N LYS A 66 2.06 10.38 -3.94
CA LYS A 66 2.84 11.58 -3.51
C LYS A 66 1.97 12.48 -2.64
N SER A 67 0.73 12.62 -3.00
CA SER A 67 -0.20 13.47 -2.19
C SER A 67 -0.70 12.67 -0.99
N ILE A 68 -0.80 11.38 -1.13
CA ILE A 68 -1.28 10.54 0.01
C ILE A 68 -0.28 10.66 1.17
N ARG A 69 0.96 10.35 0.92
CA ARG A 69 1.98 10.47 2.00
C ARG A 69 1.94 11.89 2.54
N GLU A 70 1.84 12.85 1.66
CA GLU A 70 1.75 14.27 2.09
C GLU A 70 0.48 14.46 2.92
N ASP A 71 -0.63 14.14 2.33
CA ASP A 71 -1.91 14.27 3.06
C ASP A 71 -1.81 13.51 4.38
N ILE A 72 -1.41 12.26 4.32
CA ILE A 72 -1.26 11.47 5.58
C ILE A 72 -0.15 12.10 6.40
N VAL A 73 0.75 12.81 5.76
CA VAL A 73 1.86 13.47 6.51
C VAL A 73 1.30 14.65 7.30
N SER A 74 0.59 15.53 6.65
CA SER A 74 0.01 16.69 7.38
C SER A 74 -1.44 16.39 7.76
N GLY A 75 -1.82 16.74 8.96
CA GLY A 75 -3.20 16.47 9.40
C GLY A 75 -3.32 14.99 9.72
N LYS A 76 -3.52 14.67 10.96
CA LYS A 76 -3.63 13.23 11.36
C LYS A 76 -4.88 12.61 10.72
N ALA A 77 -5.00 12.67 9.42
CA ALA A 77 -6.16 12.10 8.71
C ALA A 77 -6.34 10.62 9.09
N ASN A 78 -7.27 9.95 8.44
CA ASN A 78 -7.49 8.50 8.75
C ASN A 78 -6.58 7.63 7.88
N PHE A 79 -6.92 6.38 7.72
CA PHE A 79 -6.07 5.48 6.88
C PHE A 79 -6.75 4.12 6.70
N GLU A 80 -7.45 3.64 7.68
CA GLU A 80 -8.12 2.31 7.56
C GLU A 80 -9.18 2.36 6.45
N GLU A 81 -10.33 2.91 6.74
CA GLU A 81 -11.40 2.99 5.70
C GLU A 81 -10.78 3.36 4.34
N VAL A 82 -9.81 4.24 4.34
CA VAL A 82 -9.17 4.62 3.05
C VAL A 82 -8.62 3.36 2.38
N ALA A 83 -7.92 2.55 3.12
CA ALA A 83 -7.36 1.30 2.54
C ALA A 83 -8.49 0.41 2.02
N THR A 84 -9.43 0.08 2.89
CA THR A 84 -10.56 -0.78 2.48
C THR A 84 -11.03 -0.41 1.06
N ARG A 85 -11.10 0.86 0.76
CA ARG A 85 -11.54 1.29 -0.60
C ARG A 85 -10.37 1.20 -1.57
N VAL A 86 -9.32 1.89 -1.29
CA VAL A 86 -8.12 1.86 -2.18
C VAL A 86 -7.15 0.77 -1.69
N SER A 87 -7.59 -0.46 -1.70
CA SER A 87 -6.73 -1.56 -1.20
C SER A 87 -6.54 -2.66 -2.27
N ASP A 88 -5.56 -3.51 -2.07
CA ASP A 88 -5.32 -4.61 -3.03
C ASP A 88 -6.41 -5.68 -2.90
N CYS A 89 -7.61 -5.35 -3.29
CA CYS A 89 -8.72 -6.34 -3.18
C CYS A 89 -8.74 -6.96 -1.79
N SER A 90 -8.03 -8.04 -1.60
CA SER A 90 -7.98 -8.68 -0.26
C SER A 90 -7.82 -7.59 0.79
N SER A 91 -6.94 -6.68 0.54
CA SER A 91 -6.73 -5.57 1.50
C SER A 91 -8.05 -4.84 1.72
N ALA A 92 -8.86 -4.69 0.70
CA ALA A 92 -10.17 -4.02 0.92
C ALA A 92 -10.81 -4.68 2.13
N LYS A 93 -10.52 -5.95 2.31
CA LYS A 93 -11.04 -6.67 3.49
C LYS A 93 -10.05 -6.43 4.64
N ARG A 94 -8.80 -6.30 4.30
CA ARG A 94 -7.75 -6.03 5.32
C ARG A 94 -7.04 -4.71 4.96
N GLY A 95 -7.77 -3.62 4.98
CA GLY A 95 -7.18 -2.31 4.61
C GLY A 95 -6.25 -1.81 5.72
N GLY A 96 -6.33 -2.40 6.87
CA GLY A 96 -5.45 -1.95 7.98
C GLY A 96 -3.99 -2.26 7.65
N ASP A 97 -3.46 -3.31 8.20
CA ASP A 97 -2.05 -3.65 7.90
C ASP A 97 -1.85 -5.16 7.76
N LEU A 98 -0.63 -5.57 7.52
CA LEU A 98 -0.35 -7.02 7.38
C LEU A 98 -0.17 -7.62 8.76
N GLY A 99 0.84 -7.17 9.46
CA GLY A 99 1.12 -7.67 10.83
C GLY A 99 2.62 -7.89 10.94
N SER A 100 3.09 -9.04 10.55
CA SER A 100 4.56 -9.30 10.63
C SER A 100 4.98 -10.32 9.57
N PHE A 101 5.96 -10.00 8.78
CA PHE A 101 6.43 -10.95 7.73
C PHE A 101 7.85 -10.58 7.30
N GLY A 102 8.13 -10.54 6.03
CA GLY A 102 9.51 -10.18 5.59
C GLY A 102 10.00 -11.20 4.57
N ARG A 103 10.35 -12.38 5.02
CA ARG A 103 10.83 -13.43 4.07
C ARG A 103 9.78 -14.52 3.93
N GLY A 104 8.95 -14.42 2.93
CA GLY A 104 7.88 -15.44 2.72
C GLY A 104 6.67 -14.75 2.11
N GLN A 105 6.47 -13.51 2.43
CA GLN A 105 5.31 -12.75 1.88
C GLN A 105 5.82 -11.56 1.08
N MET A 106 4.94 -10.74 0.59
CA MET A 106 5.40 -9.55 -0.18
C MET A 106 6.52 -9.96 -1.15
N GLN A 107 7.34 -9.02 -1.56
CA GLN A 107 8.46 -9.37 -2.49
C GLN A 107 9.69 -8.52 -2.17
N LYS A 108 10.56 -8.33 -3.12
CA LYS A 108 11.79 -7.52 -2.87
C LYS A 108 11.49 -6.02 -2.78
N PRO A 109 10.51 -5.54 -3.52
CA PRO A 109 10.19 -4.10 -3.50
C PRO A 109 9.48 -3.69 -2.21
N PHE A 110 8.38 -4.33 -1.87
CA PHE A 110 7.67 -3.96 -0.61
C PHE A 110 8.59 -4.21 0.59
N GLU A 111 9.07 -5.41 0.74
CA GLU A 111 9.96 -5.70 1.90
C GLU A 111 10.96 -4.57 2.08
N GLU A 112 11.86 -4.41 1.15
CA GLU A 112 12.85 -3.31 1.28
C GLU A 112 12.11 -2.02 1.67
N ALA A 113 10.86 -1.91 1.28
CA ALA A 113 10.06 -0.71 1.64
C ALA A 113 9.74 -0.74 3.12
N THR A 114 9.20 -1.84 3.56
CA THR A 114 8.84 -1.98 4.99
C THR A 114 10.11 -2.02 5.83
N TYR A 115 11.15 -2.62 5.30
CA TYR A 115 12.43 -2.69 6.05
C TYR A 115 13.12 -1.32 6.04
N ALA A 116 12.83 -0.51 5.06
CA ALA A 116 13.45 0.84 4.99
C ALA A 116 12.77 1.81 5.95
N LEU A 117 11.47 1.71 6.09
CA LEU A 117 10.75 2.64 7.02
C LEU A 117 10.89 2.13 8.46
N LYS A 118 10.48 2.92 9.41
CA LYS A 118 10.59 2.49 10.83
C LYS A 118 9.81 3.44 11.75
N VAL A 119 8.52 3.54 11.56
CA VAL A 119 7.71 4.45 12.42
C VAL A 119 8.28 5.86 12.37
N GLY A 120 8.97 6.19 11.32
CA GLY A 120 9.56 7.56 11.21
C GLY A 120 9.05 8.25 9.93
N ASP A 121 8.71 7.48 8.93
CA ASP A 121 8.21 8.09 7.67
C ASP A 121 6.88 7.47 7.26
N ILE A 122 6.43 7.72 6.06
CA ILE A 122 5.13 7.14 5.63
C ILE A 122 5.29 6.42 4.28
N SER A 123 6.38 5.72 4.10
CA SER A 123 6.59 4.98 2.81
C SER A 123 6.18 5.86 1.61
N ASP A 124 7.12 6.52 1.01
CA ASP A 124 6.78 7.38 -0.16
C ASP A 124 5.89 6.62 -1.15
N ILE A 125 6.39 5.57 -1.73
CA ILE A 125 5.57 4.78 -2.68
C ILE A 125 5.81 3.28 -2.46
N VAL A 126 4.93 2.45 -2.92
CA VAL A 126 5.10 0.98 -2.72
C VAL A 126 4.80 0.24 -4.04
N ASP A 127 5.35 0.70 -5.13
CA ASP A 127 5.10 0.04 -6.45
C ASP A 127 5.58 -1.40 -6.45
N THR A 128 4.69 -2.34 -6.28
CA THR A 128 5.08 -3.78 -6.27
C THR A 128 3.97 -4.60 -6.93
N ASP A 129 3.88 -5.86 -6.63
CA ASP A 129 2.80 -6.69 -7.23
C ASP A 129 1.47 -5.93 -7.16
N SER A 130 0.52 -6.29 -7.98
CA SER A 130 -0.79 -5.58 -7.95
C SER A 130 -0.65 -4.16 -8.51
N GLY A 131 0.21 -3.38 -7.92
CA GLY A 131 0.39 -1.98 -8.42
C GLY A 131 1.15 -1.17 -7.38
N VAL A 132 0.82 0.09 -7.22
CA VAL A 132 1.52 0.92 -6.22
C VAL A 132 0.74 0.98 -4.93
N HIS A 133 1.36 0.62 -3.83
CA HIS A 133 0.64 0.63 -2.54
C HIS A 133 1.19 1.72 -1.61
N ILE A 134 0.69 1.79 -0.41
CA ILE A 134 1.18 2.81 0.56
C ILE A 134 1.33 2.14 1.92
N ILE A 135 2.50 2.14 2.48
CA ILE A 135 2.71 1.46 3.80
C ILE A 135 2.49 2.42 4.97
N LYS A 136 2.21 1.87 6.12
CA LYS A 136 1.99 2.70 7.34
C LYS A 136 2.30 1.86 8.59
N ARG A 137 3.29 2.25 9.34
CA ARG A 137 3.66 1.45 10.56
C ARG A 137 3.03 2.09 11.81
N THR A 138 3.72 2.02 12.92
CA THR A 138 3.19 2.60 14.18
C THR A 138 3.59 4.07 14.30
N ALA A 139 3.72 4.76 13.21
CA ALA A 139 4.11 6.20 13.27
C ALA A 139 2.86 7.08 13.34
N HIS A 20 17.32 -14.23 21.02
CA HIS A 20 16.25 -15.27 21.11
C HIS A 20 15.82 -15.68 19.70
N MET A 21 14.82 -16.53 19.59
CA MET A 21 14.35 -16.97 18.25
C MET A 21 12.94 -16.44 17.98
N ALA A 22 12.18 -16.19 19.01
CA ALA A 22 10.80 -15.66 18.82
C ALA A 22 10.83 -14.16 18.60
N SER A 23 10.28 -13.69 17.51
CA SER A 23 10.29 -12.21 17.25
C SER A 23 11.72 -11.71 17.10
N ARG A 24 12.14 -11.43 15.90
CA ARG A 24 13.53 -10.93 15.68
C ARG A 24 13.59 -10.02 14.45
N ASP A 25 14.42 -10.34 13.48
CA ASP A 25 14.51 -9.49 12.27
C ASP A 25 13.11 -9.23 11.69
N GLN A 26 12.15 -10.04 12.04
CA GLN A 26 10.76 -9.84 11.51
C GLN A 26 10.45 -8.35 11.39
N VAL A 27 9.57 -7.99 10.50
CA VAL A 27 9.23 -6.56 10.30
C VAL A 27 7.71 -6.34 10.36
N LYS A 28 7.21 -5.81 11.44
CA LYS A 28 5.75 -5.55 11.53
C LYS A 28 5.43 -4.29 10.71
N ALA A 29 4.20 -4.07 10.35
CA ALA A 29 3.89 -2.83 9.57
C ALA A 29 2.45 -2.83 9.02
N SER A 30 2.04 -1.70 8.50
CA SER A 30 0.68 -1.58 7.92
C SER A 30 0.79 -0.94 6.54
N HIS A 31 -0.30 -0.76 5.83
CA HIS A 31 -0.15 -0.12 4.47
C HIS A 31 -1.51 0.08 3.78
N ILE A 32 -1.48 0.75 2.65
CA ILE A 32 -2.73 1.00 1.88
C ILE A 32 -2.46 0.77 0.38
N LEU A 33 -3.48 0.84 -0.43
CA LEU A 33 -3.30 0.62 -1.89
C LEU A 33 -4.11 1.66 -2.67
N ILE A 34 -3.75 1.94 -3.89
CA ILE A 34 -4.53 2.95 -4.67
C ILE A 34 -5.05 2.33 -5.98
N LYS A 35 -4.65 1.13 -6.27
CA LYS A 35 -5.12 0.47 -7.54
C LYS A 35 -4.48 1.17 -8.75
N HIS A 36 -4.21 0.42 -9.80
CA HIS A 36 -3.59 1.04 -11.00
C HIS A 36 -3.55 0.03 -12.15
N GLN A 37 -2.61 0.17 -13.05
CA GLN A 37 -2.52 -0.79 -14.19
C GLN A 37 -2.02 -2.15 -13.69
N GLY A 38 -1.09 -2.16 -12.78
CA GLY A 38 -0.58 -3.45 -12.26
C GLY A 38 -0.24 -4.36 -13.44
N SER A 39 -0.65 -5.60 -13.37
CA SER A 39 -0.35 -6.54 -14.50
C SER A 39 -1.63 -7.27 -14.91
N ARG A 40 -2.77 -6.69 -14.65
CA ARG A 40 -4.05 -7.37 -15.02
C ARG A 40 -4.82 -6.50 -16.02
N ARG A 41 -6.02 -6.91 -16.37
CA ARG A 41 -6.83 -6.12 -17.34
C ARG A 41 -7.85 -5.25 -16.61
N LYS A 42 -7.85 -5.28 -15.30
CA LYS A 42 -8.83 -4.45 -14.54
C LYS A 42 -8.60 -4.61 -13.03
N ALA A 43 -9.50 -4.12 -12.23
CA ALA A 43 -9.33 -4.24 -10.75
C ALA A 43 -10.22 -5.36 -10.20
N SER A 44 -10.40 -6.40 -10.96
CA SER A 44 -11.26 -7.52 -10.47
C SER A 44 -12.55 -6.98 -9.85
N TRP A 45 -12.99 -5.84 -10.29
CA TRP A 45 -14.25 -5.26 -9.72
C TRP A 45 -15.30 -5.10 -10.81
N LYS A 46 -16.35 -5.89 -10.75
CA LYS A 46 -17.41 -5.80 -11.80
C LYS A 46 -18.41 -4.70 -11.45
N ASP A 47 -18.35 -4.18 -10.25
CA ASP A 47 -19.31 -3.10 -9.86
C ASP A 47 -19.35 -2.02 -10.94
N PRO A 48 -18.23 -1.41 -11.18
CA PRO A 48 -18.13 -0.34 -12.21
C PRO A 48 -18.22 -0.93 -13.62
N GLU A 49 -19.38 -1.34 -14.04
CA GLU A 49 -19.52 -1.91 -15.40
C GLU A 49 -19.37 -0.81 -16.45
N GLY A 50 -18.60 -1.05 -17.47
CA GLY A 50 -18.40 0.00 -18.52
C GLY A 50 -17.25 -0.40 -19.44
N LYS A 51 -16.07 -0.55 -18.91
CA LYS A 51 -14.91 -0.92 -19.75
C LYS A 51 -14.77 0.06 -20.91
N ILE A 52 -14.19 1.21 -20.67
CA ILE A 52 -14.03 2.21 -21.75
C ILE A 52 -12.97 3.25 -21.37
N ILE A 53 -13.00 3.71 -20.15
CA ILE A 53 -12.00 4.73 -19.71
C ILE A 53 -10.82 4.04 -19.01
N LEU A 54 -9.62 4.47 -19.29
CA LEU A 54 -8.43 3.86 -18.63
C LEU A 54 -8.37 4.28 -17.17
N THR A 55 -8.18 3.35 -16.27
CA THR A 55 -8.12 3.71 -14.82
C THR A 55 -6.76 4.33 -14.47
N THR A 56 -6.36 4.23 -13.23
CA THR A 56 -5.04 4.81 -12.82
C THR A 56 -3.88 4.01 -13.43
N THR A 57 -2.86 4.69 -13.87
CA THR A 57 -1.70 3.98 -14.48
C THR A 57 -0.47 4.06 -13.57
N ARG A 58 0.59 3.40 -13.94
CA ARG A 58 1.83 3.44 -13.10
C ARG A 58 2.13 4.87 -12.65
N GLU A 59 2.74 5.65 -13.50
CA GLU A 59 3.07 7.05 -13.11
C GLU A 59 1.87 7.67 -12.39
N ALA A 60 0.77 7.81 -13.06
CA ALA A 60 -0.43 8.39 -12.41
C ALA A 60 -0.59 7.84 -11.00
N ALA A 61 -0.35 6.56 -10.82
CA ALA A 61 -0.47 5.97 -9.45
C ALA A 61 0.52 6.65 -8.52
N VAL A 62 1.78 6.65 -8.86
CA VAL A 62 2.77 7.31 -7.99
C VAL A 62 2.39 8.78 -7.81
N GLU A 63 1.72 9.33 -8.78
CA GLU A 63 1.28 10.75 -8.66
C GLU A 63 0.07 10.82 -7.74
N GLN A 64 -0.87 9.95 -7.93
CA GLN A 64 -2.08 9.93 -7.06
C GLN A 64 -1.65 9.60 -5.64
N LEU A 65 -0.71 8.70 -5.49
CA LEU A 65 -0.22 8.33 -4.15
C LEU A 65 0.65 9.46 -3.60
N LYS A 66 1.39 10.10 -4.46
CA LYS A 66 2.25 11.23 -4.00
C LYS A 66 1.41 12.19 -3.16
N SER A 67 0.20 12.44 -3.59
CA SER A 67 -0.69 13.35 -2.82
C SER A 67 -1.12 12.66 -1.53
N ILE A 68 -1.35 11.37 -1.59
CA ILE A 68 -1.75 10.63 -0.36
C ILE A 68 -0.60 10.69 0.64
N ARG A 69 0.57 10.29 0.24
CA ARG A 69 1.74 10.36 1.15
C ARG A 69 1.91 11.80 1.61
N GLU A 70 1.62 12.73 0.74
CA GLU A 70 1.72 14.17 1.07
C GLU A 70 0.62 14.51 2.07
N ASP A 71 -0.59 14.31 1.68
CA ASP A 71 -1.72 14.60 2.60
C ASP A 71 -1.47 13.85 3.91
N ILE A 72 -1.10 12.60 3.82
CA ILE A 72 -0.80 11.84 5.06
C ILE A 72 0.42 12.48 5.71
N VAL A 73 1.26 13.09 4.92
CA VAL A 73 2.47 13.77 5.47
C VAL A 73 2.01 14.95 6.33
N SER A 74 1.33 15.90 5.75
CA SER A 74 0.84 17.06 6.56
C SER A 74 -0.61 16.84 6.96
N GLY A 75 -0.94 17.13 8.18
CA GLY A 75 -2.34 16.95 8.64
C GLY A 75 -2.52 15.50 9.10
N LYS A 76 -2.72 15.31 10.37
CA LYS A 76 -2.91 13.93 10.91
C LYS A 76 -4.23 13.35 10.40
N ALA A 77 -4.41 13.33 9.10
CA ALA A 77 -5.67 12.78 8.52
C ALA A 77 -5.92 11.35 9.02
N ASN A 78 -6.85 10.66 8.39
CA ASN A 78 -7.15 9.26 8.82
C ASN A 78 -6.31 8.26 8.02
N PHE A 79 -6.73 7.03 7.95
CA PHE A 79 -5.94 6.00 7.19
C PHE A 79 -6.64 4.64 7.19
N GLU A 80 -7.45 4.37 8.18
CA GLU A 80 -8.15 3.05 8.22
C GLU A 80 -9.25 2.99 7.16
N GLU A 81 -10.42 3.52 7.45
CA GLU A 81 -11.53 3.50 6.46
C GLU A 81 -10.99 3.80 5.06
N VAL A 82 -10.14 4.79 4.93
CA VAL A 82 -9.58 5.11 3.60
C VAL A 82 -8.83 3.89 3.04
N ALA A 83 -8.09 3.22 3.89
CA ALA A 83 -7.33 2.02 3.44
C ALA A 83 -8.29 0.93 2.96
N THR A 84 -9.52 0.99 3.38
CA THR A 84 -10.50 -0.06 2.96
C THR A 84 -11.20 0.34 1.66
N ARG A 85 -11.54 1.60 1.51
CA ARG A 85 -12.24 2.03 0.26
C ARG A 85 -11.25 2.59 -0.77
N VAL A 86 -10.09 3.01 -0.33
CA VAL A 86 -9.11 3.58 -1.30
C VAL A 86 -8.13 2.49 -1.79
N SER A 87 -8.27 1.28 -1.32
CA SER A 87 -7.37 0.20 -1.77
C SER A 87 -7.96 -0.50 -3.00
N ASP A 88 -7.13 -0.97 -3.90
CA ASP A 88 -7.67 -1.65 -5.11
C ASP A 88 -8.80 -2.59 -4.70
N CYS A 89 -8.51 -3.46 -3.78
CA CYS A 89 -9.55 -4.42 -3.30
C CYS A 89 -8.97 -5.32 -2.20
N SER A 90 -8.07 -6.19 -2.56
CA SER A 90 -7.47 -7.08 -1.53
C SER A 90 -7.09 -6.23 -0.32
N SER A 91 -6.26 -5.26 -0.53
CA SER A 91 -5.87 -4.37 0.60
C SER A 91 -7.14 -3.87 1.29
N ALA A 92 -8.19 -3.65 0.55
CA ALA A 92 -9.45 -3.19 1.20
C ALA A 92 -9.74 -4.14 2.36
N LYS A 93 -9.50 -5.41 2.15
CA LYS A 93 -9.71 -6.40 3.24
C LYS A 93 -8.60 -6.20 4.28
N ARG A 94 -7.47 -5.72 3.83
CA ARG A 94 -6.32 -5.47 4.75
C ARG A 94 -6.05 -3.96 4.80
N GLY A 95 -7.08 -3.16 4.87
CA GLY A 95 -6.90 -1.69 4.91
C GLY A 95 -6.21 -1.31 6.21
N GLY A 96 -6.15 -2.20 7.15
CA GLY A 96 -5.49 -1.89 8.44
C GLY A 96 -3.98 -2.07 8.30
N ASP A 97 -3.45 -3.10 8.89
CA ASP A 97 -1.98 -3.32 8.78
C ASP A 97 -1.66 -4.80 8.59
N LEU A 98 -0.42 -5.10 8.30
CA LEU A 98 -0.02 -6.52 8.11
C LEU A 98 0.11 -7.17 9.49
N GLY A 99 0.99 -6.65 10.29
CA GLY A 99 1.22 -7.21 11.64
C GLY A 99 2.69 -7.50 11.79
N SER A 100 3.11 -8.64 11.33
CA SER A 100 4.56 -8.99 11.44
C SER A 100 4.96 -10.00 10.37
N PHE A 101 6.10 -9.81 9.78
CA PHE A 101 6.58 -10.76 8.73
C PHE A 101 8.02 -10.43 8.35
N GLY A 102 8.43 -10.72 7.16
CA GLY A 102 9.83 -10.39 6.77
C GLY A 102 10.43 -11.56 5.99
N ARG A 103 10.68 -12.66 6.64
CA ARG A 103 11.28 -13.83 5.95
C ARG A 103 10.17 -14.75 5.42
N GLY A 104 9.35 -14.26 4.52
CA GLY A 104 8.26 -15.11 3.98
C GLY A 104 7.27 -14.24 3.19
N GLN A 105 7.16 -13.00 3.55
CA GLN A 105 6.21 -12.10 2.82
C GLN A 105 6.93 -10.86 2.33
N MET A 106 6.30 -10.07 1.50
CA MET A 106 6.95 -8.83 1.01
C MET A 106 8.35 -9.15 0.46
N GLN A 107 8.47 -9.24 -0.83
CA GLN A 107 9.80 -9.57 -1.43
C GLN A 107 10.80 -8.42 -1.21
N LYS A 108 11.52 -8.05 -2.24
CA LYS A 108 12.54 -6.96 -2.09
C LYS A 108 11.93 -5.54 -2.09
N PRO A 109 10.80 -5.35 -2.75
CA PRO A 109 10.22 -3.99 -2.80
C PRO A 109 9.62 -3.58 -1.45
N PHE A 110 8.38 -3.90 -1.19
CA PHE A 110 7.77 -3.49 0.11
C PHE A 110 8.75 -3.71 1.26
N GLU A 111 9.21 -4.91 1.42
CA GLU A 111 10.15 -5.21 2.54
C GLU A 111 11.15 -4.06 2.75
N GLU A 112 11.97 -3.81 1.77
CA GLU A 112 12.95 -2.70 1.92
C GLU A 112 12.24 -1.42 2.35
N ALA A 113 10.95 -1.35 2.13
CA ALA A 113 10.19 -0.13 2.52
C ALA A 113 10.00 -0.11 4.04
N THR A 114 9.42 -1.15 4.57
CA THR A 114 9.21 -1.20 6.05
C THR A 114 10.56 -1.36 6.74
N TYR A 115 11.50 -1.99 6.08
CA TYR A 115 12.84 -2.17 6.67
C TYR A 115 13.61 -0.86 6.60
N ALA A 116 13.28 -0.02 5.65
CA ALA A 116 13.97 1.29 5.52
C ALA A 116 13.34 2.33 6.44
N LEU A 117 12.04 2.36 6.51
CA LEU A 117 11.35 3.34 7.39
C LEU A 117 11.30 2.81 8.84
N LYS A 118 11.83 3.57 9.78
CA LYS A 118 11.82 3.11 11.19
C LYS A 118 11.12 4.15 12.08
N VAL A 119 9.83 4.29 11.95
CA VAL A 119 9.10 5.28 12.78
C VAL A 119 9.77 6.66 12.68
N GLY A 120 10.53 6.86 11.64
CA GLY A 120 11.20 8.18 11.46
C GLY A 120 10.54 8.92 10.30
N ASP A 121 9.70 8.24 9.55
CA ASP A 121 9.00 8.89 8.41
C ASP A 121 7.66 8.20 8.18
N ILE A 122 7.06 8.40 7.04
CA ILE A 122 5.74 7.75 6.76
C ILE A 122 5.94 6.55 5.83
N SER A 123 6.12 6.80 4.56
CA SER A 123 6.32 5.68 3.59
C SER A 123 6.14 6.19 2.15
N ASP A 124 7.21 6.45 1.45
CA ASP A 124 7.08 6.94 0.06
C ASP A 124 6.19 6.00 -0.76
N ILE A 125 6.02 6.27 -2.03
CA ILE A 125 5.17 5.39 -2.87
C ILE A 125 5.71 3.96 -2.86
N VAL A 126 4.86 3.00 -2.64
CA VAL A 126 5.31 1.58 -2.62
C VAL A 126 4.73 0.83 -3.82
N ASP A 127 5.36 0.95 -4.96
CA ASP A 127 4.84 0.25 -6.17
C ASP A 127 5.32 -1.21 -6.21
N THR A 128 4.51 -2.13 -5.77
CA THR A 128 4.89 -3.56 -5.78
C THR A 128 3.70 -4.42 -5.34
N ASP A 129 3.92 -5.67 -5.08
CA ASP A 129 2.80 -6.56 -4.64
C ASP A 129 1.52 -6.25 -5.45
N SER A 130 0.56 -5.58 -4.87
CA SER A 130 -0.69 -5.27 -5.62
C SER A 130 -0.50 -4.05 -6.52
N GLY A 131 0.39 -3.18 -6.17
CA GLY A 131 0.62 -1.96 -7.00
C GLY A 131 1.32 -0.90 -6.13
N VAL A 132 0.82 0.30 -6.13
CA VAL A 132 1.47 1.35 -5.30
C VAL A 132 0.77 1.44 -3.94
N HIS A 133 1.51 1.32 -2.87
CA HIS A 133 0.90 1.39 -1.51
C HIS A 133 1.62 2.41 -0.64
N ILE A 134 1.26 2.45 0.62
CA ILE A 134 1.91 3.40 1.57
C ILE A 134 1.96 2.74 2.94
N ILE A 135 3.11 2.29 3.37
CA ILE A 135 3.22 1.60 4.68
C ILE A 135 3.12 2.58 5.85
N LYS A 136 3.01 2.07 7.04
CA LYS A 136 2.91 2.94 8.24
C LYS A 136 3.14 2.10 9.51
N ARG A 137 4.18 2.39 10.26
CA ARG A 137 4.44 1.60 11.50
C ARG A 137 3.99 2.39 12.73
N THR A 138 4.83 3.26 13.23
CA THR A 138 4.45 4.06 14.42
C THR A 138 4.55 5.55 14.11
N ALA A 139 5.76 6.06 14.06
CA ALA A 139 5.95 7.51 13.74
C ALA A 139 4.85 8.35 14.41
N HIS A 20 15.15 -20.64 23.07
CA HIS A 20 16.17 -20.04 23.98
C HIS A 20 16.38 -18.56 23.64
N MET A 21 17.54 -18.04 23.93
CA MET A 21 17.80 -16.60 23.63
C MET A 21 18.21 -16.44 22.17
N ALA A 22 17.62 -15.51 21.47
CA ALA A 22 17.97 -15.30 20.04
C ALA A 22 17.14 -14.16 19.45
N SER A 23 15.86 -14.14 19.74
CA SER A 23 15.00 -13.06 19.20
C SER A 23 15.04 -13.06 17.66
N ARG A 24 14.13 -12.37 17.03
CA ARG A 24 14.13 -12.34 15.54
C ARG A 24 13.92 -10.91 15.04
N ASP A 25 13.31 -10.74 13.90
CA ASP A 25 13.08 -9.37 13.37
C ASP A 25 11.71 -9.29 12.71
N GLN A 26 11.55 -9.93 11.58
CA GLN A 26 10.23 -9.87 10.88
C GLN A 26 9.82 -8.42 10.66
N VAL A 27 8.84 -8.16 9.86
CA VAL A 27 8.42 -6.75 9.61
C VAL A 27 6.90 -6.63 9.54
N LYS A 28 6.28 -6.18 10.62
CA LYS A 28 4.80 -6.02 10.60
C LYS A 28 4.45 -4.70 9.93
N ALA A 29 3.20 -4.46 9.61
CA ALA A 29 2.87 -3.16 8.95
C ALA A 29 1.44 -3.13 8.44
N SER A 30 1.02 -1.98 7.97
CA SER A 30 -0.34 -1.82 7.40
C SER A 30 -0.17 -1.13 6.04
N HIS A 31 -1.22 -0.89 5.30
CA HIS A 31 -0.97 -0.23 3.98
C HIS A 31 -2.26 0.16 3.25
N ILE A 32 -2.11 0.70 2.07
CA ILE A 32 -3.29 1.11 1.24
C ILE A 32 -2.91 1.02 -0.24
N LEU A 33 -3.85 1.23 -1.14
CA LEU A 33 -3.50 1.14 -2.59
C LEU A 33 -4.32 2.14 -3.41
N ILE A 34 -3.71 2.74 -4.38
CA ILE A 34 -4.44 3.71 -5.25
C ILE A 34 -4.75 3.05 -6.61
N LYS A 35 -5.54 3.69 -7.43
CA LYS A 35 -5.87 3.10 -8.75
C LYS A 35 -4.96 3.69 -9.83
N HIS A 36 -4.44 2.86 -10.70
CA HIS A 36 -3.55 3.37 -11.79
C HIS A 36 -3.25 2.25 -12.78
N GLN A 37 -2.25 2.41 -13.60
CA GLN A 37 -1.92 1.35 -14.59
C GLN A 37 -1.61 0.03 -13.87
N GLY A 38 -0.38 -0.19 -13.50
CA GLY A 38 -0.03 -1.47 -12.81
C GLY A 38 -0.22 -2.63 -13.77
N SER A 39 0.83 -3.07 -14.41
CA SER A 39 0.70 -4.20 -15.37
C SER A 39 -0.50 -3.96 -16.29
N ARG A 40 -1.01 -4.99 -16.91
CA ARG A 40 -2.18 -4.81 -17.81
C ARG A 40 -3.47 -5.18 -17.08
N ARG A 41 -3.41 -5.27 -15.78
CA ARG A 41 -4.64 -5.61 -14.99
C ARG A 41 -4.80 -4.63 -13.82
N LYS A 42 -5.87 -4.72 -13.09
CA LYS A 42 -6.07 -3.78 -11.95
C LYS A 42 -6.82 -4.47 -10.80
N ALA A 43 -8.08 -4.75 -10.97
CA ALA A 43 -8.85 -5.42 -9.87
C ALA A 43 -9.95 -6.30 -10.45
N SER A 44 -10.45 -7.23 -9.69
CA SER A 44 -11.53 -8.12 -10.19
C SER A 44 -12.78 -8.01 -9.30
N TRP A 45 -13.78 -7.33 -9.75
CA TRP A 45 -15.02 -7.19 -8.93
C TRP A 45 -16.24 -7.62 -9.74
N LYS A 46 -17.28 -8.05 -9.09
CA LYS A 46 -18.50 -8.49 -9.83
C LYS A 46 -19.49 -7.33 -9.96
N ASP A 47 -19.36 -6.53 -10.97
CA ASP A 47 -20.30 -5.38 -11.15
C ASP A 47 -19.80 -4.46 -12.27
N PRO A 48 -18.59 -4.01 -12.12
CA PRO A 48 -17.98 -3.10 -13.13
C PRO A 48 -17.59 -3.88 -14.39
N GLU A 49 -18.54 -4.52 -15.03
CA GLU A 49 -18.21 -5.29 -16.26
C GLU A 49 -18.10 -4.34 -17.46
N GLY A 50 -18.04 -4.88 -18.65
CA GLY A 50 -17.93 -4.01 -19.85
C GLY A 50 -16.47 -3.59 -20.05
N LYS A 51 -15.81 -4.18 -21.01
CA LYS A 51 -14.37 -3.84 -21.25
C LYS A 51 -13.60 -3.78 -19.94
N ILE A 52 -12.35 -3.41 -19.97
CA ILE A 52 -11.55 -3.35 -18.71
C ILE A 52 -11.86 -2.06 -17.95
N ILE A 53 -11.25 -1.87 -16.81
CA ILE A 53 -11.50 -0.64 -16.00
C ILE A 53 -10.42 0.40 -16.29
N LEU A 54 -10.82 1.60 -16.63
CA LEU A 54 -9.82 2.67 -16.91
C LEU A 54 -8.78 2.70 -15.78
N THR A 55 -7.65 3.31 -16.01
CA THR A 55 -6.62 3.37 -14.94
C THR A 55 -5.77 4.64 -15.06
N THR A 56 -5.38 5.19 -13.96
CA THR A 56 -4.55 6.43 -13.99
C THR A 56 -3.20 6.11 -14.67
N THR A 57 -2.26 5.57 -13.94
CA THR A 57 -0.94 5.20 -14.53
C THR A 57 0.12 5.05 -13.42
N ARG A 58 1.22 4.42 -13.73
CA ARG A 58 2.29 4.23 -12.71
C ARG A 58 2.94 5.58 -12.36
N GLU A 59 3.25 6.38 -13.34
CA GLU A 59 3.85 7.70 -13.05
C GLU A 59 2.82 8.56 -12.33
N ALA A 60 1.64 8.64 -12.88
CA ALA A 60 0.55 9.43 -12.24
C ALA A 60 0.35 8.97 -10.80
N ALA A 61 0.06 7.70 -10.61
CA ALA A 61 -0.15 7.18 -9.23
C ALA A 61 0.89 7.78 -8.28
N VAL A 62 2.13 7.47 -8.48
CA VAL A 62 3.19 8.04 -7.59
C VAL A 62 2.92 9.52 -7.37
N GLU A 63 2.44 10.21 -8.37
CA GLU A 63 2.14 11.65 -8.20
C GLU A 63 0.96 11.81 -7.25
N GLN A 64 -0.09 11.05 -7.46
CA GLN A 64 -1.27 11.13 -6.56
C GLN A 64 -0.91 10.58 -5.19
N LEU A 65 -0.16 9.51 -5.16
CA LEU A 65 0.25 8.93 -3.85
C LEU A 65 1.31 9.83 -3.21
N LYS A 66 2.23 10.32 -4.00
CA LYS A 66 3.30 11.21 -3.46
C LYS A 66 2.67 12.23 -2.51
N SER A 67 1.63 12.89 -2.95
CA SER A 67 0.95 13.89 -2.09
C SER A 67 0.23 13.19 -0.93
N ILE A 68 -0.20 11.97 -1.15
CA ILE A 68 -0.89 11.24 -0.05
C ILE A 68 -0.01 11.23 1.19
N ARG A 69 1.18 10.73 1.07
CA ARG A 69 2.10 10.72 2.25
C ARG A 69 2.18 12.13 2.82
N GLU A 70 2.39 13.09 1.97
CA GLU A 70 2.44 14.51 2.42
C GLU A 70 1.13 14.88 3.08
N ASP A 71 0.07 14.70 2.38
CA ASP A 71 -1.28 15.02 2.95
C ASP A 71 -1.46 14.24 4.25
N ILE A 72 -1.26 12.95 4.21
CA ILE A 72 -1.38 12.14 5.44
C ILE A 72 -0.35 12.61 6.46
N VAL A 73 0.71 13.20 5.98
CA VAL A 73 1.76 13.71 6.90
C VAL A 73 1.19 14.84 7.76
N SER A 74 0.47 15.75 7.15
CA SER A 74 -0.10 16.88 7.93
C SER A 74 -1.56 16.60 8.32
N GLY A 75 -2.14 17.49 9.08
CA GLY A 75 -3.56 17.33 9.51
C GLY A 75 -3.85 15.88 9.86
N LYS A 76 -2.93 15.25 10.57
CA LYS A 76 -3.09 13.82 11.00
C LYS A 76 -4.30 13.14 10.33
N ALA A 77 -4.31 13.13 9.03
CA ALA A 77 -5.45 12.51 8.29
C ALA A 77 -5.73 11.09 8.80
N ASN A 78 -6.77 10.47 8.31
CA ASN A 78 -7.10 9.08 8.77
C ASN A 78 -6.28 8.06 8.00
N PHE A 79 -6.81 6.88 7.79
CA PHE A 79 -6.06 5.83 7.04
C PHE A 79 -6.91 4.57 6.88
N GLU A 80 -7.54 4.12 7.92
CA GLU A 80 -8.37 2.89 7.84
C GLU A 80 -9.43 3.01 6.73
N GLU A 81 -10.60 3.51 7.05
CA GLU A 81 -11.67 3.65 6.01
C GLU A 81 -11.07 4.08 4.67
N VAL A 82 -10.03 4.86 4.70
CA VAL A 82 -9.40 5.30 3.42
C VAL A 82 -8.90 4.06 2.67
N ALA A 83 -8.32 3.14 3.38
CA ALA A 83 -7.80 1.90 2.74
C ALA A 83 -8.98 1.10 2.15
N THR A 84 -9.94 0.76 2.96
CA THR A 84 -11.11 -0.01 2.46
C THR A 84 -11.57 0.55 1.10
N ARG A 85 -11.46 1.84 0.91
CA ARG A 85 -11.89 2.44 -0.39
C ARG A 85 -10.73 2.42 -1.39
N VAL A 86 -9.62 2.99 -1.02
CA VAL A 86 -8.43 3.01 -1.93
C VAL A 86 -7.51 1.85 -1.58
N SER A 87 -7.95 0.64 -1.79
CA SER A 87 -7.11 -0.53 -1.43
C SER A 87 -7.01 -1.54 -2.58
N ASP A 88 -6.19 -2.54 -2.43
CA ASP A 88 -6.05 -3.58 -3.50
C ASP A 88 -7.29 -4.46 -3.53
N CYS A 89 -8.39 -3.90 -3.92
CA CYS A 89 -9.66 -4.69 -3.98
C CYS A 89 -9.81 -5.52 -2.70
N SER A 90 -9.30 -6.73 -2.71
CA SER A 90 -9.39 -7.57 -1.49
C SER A 90 -9.02 -6.70 -0.28
N SER A 91 -7.94 -5.99 -0.40
CA SER A 91 -7.53 -5.09 0.70
C SER A 91 -8.71 -4.21 1.09
N ALA A 92 -9.51 -3.80 0.15
CA ALA A 92 -10.69 -2.99 0.53
C ALA A 92 -11.41 -3.72 1.65
N LYS A 93 -11.39 -5.02 1.59
CA LYS A 93 -12.02 -5.84 2.68
C LYS A 93 -11.04 -5.85 3.85
N ARG A 94 -9.78 -5.80 3.56
CA ARG A 94 -8.72 -5.80 4.62
C ARG A 94 -7.89 -4.51 4.49
N GLY A 95 -8.55 -3.38 4.56
CA GLY A 95 -7.83 -2.08 4.42
C GLY A 95 -7.03 -1.78 5.68
N GLY A 96 -7.14 -2.61 6.66
CA GLY A 96 -6.39 -2.36 7.92
C GLY A 96 -4.89 -2.52 7.65
N ASP A 97 -4.32 -3.62 8.05
CA ASP A 97 -2.87 -3.81 7.83
C ASP A 97 -2.54 -5.28 7.55
N LEU A 98 -1.33 -5.53 7.17
CA LEU A 98 -0.91 -6.94 6.90
C LEU A 98 -0.76 -7.66 8.23
N GLY A 99 -0.10 -7.02 9.15
CA GLY A 99 0.13 -7.62 10.49
C GLY A 99 1.59 -7.97 10.61
N SER A 100 2.00 -9.03 9.97
CA SER A 100 3.44 -9.43 10.05
C SER A 100 3.83 -10.29 8.85
N PHE A 101 4.98 -10.02 8.30
CA PHE A 101 5.47 -10.81 7.14
C PHE A 101 7.00 -10.73 7.10
N GLY A 102 7.60 -10.87 5.95
CA GLY A 102 9.09 -10.80 5.90
C GLY A 102 9.62 -11.71 4.80
N ARG A 103 10.18 -11.14 3.77
CA ARG A 103 10.74 -11.97 2.66
C ARG A 103 9.64 -12.76 1.97
N GLY A 104 9.61 -12.77 0.66
CA GLY A 104 8.57 -13.54 -0.07
C GLY A 104 7.20 -12.87 0.09
N GLN A 105 6.73 -12.77 1.30
CA GLN A 105 5.41 -12.12 1.56
C GLN A 105 5.20 -10.92 0.64
N MET A 106 5.82 -9.84 1.00
CA MET A 106 5.67 -8.59 0.23
C MET A 106 6.85 -8.41 -0.73
N GLN A 107 7.23 -9.47 -1.41
CA GLN A 107 8.36 -9.39 -2.37
C GLN A 107 9.51 -8.52 -1.84
N LYS A 108 10.35 -8.03 -2.70
CA LYS A 108 11.50 -7.20 -2.26
C LYS A 108 11.16 -5.68 -2.18
N PRO A 109 10.24 -5.22 -3.01
CA PRO A 109 9.89 -3.78 -2.99
C PRO A 109 9.14 -3.42 -1.71
N PHE A 110 7.95 -3.92 -1.52
CA PHE A 110 7.20 -3.57 -0.28
C PHE A 110 8.09 -3.83 0.94
N GLU A 111 8.49 -5.05 1.13
CA GLU A 111 9.34 -5.36 2.32
C GLU A 111 10.40 -4.28 2.47
N GLU A 112 11.20 -4.11 1.46
CA GLU A 112 12.25 -3.05 1.52
C GLU A 112 11.61 -1.75 1.99
N ALA A 113 10.36 -1.56 1.71
CA ALA A 113 9.66 -0.31 2.15
C ALA A 113 9.56 -0.29 3.68
N THR A 114 8.89 -1.25 4.24
CA THR A 114 8.76 -1.28 5.73
C THR A 114 10.13 -1.55 6.34
N TYR A 115 10.98 -2.22 5.61
CA TYR A 115 12.34 -2.51 6.14
C TYR A 115 13.21 -1.25 6.02
N ALA A 116 12.87 -0.40 5.08
CA ALA A 116 13.67 0.84 4.89
C ALA A 116 13.15 1.96 5.80
N LEU A 117 11.85 2.09 5.90
CA LEU A 117 11.29 3.17 6.77
C LEU A 117 11.17 2.69 8.21
N LYS A 118 11.60 3.49 9.15
CA LYS A 118 11.50 3.08 10.58
C LYS A 118 10.44 3.93 11.28
N VAL A 119 9.18 3.72 10.93
CA VAL A 119 8.08 4.50 11.55
C VAL A 119 8.50 5.95 11.76
N GLY A 120 9.39 6.45 10.94
CA GLY A 120 9.83 7.87 11.07
C GLY A 120 9.15 8.71 9.98
N ASP A 121 8.58 8.07 9.00
CA ASP A 121 7.90 8.81 7.91
C ASP A 121 6.59 8.09 7.53
N ILE A 122 6.23 8.10 6.28
CA ILE A 122 4.97 7.42 5.87
C ILE A 122 5.21 6.57 4.61
N SER A 123 6.23 5.74 4.64
CA SER A 123 6.53 4.87 3.45
C SER A 123 6.29 5.64 2.15
N ASP A 124 7.32 6.22 1.59
CA ASP A 124 7.15 6.97 0.31
C ASP A 124 6.40 6.11 -0.71
N ILE A 125 6.12 6.66 -1.86
CA ILE A 125 5.39 5.90 -2.91
C ILE A 125 5.83 4.43 -2.94
N VAL A 126 4.90 3.53 -2.89
CA VAL A 126 5.25 2.07 -2.91
C VAL A 126 4.64 1.41 -4.14
N ASP A 127 5.06 1.78 -5.31
CA ASP A 127 4.50 1.18 -6.56
C ASP A 127 5.04 -0.23 -6.79
N THR A 128 4.34 -1.23 -6.31
CA THR A 128 4.81 -2.64 -6.50
C THR A 128 3.63 -3.61 -6.32
N ASP A 129 3.57 -4.29 -5.20
CA ASP A 129 2.43 -5.24 -4.98
C ASP A 129 1.12 -4.63 -5.48
N SER A 130 0.65 -5.07 -6.62
CA SER A 130 -0.63 -4.51 -7.19
C SER A 130 -0.38 -3.13 -7.81
N GLY A 131 0.35 -2.29 -7.13
CA GLY A 131 0.62 -0.93 -7.68
C GLY A 131 1.06 -0.01 -6.54
N VAL A 132 0.89 1.27 -6.70
CA VAL A 132 1.30 2.20 -5.62
C VAL A 132 0.67 1.81 -4.28
N HIS A 133 1.45 1.81 -3.23
CA HIS A 133 0.92 1.42 -1.90
C HIS A 133 1.50 2.32 -0.80
N ILE A 134 0.94 2.25 0.38
CA ILE A 134 1.47 3.07 1.51
C ILE A 134 1.68 2.12 2.69
N ILE A 135 2.48 2.48 3.66
CA ILE A 135 2.70 1.54 4.79
C ILE A 135 2.89 2.27 6.12
N LYS A 136 2.73 1.57 7.21
CA LYS A 136 2.92 2.18 8.55
C LYS A 136 3.39 1.10 9.53
N ARG A 137 4.18 1.46 10.51
CA ARG A 137 4.67 0.43 11.47
C ARG A 137 5.19 1.09 12.75
N THR A 138 5.32 0.33 13.81
CA THR A 138 5.82 0.90 15.09
C THR A 138 4.97 2.10 15.50
N ALA A 139 5.54 3.01 16.26
CA ALA A 139 4.77 4.20 16.72
C ALA A 139 3.69 3.80 17.72
N HIS A 20 17.94 -22.31 18.72
CA HIS A 20 18.26 -21.25 17.71
C HIS A 20 17.35 -21.39 16.49
N MET A 21 17.37 -20.42 15.61
CA MET A 21 16.51 -20.50 14.39
C MET A 21 15.04 -20.64 14.79
N ALA A 22 14.54 -19.73 15.57
CA ALA A 22 13.10 -19.82 15.97
C ALA A 22 12.31 -18.66 15.38
N SER A 23 12.52 -17.47 15.86
CA SER A 23 11.77 -16.30 15.33
C SER A 23 12.73 -15.14 15.05
N ARG A 24 12.22 -13.99 14.69
CA ARG A 24 13.11 -12.83 14.41
C ARG A 24 12.44 -11.53 14.87
N ASP A 25 13.06 -10.42 14.60
CA ASP A 25 12.46 -9.12 15.01
C ASP A 25 11.15 -8.90 14.25
N GLN A 26 10.95 -9.62 13.18
CA GLN A 26 9.70 -9.46 12.39
C GLN A 26 9.51 -8.01 11.98
N VAL A 27 8.47 -7.74 11.21
CA VAL A 27 8.23 -6.34 10.76
C VAL A 27 6.73 -6.10 10.57
N LYS A 28 6.14 -5.25 11.38
CA LYS A 28 4.68 -4.98 11.21
C LYS A 28 4.49 -3.77 10.30
N ALA A 29 3.29 -3.51 9.85
CA ALA A 29 3.12 -2.33 8.94
C ALA A 29 1.72 -2.24 8.35
N SER A 30 1.29 -1.05 8.04
CA SER A 30 -0.04 -0.86 7.40
C SER A 30 0.19 -0.38 5.97
N HIS A 31 -0.81 -0.33 5.14
CA HIS A 31 -0.52 0.13 3.74
C HIS A 31 -1.78 0.28 2.88
N ILE A 32 -1.64 0.95 1.77
CA ILE A 32 -2.78 1.13 0.81
C ILE A 32 -2.28 0.86 -0.60
N LEU A 33 -3.13 0.41 -1.48
CA LEU A 33 -2.66 0.12 -2.87
C LEU A 33 -3.26 1.12 -3.87
N ILE A 34 -2.44 1.62 -4.77
CA ILE A 34 -2.95 2.58 -5.78
C ILE A 34 -2.79 1.94 -7.19
N LYS A 35 -3.84 1.37 -7.71
CA LYS A 35 -3.74 0.73 -9.06
C LYS A 35 -3.13 1.68 -10.08
N HIS A 36 -2.89 1.20 -11.28
CA HIS A 36 -2.30 2.09 -12.33
C HIS A 36 -2.09 1.31 -13.65
N GLN A 37 -1.23 1.82 -14.51
CA GLN A 37 -0.97 1.13 -15.80
C GLN A 37 -0.25 -0.21 -15.57
N GLY A 38 0.16 -0.47 -14.37
CA GLY A 38 0.86 -1.75 -14.08
C GLY A 38 0.14 -2.89 -14.79
N SER A 39 -0.84 -3.47 -14.15
CA SER A 39 -1.60 -4.59 -14.79
C SER A 39 -2.82 -4.94 -13.94
N ARG A 40 -3.73 -4.02 -13.79
CA ARG A 40 -4.94 -4.30 -12.96
C ARG A 40 -6.08 -3.36 -13.38
N ARG A 41 -7.28 -3.87 -13.48
CA ARG A 41 -8.42 -3.01 -13.88
C ARG A 41 -9.01 -2.31 -12.64
N LYS A 42 -9.91 -1.39 -12.84
CA LYS A 42 -10.50 -0.68 -11.66
C LYS A 42 -11.90 -1.22 -11.38
N ALA A 43 -12.30 -1.21 -10.13
CA ALA A 43 -13.66 -1.73 -9.78
C ALA A 43 -13.72 -3.24 -9.98
N SER A 44 -13.96 -3.98 -8.94
CA SER A 44 -14.04 -5.47 -9.08
C SER A 44 -14.68 -6.08 -7.83
N TRP A 45 -15.66 -6.93 -8.01
CA TRP A 45 -16.32 -7.56 -6.83
C TRP A 45 -17.11 -8.79 -7.27
N LYS A 46 -16.44 -9.79 -7.78
CA LYS A 46 -17.14 -11.03 -8.23
C LYS A 46 -18.18 -10.69 -9.30
N ASP A 47 -19.30 -10.14 -8.92
CA ASP A 47 -20.34 -9.80 -9.94
C ASP A 47 -19.68 -9.15 -11.17
N PRO A 48 -19.10 -8.00 -10.98
CA PRO A 48 -18.43 -7.30 -12.11
C PRO A 48 -17.07 -7.95 -12.39
N GLU A 49 -16.65 -7.97 -13.63
CA GLU A 49 -15.34 -8.59 -13.96
C GLU A 49 -14.28 -7.49 -14.13
N GLY A 50 -14.27 -6.83 -15.24
CA GLY A 50 -13.26 -5.76 -15.48
C GLY A 50 -13.65 -4.94 -16.69
N LYS A 51 -12.98 -3.85 -16.93
CA LYS A 51 -13.31 -3.00 -18.12
C LYS A 51 -12.20 -2.01 -18.39
N ILE A 52 -12.38 -1.15 -19.36
CA ILE A 52 -11.33 -0.15 -19.69
C ILE A 52 -11.19 0.87 -18.55
N ILE A 53 -12.01 1.89 -18.55
CA ILE A 53 -11.92 2.91 -17.46
C ILE A 53 -10.47 3.40 -17.30
N LEU A 54 -10.17 4.56 -17.79
CA LEU A 54 -8.79 5.10 -17.65
C LEU A 54 -8.28 4.86 -16.22
N THR A 55 -7.04 4.47 -16.08
CA THR A 55 -6.49 4.21 -14.72
C THR A 55 -5.62 5.37 -14.25
N THR A 56 -4.84 5.18 -13.23
CA THR A 56 -3.96 6.28 -12.73
C THR A 56 -2.56 6.18 -13.37
N THR A 57 -2.44 5.37 -14.39
CA THR A 57 -1.13 5.22 -15.09
C THR A 57 0.02 4.97 -14.10
N ARG A 58 1.17 4.63 -14.61
CA ARG A 58 2.33 4.36 -13.71
C ARG A 58 3.03 5.66 -13.34
N GLU A 59 3.32 6.49 -14.32
CA GLU A 59 3.98 7.78 -14.01
C GLU A 59 2.99 8.61 -13.20
N ALA A 60 1.77 8.62 -13.63
CA ALA A 60 0.71 9.37 -12.90
C ALA A 60 0.46 8.70 -11.55
N ALA A 61 0.71 7.42 -11.46
CA ALA A 61 0.50 6.71 -10.19
C ALA A 61 1.44 7.26 -9.12
N VAL A 62 2.71 7.13 -9.33
CA VAL A 62 3.69 7.67 -8.33
C VAL A 62 3.30 9.11 -7.98
N GLU A 63 2.80 9.85 -8.93
CA GLU A 63 2.38 11.25 -8.63
C GLU A 63 1.31 11.21 -7.54
N GLN A 64 0.26 10.47 -7.76
CA GLN A 64 -0.81 10.36 -6.73
C GLN A 64 -0.15 9.98 -5.41
N LEU A 65 0.87 9.18 -5.49
CA LEU A 65 1.59 8.75 -4.25
C LEU A 65 2.36 9.94 -3.67
N LYS A 66 2.91 10.77 -4.52
CA LYS A 66 3.66 11.94 -4.03
C LYS A 66 2.75 12.76 -3.10
N SER A 67 1.69 13.29 -3.63
CA SER A 67 0.75 14.08 -2.79
C SER A 67 0.27 13.24 -1.63
N ILE A 68 0.17 11.95 -1.80
CA ILE A 68 -0.29 11.08 -0.68
C ILE A 68 0.53 11.40 0.57
N ARG A 69 1.81 11.18 0.55
CA ARG A 69 2.63 11.49 1.75
C ARG A 69 2.24 12.87 2.26
N GLU A 70 2.12 13.82 1.37
CA GLU A 70 1.71 15.20 1.78
C GLU A 70 0.29 15.13 2.35
N ASP A 71 -0.63 14.71 1.56
CA ASP A 71 -2.03 14.60 2.06
C ASP A 71 -1.99 13.87 3.40
N ILE A 72 -1.37 12.72 3.45
CA ILE A 72 -1.27 11.99 4.74
C ILE A 72 -0.58 12.90 5.75
N VAL A 73 0.23 13.80 5.25
CA VAL A 73 0.93 14.77 6.14
C VAL A 73 -0.04 15.88 6.53
N SER A 74 -0.45 16.69 5.58
CA SER A 74 -1.41 17.78 5.88
C SER A 74 -2.84 17.35 5.53
N GLY A 75 -3.80 17.72 6.31
CA GLY A 75 -5.20 17.33 6.01
C GLY A 75 -5.59 16.14 6.88
N LYS A 76 -6.52 16.33 7.77
CA LYS A 76 -6.95 15.21 8.65
C LYS A 76 -7.79 14.20 7.86
N ALA A 77 -7.29 13.75 6.74
CA ALA A 77 -8.04 12.78 5.90
C ALA A 77 -8.06 11.40 6.57
N ASN A 78 -7.25 11.22 7.57
CA ASN A 78 -7.17 9.92 8.29
C ASN A 78 -6.39 8.91 7.44
N PHE A 79 -6.91 7.70 7.29
CA PHE A 79 -6.18 6.70 6.47
C PHE A 79 -6.97 5.39 6.38
N GLU A 80 -7.75 5.08 7.38
CA GLU A 80 -8.54 3.81 7.36
C GLU A 80 -9.43 3.76 6.12
N GLU A 81 -10.61 4.31 6.19
CA GLU A 81 -11.52 4.28 5.01
C GLU A 81 -10.73 4.53 3.72
N VAL A 82 -9.73 5.35 3.77
CA VAL A 82 -8.92 5.60 2.55
C VAL A 82 -8.31 4.30 2.06
N ALA A 83 -7.90 3.45 2.98
CA ALA A 83 -7.32 2.14 2.58
C ALA A 83 -8.44 1.23 2.06
N THR A 84 -9.41 0.97 2.88
CA THR A 84 -10.53 0.10 2.42
C THR A 84 -10.97 0.52 1.02
N ARG A 85 -10.78 1.77 0.69
CA ARG A 85 -11.18 2.26 -0.67
C ARG A 85 -10.07 1.93 -1.67
N VAL A 86 -8.96 2.60 -1.56
CA VAL A 86 -7.82 2.33 -2.49
C VAL A 86 -6.87 1.32 -1.85
N SER A 87 -7.36 0.14 -1.57
CA SER A 87 -6.50 -0.89 -0.92
C SER A 87 -6.17 -2.03 -1.89
N ASP A 88 -5.44 -3.01 -1.42
CA ASP A 88 -5.07 -4.16 -2.29
C ASP A 88 -6.20 -5.19 -2.29
N CYS A 89 -7.34 -4.83 -2.82
CA CYS A 89 -8.49 -5.78 -2.85
C CYS A 89 -8.71 -6.39 -1.46
N SER A 90 -8.11 -7.53 -1.19
CA SER A 90 -8.28 -8.14 0.15
C SER A 90 -8.08 -7.05 1.19
N SER A 91 -7.07 -6.25 1.00
CA SER A 91 -6.81 -5.14 1.94
C SER A 91 -8.07 -4.28 2.04
N ALA A 92 -8.80 -4.13 0.97
CA ALA A 92 -10.06 -3.33 1.07
C ALA A 92 -10.84 -3.89 2.25
N LYS A 93 -10.69 -5.17 2.48
CA LYS A 93 -11.35 -5.82 3.65
C LYS A 93 -10.48 -5.55 4.89
N ARG A 94 -9.19 -5.47 4.67
CA ARG A 94 -8.23 -5.18 5.77
C ARG A 94 -7.43 -3.92 5.42
N GLY A 95 -8.10 -2.81 5.26
CA GLY A 95 -7.39 -1.56 4.87
C GLY A 95 -6.48 -1.10 6.00
N GLY A 96 -6.61 -1.70 7.15
CA GLY A 96 -5.75 -1.29 8.29
C GLY A 96 -4.29 -1.65 7.98
N ASP A 97 -3.82 -2.73 8.52
CA ASP A 97 -2.41 -3.12 8.28
C ASP A 97 -2.23 -4.63 8.35
N LEU A 98 -1.38 -5.18 7.52
CA LEU A 98 -1.14 -6.64 7.55
C LEU A 98 -0.97 -7.12 9.00
N GLY A 99 -0.51 -6.23 9.83
CA GLY A 99 -0.25 -6.56 11.25
C GLY A 99 1.24 -6.83 11.41
N SER A 100 1.66 -7.99 11.01
CA SER A 100 3.11 -8.34 11.14
C SER A 100 3.55 -9.36 10.08
N PHE A 101 4.83 -9.42 9.83
CA PHE A 101 5.36 -10.40 8.83
C PHE A 101 6.89 -10.37 8.83
N GLY A 102 7.52 -10.78 7.76
CA GLY A 102 9.01 -10.77 7.73
C GLY A 102 9.52 -11.98 6.93
N ARG A 103 10.00 -11.76 5.74
CA ARG A 103 10.51 -12.89 4.92
C ARG A 103 9.44 -13.96 4.75
N GLY A 104 8.72 -13.94 3.67
CA GLY A 104 7.67 -14.98 3.45
C GLY A 104 6.33 -14.29 3.13
N GLN A 105 6.12 -13.11 3.65
CA GLN A 105 4.85 -12.39 3.38
C GLN A 105 5.00 -11.47 2.18
N MET A 106 5.57 -10.33 2.40
CA MET A 106 5.76 -9.33 1.33
C MET A 106 7.03 -9.65 0.54
N GLN A 107 7.05 -9.30 -0.71
CA GLN A 107 8.26 -9.59 -1.54
C GLN A 107 9.52 -8.96 -0.94
N LYS A 108 10.51 -8.74 -1.76
CA LYS A 108 11.80 -8.15 -1.26
C LYS A 108 11.71 -6.63 -1.05
N PRO A 109 11.26 -5.92 -2.05
CA PRO A 109 11.18 -4.43 -1.96
C PRO A 109 10.24 -4.00 -0.83
N PHE A 110 9.04 -4.51 -0.76
CA PHE A 110 8.15 -4.08 0.34
C PHE A 110 8.87 -4.27 1.66
N GLU A 111 9.26 -5.47 1.96
CA GLU A 111 9.95 -5.73 3.25
C GLU A 111 10.99 -4.63 3.50
N GLU A 112 11.91 -4.47 2.61
CA GLU A 112 12.93 -3.40 2.77
C GLU A 112 12.23 -2.07 3.01
N ALA A 113 10.99 -1.97 2.61
CA ALA A 113 10.23 -0.70 2.82
C ALA A 113 9.83 -0.58 4.29
N THR A 114 9.14 -1.55 4.79
CA THR A 114 8.72 -1.51 6.22
C THR A 114 9.94 -1.63 7.11
N TYR A 115 10.96 -2.32 6.64
CA TYR A 115 12.19 -2.48 7.45
C TYR A 115 13.00 -1.19 7.39
N ALA A 116 12.81 -0.41 6.37
CA ALA A 116 13.57 0.87 6.24
C ALA A 116 12.81 2.00 6.94
N LEU A 117 11.51 1.93 6.99
CA LEU A 117 10.73 3.01 7.65
C LEU A 117 10.63 2.74 9.16
N LYS A 118 10.75 3.77 9.96
CA LYS A 118 10.66 3.57 11.44
C LYS A 118 9.34 4.18 11.96
N VAL A 119 9.30 5.47 12.14
CA VAL A 119 8.05 6.12 12.62
C VAL A 119 8.06 7.61 12.29
N GLY A 120 7.62 7.97 11.11
CA GLY A 120 7.60 9.41 10.72
C GLY A 120 7.94 9.54 9.24
N ASP A 121 7.47 8.62 8.44
CA ASP A 121 7.75 8.70 6.97
C ASP A 121 6.53 8.24 6.16
N ILE A 122 5.79 7.30 6.67
CA ILE A 122 4.60 6.81 5.93
C ILE A 122 5.03 6.23 4.58
N SER A 123 6.31 5.98 4.42
CA SER A 123 6.80 5.41 3.12
C SER A 123 6.43 6.33 1.96
N ASP A 124 7.33 7.18 1.56
CA ASP A 124 7.03 8.11 0.44
C ASP A 124 6.29 7.37 -0.68
N ILE A 125 7.00 6.65 -1.50
CA ILE A 125 6.34 5.92 -2.62
C ILE A 125 6.71 4.42 -2.56
N VAL A 126 5.77 3.55 -2.79
CA VAL A 126 6.09 2.08 -2.73
C VAL A 126 5.59 1.36 -3.98
N ASP A 127 6.30 1.45 -5.06
CA ASP A 127 5.87 0.74 -6.30
C ASP A 127 6.34 -0.72 -6.23
N THR A 128 5.44 -1.64 -6.07
CA THR A 128 5.85 -3.08 -5.98
C THR A 128 4.81 -3.97 -6.65
N ASP A 129 4.87 -5.25 -6.39
CA ASP A 129 3.87 -6.17 -7.02
C ASP A 129 2.48 -5.53 -6.95
N SER A 130 1.56 -6.01 -7.73
CA SER A 130 0.19 -5.42 -7.71
C SER A 130 0.22 -3.99 -8.25
N GLY A 131 1.01 -3.13 -7.66
CA GLY A 131 1.07 -1.73 -8.15
C GLY A 131 1.88 -0.89 -7.17
N VAL A 132 1.45 0.30 -6.88
CA VAL A 132 2.20 1.16 -5.93
C VAL A 132 1.39 1.33 -4.65
N HIS A 133 2.01 1.13 -3.51
CA HIS A 133 1.27 1.26 -2.23
C HIS A 133 1.92 2.34 -1.35
N ILE A 134 1.49 2.43 -0.12
CA ILE A 134 2.06 3.43 0.83
C ILE A 134 1.99 2.85 2.24
N ILE A 135 3.12 2.50 2.80
CA ILE A 135 3.11 1.89 4.17
C ILE A 135 3.40 2.92 5.26
N LYS A 136 2.91 2.66 6.43
CA LYS A 136 3.14 3.58 7.59
C LYS A 136 3.02 2.77 8.88
N ARG A 137 4.04 2.79 9.70
CA ARG A 137 3.98 1.99 10.96
C ARG A 137 3.30 2.81 12.07
N THR A 138 4.06 3.44 12.93
CA THR A 138 3.45 4.23 14.03
C THR A 138 3.45 5.73 13.66
N ALA A 139 4.16 6.54 14.40
CA ALA A 139 4.19 8.00 14.08
C ALA A 139 2.81 8.62 14.32
N HIS A 20 19.41 -16.27 22.79
CA HIS A 20 19.74 -15.51 21.56
C HIS A 20 19.63 -16.42 20.33
N MET A 21 19.99 -17.66 20.45
CA MET A 21 19.89 -18.59 19.28
C MET A 21 18.46 -18.64 18.76
N ALA A 22 17.50 -18.36 19.61
CA ALA A 22 16.07 -18.40 19.17
C ALA A 22 15.54 -16.97 19.02
N SER A 23 15.94 -16.28 17.99
CA SER A 23 15.46 -14.88 17.79
C SER A 23 15.00 -14.67 16.35
N ARG A 24 14.02 -13.84 16.15
CA ARG A 24 13.52 -13.57 14.77
C ARG A 24 13.27 -12.08 14.59
N ASP A 25 12.56 -11.69 13.56
CA ASP A 25 12.29 -10.25 13.34
C ASP A 25 10.89 -10.03 12.76
N GLN A 26 10.68 -10.43 11.54
CA GLN A 26 9.35 -10.24 10.91
C GLN A 26 9.09 -8.74 10.74
N VAL A 27 8.43 -8.35 9.68
CA VAL A 27 8.18 -6.89 9.47
C VAL A 27 6.69 -6.57 9.48
N LYS A 28 6.19 -6.01 10.56
CA LYS A 28 4.75 -5.66 10.61
C LYS A 28 4.53 -4.37 9.81
N ALA A 29 3.33 -4.11 9.36
CA ALA A 29 3.12 -2.85 8.58
C ALA A 29 1.66 -2.64 8.17
N SER A 30 1.36 -1.44 7.74
CA SER A 30 -0.03 -1.11 7.28
C SER A 30 0.08 -0.59 5.85
N HIS A 31 -1.01 -0.30 5.18
CA HIS A 31 -0.84 0.22 3.78
C HIS A 31 -2.17 0.56 3.09
N ILE A 32 -2.07 1.09 1.90
CA ILE A 32 -3.28 1.44 1.09
C ILE A 32 -2.92 1.39 -0.40
N LEU A 33 -3.86 1.01 -1.24
CA LEU A 33 -3.55 0.93 -2.71
C LEU A 33 -4.26 2.08 -3.45
N ILE A 34 -3.74 2.50 -4.57
CA ILE A 34 -4.41 3.61 -5.31
C ILE A 34 -4.74 3.19 -6.76
N LYS A 35 -4.29 2.03 -7.17
CA LYS A 35 -4.57 1.57 -8.56
C LYS A 35 -3.88 2.49 -9.57
N HIS A 36 -3.53 1.99 -10.72
CA HIS A 36 -2.86 2.83 -11.74
C HIS A 36 -2.64 2.03 -13.02
N GLN A 37 -1.52 2.22 -13.67
CA GLN A 37 -1.24 1.45 -14.92
C GLN A 37 -0.82 0.03 -14.59
N GLY A 38 0.25 -0.13 -13.86
CA GLY A 38 0.72 -1.50 -13.50
C GLY A 38 0.97 -2.32 -14.77
N SER A 39 0.00 -3.10 -15.17
CA SER A 39 0.18 -3.93 -16.40
C SER A 39 -1.19 -4.23 -17.02
N ARG A 40 -2.04 -4.92 -16.30
CA ARG A 40 -3.38 -5.24 -16.85
C ARG A 40 -4.30 -4.02 -16.72
N ARG A 41 -4.83 -3.77 -15.56
CA ARG A 41 -5.72 -2.59 -15.37
C ARG A 41 -5.87 -2.29 -13.87
N LYS A 42 -6.97 -1.69 -13.49
CA LYS A 42 -7.17 -1.37 -12.05
C LYS A 42 -7.08 -2.64 -11.19
N ALA A 43 -8.15 -3.39 -11.11
CA ALA A 43 -8.12 -4.64 -10.29
C ALA A 43 -9.50 -5.30 -10.30
N SER A 44 -9.71 -6.27 -9.46
CA SER A 44 -11.04 -6.95 -9.41
C SER A 44 -11.65 -6.82 -8.01
N TRP A 45 -12.96 -6.74 -7.93
CA TRP A 45 -13.60 -6.62 -6.59
C TRP A 45 -14.66 -7.72 -6.41
N LYS A 46 -15.82 -7.55 -7.00
CA LYS A 46 -16.90 -8.58 -6.86
C LYS A 46 -18.15 -8.14 -7.60
N ASP A 47 -18.01 -7.59 -8.78
CA ASP A 47 -19.21 -7.15 -9.54
C ASP A 47 -18.80 -6.52 -10.88
N PRO A 48 -17.99 -5.49 -10.80
CA PRO A 48 -17.53 -4.79 -12.03
C PRO A 48 -16.58 -5.69 -12.82
N GLU A 49 -15.31 -5.64 -12.52
CA GLU A 49 -14.34 -6.49 -13.27
C GLU A 49 -14.53 -6.34 -14.78
N GLY A 50 -15.09 -5.22 -15.20
CA GLY A 50 -15.31 -5.01 -16.66
C GLY A 50 -14.84 -3.61 -17.06
N LYS A 51 -15.01 -2.65 -16.19
CA LYS A 51 -14.57 -1.26 -16.53
C LYS A 51 -13.08 -1.23 -16.86
N ILE A 52 -12.73 -0.94 -18.08
CA ILE A 52 -11.29 -0.90 -18.46
C ILE A 52 -10.85 0.55 -18.68
N ILE A 53 -11.39 1.46 -17.91
CA ILE A 53 -11.02 2.89 -18.07
C ILE A 53 -9.61 3.15 -17.56
N LEU A 54 -8.75 3.71 -18.37
CA LEU A 54 -7.35 3.98 -17.92
C LEU A 54 -7.33 5.25 -17.08
N THR A 55 -6.43 5.33 -16.13
CA THR A 55 -6.36 6.55 -15.27
C THR A 55 -4.90 6.78 -14.81
N THR A 56 -4.70 7.05 -13.55
CA THR A 56 -3.31 7.27 -13.05
C THR A 56 -2.34 6.30 -13.71
N THR A 57 -1.14 6.74 -14.00
CA THR A 57 -0.15 5.83 -14.65
C THR A 57 1.08 5.65 -13.76
N ARG A 58 2.03 4.86 -14.19
CA ARG A 58 3.26 4.64 -13.39
C ARG A 58 3.73 5.95 -12.75
N GLU A 59 4.30 6.82 -13.53
CA GLU A 59 4.79 8.12 -12.97
C GLU A 59 3.66 8.77 -12.16
N ALA A 60 2.58 9.10 -12.80
CA ALA A 60 1.45 9.74 -12.09
C ALA A 60 1.21 9.04 -10.74
N ALA A 61 1.26 7.74 -10.73
CA ALA A 61 1.04 7.01 -9.45
C ALA A 61 1.98 7.57 -8.37
N VAL A 62 3.26 7.37 -8.52
CA VAL A 62 4.21 7.90 -7.51
C VAL A 62 3.84 9.36 -7.21
N GLU A 63 3.51 10.11 -8.22
CA GLU A 63 3.12 11.52 -7.99
C GLU A 63 1.86 11.55 -7.13
N GLN A 64 0.83 10.89 -7.59
CA GLN A 64 -0.43 10.83 -6.79
C GLN A 64 -0.09 10.33 -5.39
N LEU A 65 0.90 9.48 -5.29
CA LEU A 65 1.31 8.95 -3.97
C LEU A 65 2.14 10.00 -3.24
N LYS A 66 2.87 10.81 -3.96
CA LYS A 66 3.69 11.86 -3.29
C LYS A 66 2.76 12.74 -2.46
N SER A 67 1.70 13.21 -3.06
CA SER A 67 0.73 14.05 -2.31
C SER A 67 0.14 13.24 -1.16
N ILE A 68 -0.05 11.96 -1.37
CA ILE A 68 -0.60 11.13 -0.27
C ILE A 68 0.19 11.44 1.00
N ARG A 69 1.48 11.43 0.94
CA ARG A 69 2.28 11.75 2.15
C ARG A 69 1.81 13.11 2.67
N GLU A 70 1.66 14.05 1.78
CA GLU A 70 1.18 15.40 2.18
C GLU A 70 -0.25 15.25 2.70
N ASP A 71 -1.13 14.82 1.85
CA ASP A 71 -2.53 14.63 2.31
C ASP A 71 -2.51 13.88 3.63
N ILE A 72 -1.81 12.78 3.68
CA ILE A 72 -1.70 12.01 4.95
C ILE A 72 -1.08 12.92 6.01
N VAL A 73 -0.25 13.83 5.57
CA VAL A 73 0.40 14.78 6.51
C VAL A 73 -0.65 15.80 7.00
N SER A 74 -1.20 16.56 6.09
CA SER A 74 -2.24 17.56 6.51
C SER A 74 -3.64 16.99 6.28
N GLY A 75 -4.54 17.23 7.19
CA GLY A 75 -5.92 16.71 7.02
C GLY A 75 -6.04 15.37 7.75
N LYS A 76 -6.83 15.31 8.77
CA LYS A 76 -7.00 14.04 9.53
C LYS A 76 -7.73 13.01 8.66
N ALA A 77 -7.21 12.74 7.49
CA ALA A 77 -7.86 11.76 6.59
C ALA A 77 -7.95 10.39 7.25
N ASN A 78 -7.26 10.20 8.33
CA ASN A 78 -7.27 8.89 9.05
C ASN A 78 -6.58 7.83 8.20
N PHE A 79 -7.24 6.73 7.91
CA PHE A 79 -6.58 5.68 7.08
C PHE A 79 -7.56 4.55 6.77
N GLU A 80 -8.10 3.92 7.77
CA GLU A 80 -9.05 2.79 7.53
C GLU A 80 -10.05 3.14 6.43
N GLU A 81 -11.10 3.84 6.77
CA GLU A 81 -12.13 4.20 5.74
C GLU A 81 -11.44 4.59 4.44
N VAL A 82 -10.45 5.44 4.51
CA VAL A 82 -9.73 5.83 3.27
C VAL A 82 -9.18 4.60 2.57
N ALA A 83 -8.61 3.70 3.32
CA ALA A 83 -8.06 2.47 2.70
C ALA A 83 -9.20 1.58 2.20
N THR A 84 -10.15 1.28 3.04
CA THR A 84 -11.29 0.42 2.62
C THR A 84 -11.74 0.81 1.22
N ARG A 85 -11.75 2.07 0.90
CA ARG A 85 -12.17 2.51 -0.46
C ARG A 85 -10.99 2.38 -1.44
N VAL A 86 -9.92 3.05 -1.16
CA VAL A 86 -8.74 2.98 -2.05
C VAL A 86 -7.76 1.92 -1.53
N SER A 87 -8.18 0.69 -1.48
CA SER A 87 -7.30 -0.39 -0.95
C SER A 87 -7.07 -1.50 -1.98
N ASP A 88 -6.14 -2.38 -1.73
CA ASP A 88 -5.87 -3.50 -2.67
C ASP A 88 -6.96 -4.56 -2.54
N CYS A 89 -8.14 -4.27 -2.98
CA CYS A 89 -9.25 -5.25 -2.88
C CYS A 89 -9.21 -5.97 -1.53
N SER A 90 -8.58 -7.11 -1.45
CA SER A 90 -8.49 -7.82 -0.15
C SER A 90 -8.09 -6.80 0.92
N SER A 91 -7.12 -6.00 0.59
CA SER A 91 -6.68 -4.95 1.55
C SER A 91 -7.89 -4.11 1.95
N ALA A 92 -8.82 -3.91 1.05
CA ALA A 92 -10.03 -3.14 1.44
C ALA A 92 -10.57 -3.76 2.73
N LYS A 93 -10.63 -5.06 2.76
CA LYS A 93 -11.09 -5.75 4.00
C LYS A 93 -10.11 -5.41 5.12
N ARG A 94 -8.86 -5.21 4.76
CA ARG A 94 -7.82 -4.85 5.76
C ARG A 94 -7.34 -3.42 5.48
N GLY A 95 -8.26 -2.53 5.21
CA GLY A 95 -7.88 -1.12 4.90
C GLY A 95 -6.93 -0.61 5.98
N GLY A 96 -6.99 -1.22 7.12
CA GLY A 96 -6.10 -0.79 8.23
C GLY A 96 -4.66 -1.15 7.89
N ASP A 97 -4.17 -2.24 8.41
CA ASP A 97 -2.76 -2.63 8.11
C ASP A 97 -2.63 -4.15 7.98
N LEU A 98 -1.51 -4.60 7.48
CA LEU A 98 -1.29 -6.06 7.33
C LEU A 98 -1.19 -6.70 8.71
N GLY A 99 -0.06 -6.55 9.33
CA GLY A 99 0.16 -7.12 10.68
C GLY A 99 1.63 -7.47 10.83
N SER A 100 1.99 -8.68 10.48
CA SER A 100 3.42 -9.08 10.60
C SER A 100 3.77 -10.15 9.57
N PHE A 101 4.86 -9.98 8.87
CA PHE A 101 5.27 -10.99 7.86
C PHE A 101 6.76 -10.82 7.54
N GLY A 102 7.59 -11.69 8.05
CA GLY A 102 9.05 -11.57 7.78
C GLY A 102 9.35 -12.10 6.38
N ARG A 103 9.92 -13.27 6.29
CA ARG A 103 10.24 -13.84 4.95
C ARG A 103 9.02 -14.57 4.38
N GLY A 104 8.10 -13.84 3.82
CA GLY A 104 6.88 -14.49 3.25
C GLY A 104 5.89 -13.40 2.81
N GLN A 105 4.75 -13.79 2.29
CA GLN A 105 3.77 -12.76 1.84
C GLN A 105 4.41 -11.82 0.83
N MET A 106 4.30 -10.53 1.08
CA MET A 106 4.90 -9.50 0.18
C MET A 106 6.17 -10.04 -0.49
N GLN A 107 6.23 -9.94 -1.80
CA GLN A 107 7.44 -10.45 -2.52
C GLN A 107 8.70 -9.70 -2.07
N LYS A 108 9.51 -9.25 -2.99
CA LYS A 108 10.76 -8.53 -2.62
C LYS A 108 10.62 -6.99 -2.64
N PRO A 109 9.70 -6.47 -3.44
CA PRO A 109 9.56 -4.99 -3.52
C PRO A 109 8.94 -4.43 -2.25
N PHE A 110 7.75 -4.85 -1.90
CA PHE A 110 7.12 -4.30 -0.67
C PHE A 110 8.03 -4.50 0.54
N GLU A 111 8.32 -5.72 0.86
CA GLU A 111 9.18 -6.01 2.05
C GLU A 111 10.31 -4.99 2.14
N GLU A 112 11.21 -4.99 1.19
CA GLU A 112 12.33 -4.02 1.23
C GLU A 112 11.79 -2.62 1.54
N ALA A 113 10.55 -2.37 1.22
CA ALA A 113 9.95 -1.03 1.50
C ALA A 113 9.72 -0.87 3.00
N THR A 114 8.96 -1.74 3.59
CA THR A 114 8.71 -1.64 5.05
C THR A 114 10.01 -1.94 5.80
N TYR A 115 10.89 -2.69 5.18
CA TYR A 115 12.18 -3.01 5.85
C TYR A 115 13.11 -1.79 5.76
N ALA A 116 12.85 -0.93 4.80
CA ALA A 116 13.69 0.28 4.65
C ALA A 116 13.15 1.42 5.51
N LEU A 117 11.86 1.48 5.70
CA LEU A 117 11.28 2.57 6.55
C LEU A 117 11.23 2.13 8.01
N LYS A 118 11.54 3.03 8.92
CA LYS A 118 11.50 2.67 10.36
C LYS A 118 10.96 3.85 11.18
N VAL A 119 9.67 4.06 11.14
CA VAL A 119 9.08 5.19 11.92
C VAL A 119 9.68 6.52 11.45
N GLY A 120 8.90 7.36 10.84
CA GLY A 120 9.42 8.67 10.37
C GLY A 120 8.79 9.02 9.02
N ASP A 121 8.26 8.04 8.34
CA ASP A 121 7.62 8.30 7.01
C ASP A 121 6.46 7.34 6.79
N ILE A 122 5.79 7.45 5.68
CA ILE A 122 4.64 6.53 5.42
C ILE A 122 4.85 5.79 4.09
N SER A 123 6.06 5.82 3.58
CA SER A 123 6.33 5.12 2.28
C SER A 123 5.59 5.83 1.14
N ASP A 124 4.30 5.91 1.23
CA ASP A 124 3.50 6.59 0.17
C ASP A 124 3.70 5.91 -1.18
N ILE A 125 4.78 6.20 -1.86
CA ILE A 125 5.01 5.56 -3.19
C ILE A 125 5.67 4.18 -3.03
N VAL A 126 4.92 3.12 -3.23
CA VAL A 126 5.49 1.75 -3.09
C VAL A 126 5.02 0.88 -4.27
N ASP A 127 5.34 1.28 -5.46
CA ASP A 127 4.91 0.48 -6.66
C ASP A 127 5.19 -1.01 -6.44
N THR A 128 4.16 -1.80 -6.28
CA THR A 128 4.36 -3.27 -6.06
C THR A 128 3.17 -4.03 -6.63
N ASP A 129 2.95 -5.24 -6.17
CA ASP A 129 1.80 -6.04 -6.69
C ASP A 129 0.56 -5.14 -6.84
N SER A 130 -0.29 -5.42 -7.78
CA SER A 130 -1.50 -4.59 -7.98
C SER A 130 -1.12 -3.20 -8.51
N GLY A 131 -0.29 -2.49 -7.81
CA GLY A 131 0.12 -1.13 -8.29
C GLY A 131 0.97 -0.45 -7.21
N VAL A 132 0.77 0.82 -7.00
CA VAL A 132 1.57 1.54 -5.96
C VAL A 132 0.77 1.61 -4.66
N HIS A 133 1.42 1.40 -3.56
CA HIS A 133 0.71 1.44 -2.25
C HIS A 133 1.49 2.31 -1.25
N ILE A 134 1.01 2.40 -0.05
CA ILE A 134 1.73 3.19 0.99
C ILE A 134 1.89 2.32 2.23
N ILE A 135 2.71 2.69 3.16
CA ILE A 135 2.87 1.82 4.36
C ILE A 135 3.13 2.65 5.62
N LYS A 136 2.81 2.09 6.76
CA LYS A 136 3.02 2.80 8.06
C LYS A 136 3.71 1.86 9.04
N ARG A 137 4.76 2.30 9.68
CA ARG A 137 5.47 1.40 10.63
C ARG A 137 5.05 1.69 12.08
N THR A 138 5.69 2.62 12.73
CA THR A 138 5.32 2.94 14.14
C THR A 138 5.21 4.45 14.33
N ALA A 139 5.41 5.21 13.29
CA ALA A 139 5.32 6.68 13.41
C ALA A 139 3.85 7.12 13.57
N HIS A 20 22.98 -10.45 24.89
CA HIS A 20 22.69 -11.91 24.85
C HIS A 20 22.18 -12.30 23.46
N MET A 21 21.00 -11.88 23.11
CA MET A 21 20.46 -12.23 21.77
C MET A 21 20.01 -10.96 21.04
N ALA A 22 20.45 -10.80 19.82
CA ALA A 22 20.05 -9.58 19.05
C ALA A 22 18.57 -9.64 18.70
N SER A 23 18.07 -8.66 17.98
CA SER A 23 16.63 -8.67 17.62
C SER A 23 16.38 -9.72 16.52
N ARG A 24 15.29 -10.43 16.62
CA ARG A 24 14.99 -11.45 15.57
C ARG A 24 14.72 -10.77 14.23
N ASP A 25 13.58 -10.97 13.63
CA ASP A 25 13.31 -10.32 12.32
C ASP A 25 11.80 -10.04 12.17
N GLN A 26 11.14 -10.73 11.27
CA GLN A 26 9.68 -10.50 11.08
C GLN A 26 9.40 -9.01 10.84
N VAL A 27 8.22 -8.67 10.39
CA VAL A 27 7.91 -7.22 10.14
C VAL A 27 6.40 -6.97 10.12
N LYS A 28 5.88 -6.35 11.14
CA LYS A 28 4.42 -6.03 11.16
C LYS A 28 4.18 -4.76 10.34
N ALA A 29 2.96 -4.47 9.96
CA ALA A 29 2.72 -3.21 9.18
C ALA A 29 1.30 -3.15 8.60
N SER A 30 0.88 -1.97 8.23
CA SER A 30 -0.46 -1.80 7.61
C SER A 30 -0.27 -1.31 6.18
N HIS A 31 -1.30 -1.11 5.41
CA HIS A 31 -1.05 -0.64 4.02
C HIS A 31 -2.32 -0.24 3.27
N ILE A 32 -2.14 0.41 2.14
CA ILE A 32 -3.28 0.82 1.28
C ILE A 32 -2.86 0.70 -0.19
N LEU A 33 -3.76 0.89 -1.11
CA LEU A 33 -3.37 0.75 -2.55
C LEU A 33 -4.13 1.78 -3.41
N ILE A 34 -3.42 2.62 -4.10
CA ILE A 34 -4.10 3.64 -4.95
C ILE A 34 -4.26 3.12 -6.39
N LYS A 35 -3.85 1.90 -6.65
CA LYS A 35 -3.97 1.34 -8.03
C LYS A 35 -3.18 2.18 -9.02
N HIS A 36 -3.03 1.71 -10.23
CA HIS A 36 -2.25 2.49 -11.25
C HIS A 36 -2.26 1.79 -12.60
N GLN A 37 -1.20 1.92 -13.35
CA GLN A 37 -1.13 1.26 -14.69
C GLN A 37 -1.16 -0.26 -14.54
N GLY A 38 -0.11 -0.83 -14.03
CA GLY A 38 -0.06 -2.31 -13.86
C GLY A 38 -0.41 -2.98 -15.20
N SER A 39 -1.35 -3.87 -15.19
CA SER A 39 -1.73 -4.56 -16.47
C SER A 39 -3.20 -5.00 -16.42
N ARG A 40 -3.64 -5.50 -15.30
CA ARG A 40 -5.06 -5.95 -15.20
C ARG A 40 -5.98 -4.75 -14.96
N ARG A 41 -7.27 -4.95 -15.07
CA ARG A 41 -8.23 -3.83 -14.86
C ARG A 41 -7.87 -3.07 -13.57
N LYS A 42 -8.20 -1.80 -13.53
CA LYS A 42 -7.87 -1.00 -12.31
C LYS A 42 -8.59 -1.58 -11.09
N ALA A 43 -9.90 -1.60 -11.11
CA ALA A 43 -10.66 -2.15 -9.96
C ALA A 43 -10.67 -3.69 -10.01
N SER A 44 -11.10 -4.24 -11.13
CA SER A 44 -11.13 -5.73 -11.25
C SER A 44 -11.94 -6.32 -10.09
N TRP A 45 -13.14 -6.76 -10.36
CA TRP A 45 -13.96 -7.35 -9.27
C TRP A 45 -14.81 -8.52 -9.78
N LYS A 46 -15.97 -8.71 -9.23
CA LYS A 46 -16.85 -9.83 -9.66
C LYS A 46 -17.03 -9.84 -11.18
N ASP A 47 -17.94 -10.64 -11.67
CA ASP A 47 -18.18 -10.71 -13.14
C ASP A 47 -18.40 -9.31 -13.74
N PRO A 48 -19.29 -8.57 -13.14
CA PRO A 48 -19.61 -7.21 -13.64
C PRO A 48 -18.45 -6.25 -13.35
N GLU A 49 -17.89 -5.66 -14.36
CA GLU A 49 -16.76 -4.70 -14.15
C GLU A 49 -17.05 -3.38 -14.86
N GLY A 50 -16.03 -2.65 -15.21
CA GLY A 50 -16.25 -1.33 -15.89
C GLY A 50 -15.68 -1.39 -17.31
N LYS A 51 -15.61 -0.28 -17.99
CA LYS A 51 -15.05 -0.28 -19.37
C LYS A 51 -13.55 0.01 -19.34
N ILE A 52 -13.18 1.25 -19.50
CA ILE A 52 -11.72 1.60 -19.46
C ILE A 52 -11.55 3.11 -19.29
N ILE A 53 -11.16 3.54 -18.13
CA ILE A 53 -10.97 5.00 -17.90
C ILE A 53 -9.53 5.29 -17.47
N LEU A 54 -9.23 6.51 -17.14
CA LEU A 54 -7.84 6.85 -16.72
C LEU A 54 -7.46 6.10 -15.45
N THR A 55 -6.24 6.22 -15.01
CA THR A 55 -5.80 5.52 -13.77
C THR A 55 -4.63 6.26 -13.13
N THR A 56 -4.10 5.74 -12.06
CA THR A 56 -2.94 6.40 -11.40
C THR A 56 -1.66 6.13 -12.20
N THR A 57 -1.71 5.21 -13.11
CA THR A 57 -0.51 4.88 -13.95
C THR A 57 0.73 4.66 -13.08
N ARG A 58 1.79 4.20 -13.68
CA ARG A 58 3.05 3.96 -12.91
C ARG A 58 3.69 5.29 -12.50
N GLU A 59 4.47 5.87 -13.37
CA GLU A 59 5.11 7.17 -13.04
C GLU A 59 4.09 8.06 -12.33
N ALA A 60 2.92 8.16 -12.88
CA ALA A 60 1.86 9.00 -12.24
C ALA A 60 1.66 8.53 -10.80
N ALA A 61 1.78 7.26 -10.55
CA ALA A 61 1.60 6.75 -9.15
C ALA A 61 2.50 7.54 -8.21
N VAL A 62 3.77 7.54 -8.47
CA VAL A 62 4.69 8.31 -7.57
C VAL A 62 4.14 9.71 -7.38
N GLU A 63 3.55 10.27 -8.41
CA GLU A 63 2.96 11.63 -8.28
C GLU A 63 1.68 11.54 -7.46
N GLN A 64 0.80 10.65 -7.83
CA GLN A 64 -0.47 10.49 -7.06
C GLN A 64 -0.13 10.11 -5.62
N LEU A 65 0.91 9.35 -5.43
CA LEU A 65 1.29 8.97 -4.04
C LEU A 65 2.01 10.15 -3.38
N LYS A 66 2.75 10.90 -4.15
CA LYS A 66 3.45 12.08 -3.58
C LYS A 66 2.47 12.87 -2.72
N SER A 67 1.25 12.98 -3.17
CA SER A 67 0.24 13.73 -2.38
C SER A 67 -0.33 12.84 -1.27
N ILE A 68 -0.50 11.58 -1.53
CA ILE A 68 -1.04 10.67 -0.48
C ILE A 68 -0.04 10.60 0.68
N ARG A 69 1.20 10.31 0.40
CA ARG A 69 2.20 10.25 1.50
C ARG A 69 2.29 11.64 2.12
N GLU A 70 2.07 12.66 1.33
CA GLU A 70 2.10 14.05 1.86
C GLU A 70 0.86 14.25 2.72
N ASP A 71 -0.29 14.09 2.14
CA ASP A 71 -1.53 14.22 2.94
C ASP A 71 -1.36 13.38 4.21
N ILE A 72 -0.99 12.13 4.04
CA ILE A 72 -0.76 11.25 5.23
C ILE A 72 0.35 11.85 6.10
N VAL A 73 1.17 12.68 5.50
CA VAL A 73 2.30 13.31 6.26
C VAL A 73 1.80 14.56 6.99
N SER A 74 1.19 15.47 6.30
CA SER A 74 0.68 16.71 6.95
C SER A 74 -0.79 16.55 7.32
N GLY A 75 -1.56 15.97 6.46
CA GLY A 75 -3.01 15.77 6.75
C GLY A 75 -3.22 14.31 7.15
N LYS A 76 -2.76 13.95 8.32
CA LYS A 76 -2.89 12.56 8.81
C LYS A 76 -4.36 12.16 8.98
N ALA A 77 -5.13 12.27 7.94
CA ALA A 77 -6.57 11.91 8.02
C ALA A 77 -6.71 10.45 8.49
N ASN A 78 -7.84 9.86 8.25
CA ASN A 78 -8.04 8.44 8.68
C ASN A 78 -7.10 7.51 7.90
N PHE A 79 -7.47 6.27 7.74
CA PHE A 79 -6.59 5.32 6.99
C PHE A 79 -7.28 3.96 6.82
N GLU A 80 -8.05 3.55 7.79
CA GLU A 80 -8.74 2.24 7.70
C GLU A 80 -9.81 2.28 6.61
N GLU A 81 -10.98 2.79 6.94
CA GLU A 81 -12.07 2.86 5.92
C GLU A 81 -11.49 3.33 4.59
N VAL A 82 -10.53 4.21 4.61
CA VAL A 82 -9.93 4.67 3.33
C VAL A 82 -9.29 3.50 2.61
N ALA A 83 -8.53 2.71 3.32
CA ALA A 83 -7.87 1.53 2.69
C ALA A 83 -8.92 0.57 2.11
N THR A 84 -9.90 0.25 2.89
CA THR A 84 -10.96 -0.70 2.41
C THR A 84 -11.58 -0.20 1.10
N ARG A 85 -11.84 1.08 0.99
CA ARG A 85 -12.46 1.60 -0.27
C ARG A 85 -11.41 2.14 -1.24
N VAL A 86 -10.33 2.66 -0.75
CA VAL A 86 -9.30 3.23 -1.67
C VAL A 86 -8.28 2.16 -2.08
N SER A 87 -8.73 0.99 -2.44
CA SER A 87 -7.75 -0.06 -2.87
C SER A 87 -8.11 -0.55 -4.26
N ASP A 88 -7.63 -1.71 -4.64
CA ASP A 88 -7.98 -2.25 -5.98
C ASP A 88 -9.13 -3.20 -5.75
N CYS A 89 -9.00 -3.99 -4.74
CA CYS A 89 -10.06 -4.95 -4.39
C CYS A 89 -9.66 -5.75 -3.16
N SER A 90 -8.71 -6.64 -3.30
CA SER A 90 -8.28 -7.45 -2.13
C SER A 90 -7.99 -6.51 -0.96
N SER A 91 -7.07 -5.61 -1.15
CA SER A 91 -6.76 -4.65 -0.06
C SER A 91 -8.05 -4.04 0.47
N ALA A 92 -9.05 -3.91 -0.35
CA ALA A 92 -10.34 -3.36 0.14
C ALA A 92 -10.79 -4.23 1.31
N LYS A 93 -10.51 -5.51 1.22
CA LYS A 93 -10.88 -6.44 2.32
C LYS A 93 -9.78 -6.39 3.39
N ARG A 94 -8.62 -5.92 2.99
CA ARG A 94 -7.48 -5.82 3.95
C ARG A 94 -6.92 -4.40 3.92
N GLY A 95 -7.77 -3.41 4.01
CA GLY A 95 -7.30 -2.00 3.97
C GLY A 95 -6.72 -1.59 5.31
N GLY A 96 -7.18 -2.18 6.38
CA GLY A 96 -6.64 -1.81 7.71
C GLY A 96 -5.14 -2.10 7.75
N ASP A 97 -4.77 -3.19 8.35
CA ASP A 97 -3.32 -3.51 8.42
C ASP A 97 -3.08 -5.01 8.25
N LEU A 98 -1.88 -5.39 7.88
CA LEU A 98 -1.56 -6.83 7.72
C LEU A 98 -1.45 -7.47 9.09
N GLY A 99 -0.42 -7.12 9.81
CA GLY A 99 -0.20 -7.69 11.17
C GLY A 99 1.28 -7.96 11.33
N SER A 100 1.71 -9.12 10.95
CA SER A 100 3.15 -9.46 11.07
C SER A 100 3.56 -10.47 9.99
N PHE A 101 4.76 -10.34 9.49
CA PHE A 101 5.23 -11.26 8.43
C PHE A 101 6.74 -11.04 8.22
N GLY A 102 7.23 -11.26 7.04
CA GLY A 102 8.68 -11.05 6.80
C GLY A 102 9.17 -11.97 5.69
N ARG A 103 9.56 -13.17 6.02
CA ARG A 103 10.04 -14.12 4.98
C ARG A 103 8.90 -15.04 4.51
N GLY A 104 8.33 -14.76 3.37
CA GLY A 104 7.23 -15.63 2.87
C GLY A 104 6.08 -14.77 2.33
N GLN A 105 5.69 -13.76 3.05
CA GLN A 105 4.57 -12.89 2.58
C GLN A 105 5.10 -11.71 1.80
N MET A 106 4.20 -10.91 1.31
CA MET A 106 4.60 -9.67 0.58
C MET A 106 5.85 -9.92 -0.27
N GLN A 107 6.04 -11.14 -0.73
CA GLN A 107 7.23 -11.45 -1.55
C GLN A 107 8.46 -10.70 -1.03
N LYS A 108 9.30 -10.20 -1.91
CA LYS A 108 10.54 -9.48 -1.44
C LYS A 108 10.48 -7.94 -1.61
N PRO A 109 9.59 -7.42 -2.42
CA PRO A 109 9.54 -5.94 -2.62
C PRO A 109 8.90 -5.25 -1.41
N PHE A 110 7.64 -5.51 -1.15
CA PHE A 110 6.98 -4.83 0.01
C PHE A 110 7.85 -4.95 1.26
N GLU A 111 8.18 -6.14 1.67
CA GLU A 111 8.99 -6.29 2.90
C GLU A 111 10.16 -5.31 2.88
N GLU A 112 10.98 -5.35 1.87
CA GLU A 112 12.12 -4.39 1.81
C GLU A 112 11.61 -2.98 2.09
N ALA A 113 10.35 -2.74 1.86
CA ALA A 113 9.77 -1.39 2.13
C ALA A 113 9.65 -1.18 3.63
N THR A 114 8.88 -2.01 4.28
CA THR A 114 8.72 -1.86 5.75
C THR A 114 10.03 -2.22 6.44
N TYR A 115 10.83 -3.04 5.82
CA TYR A 115 12.13 -3.41 6.44
C TYR A 115 13.11 -2.25 6.24
N ALA A 116 12.85 -1.42 5.27
CA ALA A 116 13.74 -0.26 5.01
C ALA A 116 13.32 0.94 5.87
N LEU A 117 12.08 1.35 5.76
CA LEU A 117 11.62 2.52 6.56
C LEU A 117 10.91 2.07 7.84
N LYS A 118 10.85 2.93 8.82
CA LYS A 118 10.14 2.58 10.08
C LYS A 118 8.74 3.23 10.05
N VAL A 119 8.50 4.24 10.86
CA VAL A 119 7.17 4.89 10.80
C VAL A 119 7.32 6.41 10.91
N GLY A 120 8.52 6.91 10.85
CA GLY A 120 8.74 8.38 10.93
C GLY A 120 8.55 8.99 9.54
N ASP A 121 8.43 8.16 8.54
CA ASP A 121 8.26 8.67 7.15
C ASP A 121 7.06 8.01 6.47
N ILE A 122 6.58 6.92 7.02
CA ILE A 122 5.43 6.19 6.39
C ILE A 122 5.86 5.61 5.05
N SER A 123 6.74 4.64 5.08
CA SER A 123 7.21 4.02 3.81
C SER A 123 7.64 5.11 2.82
N ASP A 124 7.89 4.75 1.59
CA ASP A 124 8.30 5.78 0.60
C ASP A 124 7.75 5.41 -0.79
N ILE A 125 6.56 5.82 -1.09
CA ILE A 125 5.97 5.49 -2.43
C ILE A 125 6.20 4.02 -2.74
N VAL A 126 5.47 3.15 -2.10
CA VAL A 126 5.65 1.68 -2.34
C VAL A 126 4.91 1.24 -3.60
N ASP A 127 5.55 0.48 -4.44
CA ASP A 127 4.89 0.00 -5.69
C ASP A 127 5.10 -1.51 -5.84
N THR A 128 4.04 -2.27 -5.93
CA THR A 128 4.20 -3.74 -6.06
C THR A 128 3.20 -4.32 -7.08
N ASP A 129 3.09 -5.62 -7.13
CA ASP A 129 2.15 -6.27 -8.09
C ASP A 129 0.81 -5.53 -8.13
N SER A 130 0.02 -5.63 -7.09
CA SER A 130 -1.30 -4.94 -7.09
C SER A 130 -1.17 -3.55 -7.72
N GLY A 131 -0.08 -2.89 -7.48
CA GLY A 131 0.12 -1.53 -8.06
C GLY A 131 0.93 -0.67 -7.08
N VAL A 132 0.40 0.45 -6.69
CA VAL A 132 1.13 1.33 -5.74
C VAL A 132 0.50 1.24 -4.36
N HIS A 133 1.30 1.29 -3.32
CA HIS A 133 0.73 1.18 -1.95
C HIS A 133 1.47 2.11 -0.98
N ILE A 134 1.03 2.11 0.26
CA ILE A 134 1.69 2.95 1.30
C ILE A 134 1.59 2.20 2.63
N ILE A 135 2.70 1.99 3.29
CA ILE A 135 2.64 1.22 4.57
C ILE A 135 2.90 2.11 5.79
N LYS A 136 2.57 1.61 6.95
CA LYS A 136 2.79 2.38 8.20
C LYS A 136 2.57 1.49 9.43
N ARG A 137 3.53 1.40 10.29
CA ARG A 137 3.37 0.53 11.49
C ARG A 137 3.14 1.39 12.74
N THR A 138 4.14 1.57 13.56
CA THR A 138 3.96 2.40 14.79
C THR A 138 4.13 3.88 14.46
N ALA A 139 4.37 4.70 15.45
CA ALA A 139 4.55 6.17 15.22
C ALA A 139 4.28 6.95 16.50
N HIS A 20 19.59 -20.37 22.45
CA HIS A 20 18.73 -19.46 23.27
C HIS A 20 19.01 -18.01 22.91
N MET A 21 19.04 -17.70 21.64
CA MET A 21 19.31 -16.29 21.23
C MET A 21 18.17 -15.77 20.34
N ALA A 22 17.50 -16.66 19.65
CA ALA A 22 16.37 -16.23 18.78
C ALA A 22 16.69 -14.90 18.07
N SER A 23 17.23 -14.94 16.89
CA SER A 23 17.55 -13.68 16.17
C SER A 23 16.45 -13.37 15.15
N ARG A 24 15.22 -13.71 15.47
CA ARG A 24 14.10 -13.44 14.52
C ARG A 24 14.02 -11.95 14.18
N ASP A 25 12.90 -11.52 13.65
CA ASP A 25 12.73 -10.08 13.30
C ASP A 25 11.27 -9.80 12.94
N GLN A 26 10.82 -10.30 11.83
CA GLN A 26 9.40 -10.08 11.42
C GLN A 26 9.13 -8.59 11.24
N VAL A 27 8.58 -8.20 10.11
CA VAL A 27 8.28 -6.75 9.91
C VAL A 27 6.77 -6.51 9.78
N LYS A 28 6.19 -5.85 10.76
CA LYS A 28 4.72 -5.56 10.69
C LYS A 28 4.49 -4.28 9.89
N ALA A 29 3.27 -4.02 9.48
CA ALA A 29 3.03 -2.76 8.71
C ALA A 29 1.62 -2.72 8.10
N SER A 30 1.14 -1.54 7.81
CA SER A 30 -0.20 -1.39 7.18
C SER A 30 0.00 -0.80 5.79
N HIS A 31 -1.05 -0.61 5.00
CA HIS A 31 -0.78 -0.04 3.65
C HIS A 31 -2.06 0.30 2.87
N ILE A 32 -1.89 0.77 1.66
CA ILE A 32 -3.05 1.15 0.79
C ILE A 32 -2.60 1.11 -0.69
N LEU A 33 -3.51 1.29 -1.62
CA LEU A 33 -3.10 1.26 -3.07
C LEU A 33 -4.03 2.12 -3.93
N ILE A 34 -3.51 2.80 -4.90
CA ILE A 34 -4.38 3.64 -5.79
C ILE A 34 -4.70 2.85 -7.07
N LYS A 35 -5.36 3.47 -8.01
CA LYS A 35 -5.70 2.74 -9.26
C LYS A 35 -4.88 3.30 -10.44
N HIS A 36 -3.74 2.72 -10.70
CA HIS A 36 -2.89 3.20 -11.83
C HIS A 36 -2.91 2.17 -12.96
N GLN A 37 -1.87 2.13 -13.75
CA GLN A 37 -1.81 1.15 -14.87
C GLN A 37 -1.80 -0.28 -14.31
N GLY A 38 -0.69 -0.70 -13.77
CA GLY A 38 -0.61 -2.08 -13.22
C GLY A 38 -0.77 -3.10 -14.34
N SER A 39 -0.91 -4.35 -14.00
CA SER A 39 -1.07 -5.40 -15.05
C SER A 39 -2.00 -6.51 -14.56
N ARG A 40 -2.67 -6.30 -13.46
CA ARG A 40 -3.58 -7.35 -12.92
C ARG A 40 -5.04 -6.91 -13.09
N ARG A 41 -5.31 -6.12 -14.10
CA ARG A 41 -6.71 -5.66 -14.32
C ARG A 41 -7.35 -5.26 -12.97
N LYS A 42 -8.49 -5.81 -12.66
CA LYS A 42 -9.14 -5.46 -11.37
C LYS A 42 -9.78 -6.70 -10.74
N ALA A 43 -9.45 -7.86 -11.26
CA ALA A 43 -10.05 -9.11 -10.70
C ALA A 43 -11.56 -9.09 -10.87
N SER A 44 -12.07 -8.18 -11.64
CA SER A 44 -13.55 -8.09 -11.85
C SER A 44 -14.26 -7.89 -10.51
N TRP A 45 -13.53 -7.57 -9.47
CA TRP A 45 -14.17 -7.36 -8.14
C TRP A 45 -15.30 -8.36 -7.92
N LYS A 46 -16.35 -7.94 -7.28
CA LYS A 46 -17.50 -8.87 -7.03
C LYS A 46 -18.82 -8.20 -7.45
N ASP A 47 -19.10 -7.04 -6.90
CA ASP A 47 -20.37 -6.35 -7.24
C ASP A 47 -20.16 -5.40 -8.44
N PRO A 48 -19.34 -4.39 -8.22
CA PRO A 48 -19.08 -3.40 -9.30
C PRO A 48 -18.19 -4.01 -10.39
N GLU A 49 -17.89 -3.25 -11.42
CA GLU A 49 -17.02 -3.78 -12.51
C GLU A 49 -15.99 -2.72 -12.91
N GLY A 50 -15.81 -2.47 -14.18
CA GLY A 50 -14.81 -1.45 -14.60
C GLY A 50 -15.02 -1.11 -16.07
N LYS A 51 -14.62 0.06 -16.48
CA LYS A 51 -14.80 0.46 -17.91
C LYS A 51 -13.48 0.22 -18.68
N ILE A 52 -13.10 1.14 -19.53
CA ILE A 52 -11.84 0.96 -20.30
C ILE A 52 -11.04 2.26 -20.29
N ILE A 53 -10.97 2.92 -19.17
CA ILE A 53 -10.19 4.19 -19.09
C ILE A 53 -8.76 3.93 -18.62
N LEU A 54 -7.85 4.81 -18.91
CA LEU A 54 -6.44 4.61 -18.47
C LEU A 54 -6.22 5.28 -17.10
N THR A 55 -6.99 6.30 -16.81
CA THR A 55 -6.83 7.00 -15.51
C THR A 55 -5.35 7.24 -15.18
N THR A 56 -5.01 7.24 -13.92
CA THR A 56 -3.59 7.46 -13.53
C THR A 56 -2.69 6.35 -14.09
N THR A 57 -1.48 6.69 -14.44
CA THR A 57 -0.56 5.67 -15.00
C THR A 57 0.62 5.44 -14.04
N ARG A 58 1.49 4.54 -14.37
CA ARG A 58 2.66 4.27 -13.48
C ARG A 58 3.24 5.58 -12.94
N GLU A 59 3.37 6.57 -13.79
CA GLU A 59 3.92 7.88 -13.34
C GLU A 59 2.88 8.60 -12.48
N ALA A 60 1.75 8.90 -13.04
CA ALA A 60 0.69 9.59 -12.25
C ALA A 60 0.51 8.90 -10.90
N ALA A 61 0.48 7.60 -10.90
CA ALA A 61 0.32 6.85 -9.62
C ALA A 61 1.28 7.43 -8.58
N VAL A 62 2.55 7.28 -8.79
CA VAL A 62 3.53 7.82 -7.81
C VAL A 62 3.11 9.23 -7.38
N GLU A 63 2.70 10.04 -8.32
CA GLU A 63 2.27 11.42 -7.97
C GLU A 63 1.10 11.34 -6.98
N GLN A 64 0.16 10.47 -7.22
CA GLN A 64 -0.99 10.33 -6.30
C GLN A 64 -0.50 9.88 -4.93
N LEU A 65 0.35 8.89 -4.91
CA LEU A 65 0.88 8.38 -3.62
C LEU A 65 1.72 9.46 -2.94
N LYS A 66 2.42 10.25 -3.72
CA LYS A 66 3.26 11.32 -3.12
C LYS A 66 2.41 12.18 -2.19
N SER A 67 1.41 12.82 -2.72
CA SER A 67 0.52 13.67 -1.87
C SER A 67 -0.07 12.83 -0.74
N ILE A 68 -0.22 11.54 -0.96
CA ILE A 68 -0.79 10.68 0.12
C ILE A 68 0.00 10.90 1.42
N ARG A 69 1.29 10.72 1.38
CA ARG A 69 2.10 10.96 2.60
C ARG A 69 1.81 12.37 3.10
N GLU A 70 1.71 13.30 2.19
CA GLU A 70 1.40 14.71 2.56
C GLU A 70 0.01 14.74 3.19
N ASP A 71 -0.97 14.36 2.46
CA ASP A 71 -2.34 14.34 3.03
C ASP A 71 -2.29 13.56 4.34
N ILE A 72 -1.68 12.40 4.34
CA ILE A 72 -1.56 11.63 5.60
C ILE A 72 -0.76 12.46 6.59
N VAL A 73 0.08 13.32 6.07
CA VAL A 73 0.91 14.19 6.96
C VAL A 73 0.02 15.33 7.48
N SER A 74 -0.44 16.18 6.60
CA SER A 74 -1.32 17.30 7.05
C SER A 74 -2.79 16.93 6.85
N GLY A 75 -3.66 17.35 7.73
CA GLY A 75 -5.09 17.02 7.56
C GLY A 75 -5.48 15.91 8.53
N LYS A 76 -6.32 16.22 9.48
CA LYS A 76 -6.74 15.17 10.47
C LYS A 76 -7.63 14.12 9.79
N ALA A 77 -7.19 13.57 8.70
CA ALA A 77 -8.01 12.54 7.99
C ALA A 77 -7.77 11.16 8.60
N ASN A 78 -8.27 10.13 7.97
CA ASN A 78 -8.07 8.74 8.51
C ASN A 78 -7.19 7.92 7.57
N PHE A 79 -7.44 6.65 7.46
CA PHE A 79 -6.61 5.80 6.56
C PHE A 79 -7.31 4.45 6.29
N GLU A 80 -7.99 3.93 7.26
CA GLU A 80 -8.68 2.62 7.06
C GLU A 80 -9.72 2.74 5.95
N GLU A 81 -10.84 3.36 6.23
CA GLU A 81 -11.89 3.50 5.18
C GLU A 81 -11.24 3.87 3.85
N VAL A 82 -10.34 4.81 3.85
CA VAL A 82 -9.67 5.19 2.58
C VAL A 82 -9.06 3.94 1.95
N ALA A 83 -8.35 3.17 2.73
CA ALA A 83 -7.73 1.92 2.19
C ALA A 83 -8.83 1.01 1.65
N THR A 84 -9.79 0.67 2.46
CA THR A 84 -10.89 -0.22 2.00
C THR A 84 -11.36 0.21 0.60
N ARG A 85 -11.25 1.48 0.31
CA ARG A 85 -11.69 1.97 -1.04
C ARG A 85 -10.51 2.03 -2.00
N VAL A 86 -9.46 2.71 -1.60
CA VAL A 86 -8.26 2.82 -2.47
C VAL A 86 -7.24 1.74 -2.08
N SER A 87 -7.58 0.50 -2.27
CA SER A 87 -6.66 -0.60 -1.88
C SER A 87 -6.51 -1.62 -3.01
N ASP A 88 -5.51 -2.46 -2.94
CA ASP A 88 -5.32 -3.49 -4.00
C ASP A 88 -6.48 -4.50 -3.98
N CYS A 89 -7.66 -4.03 -4.25
CA CYS A 89 -8.83 -4.95 -4.25
C CYS A 89 -8.87 -5.76 -2.95
N SER A 90 -8.22 -6.89 -2.92
CA SER A 90 -8.19 -7.69 -1.67
C SER A 90 -7.89 -6.75 -0.51
N SER A 91 -6.89 -5.93 -0.69
CA SER A 91 -6.55 -4.97 0.39
C SER A 91 -7.82 -4.20 0.77
N ALA A 92 -8.69 -3.94 -0.16
CA ALA A 92 -9.95 -3.25 0.20
C ALA A 92 -10.55 -4.00 1.38
N LYS A 93 -10.45 -5.30 1.35
CA LYS A 93 -10.96 -6.11 2.49
C LYS A 93 -9.98 -5.95 3.66
N ARG A 94 -8.72 -5.72 3.34
CA ARG A 94 -7.67 -5.51 4.38
C ARG A 94 -7.11 -4.09 4.27
N GLY A 95 -7.96 -3.11 4.20
CA GLY A 95 -7.49 -1.70 4.05
C GLY A 95 -6.71 -1.29 5.28
N GLY A 96 -7.02 -1.85 6.41
CA GLY A 96 -6.27 -1.48 7.64
C GLY A 96 -4.78 -1.75 7.44
N ASP A 97 -4.32 -2.88 7.90
CA ASP A 97 -2.86 -3.18 7.73
C ASP A 97 -2.65 -4.69 7.55
N LEU A 98 -1.43 -5.06 7.26
CA LEU A 98 -1.12 -6.51 7.08
C LEU A 98 -1.02 -7.18 8.45
N GLY A 99 -0.06 -6.77 9.21
CA GLY A 99 0.13 -7.34 10.56
C GLY A 99 1.62 -7.58 10.77
N SER A 100 2.09 -8.72 10.36
CA SER A 100 3.53 -9.03 10.51
C SER A 100 3.98 -10.00 9.42
N PHE A 101 5.18 -9.84 8.93
CA PHE A 101 5.69 -10.74 7.86
C PHE A 101 7.20 -10.57 7.73
N GLY A 102 7.96 -11.40 8.37
CA GLY A 102 9.44 -11.25 8.28
C GLY A 102 9.89 -11.31 6.83
N ARG A 103 10.23 -12.47 6.34
CA ARG A 103 10.69 -12.57 4.92
C ARG A 103 9.57 -13.14 4.04
N GLY A 104 9.71 -13.02 2.75
CA GLY A 104 8.67 -13.55 1.82
C GLY A 104 7.42 -12.66 1.90
N GLN A 105 6.25 -13.24 1.78
CA GLN A 105 5.01 -12.43 1.86
C GLN A 105 5.00 -11.36 0.77
N MET A 106 5.65 -10.27 1.05
CA MET A 106 5.70 -9.14 0.09
C MET A 106 7.03 -9.17 -0.67
N GLN A 107 7.43 -10.34 -1.11
CA GLN A 107 8.72 -10.46 -1.86
C GLN A 107 9.81 -9.57 -1.25
N LYS A 108 10.65 -8.98 -2.05
CA LYS A 108 11.75 -8.14 -1.48
C LYS A 108 11.59 -6.62 -1.71
N PRO A 109 10.68 -6.19 -2.55
CA PRO A 109 10.51 -4.73 -2.78
C PRO A 109 9.78 -4.12 -1.59
N PHE A 110 8.63 -4.63 -1.27
CA PHE A 110 7.86 -4.09 -0.11
C PHE A 110 8.62 -4.42 1.17
N GLU A 111 8.85 -5.67 1.42
CA GLU A 111 9.55 -6.08 2.67
C GLU A 111 10.69 -5.11 2.98
N GLU A 112 11.69 -5.06 2.14
CA GLU A 112 12.82 -4.12 2.40
C GLU A 112 12.27 -2.72 2.66
N ALA A 113 11.11 -2.42 2.12
CA ALA A 113 10.51 -1.07 2.34
C ALA A 113 10.14 -0.88 3.82
N THR A 114 9.40 -1.82 4.36
CA THR A 114 9.00 -1.70 5.79
C THR A 114 10.24 -1.83 6.67
N TYR A 115 11.23 -2.54 6.18
CA TYR A 115 12.49 -2.71 6.98
C TYR A 115 13.35 -1.46 6.84
N ALA A 116 13.20 -0.74 5.76
CA ALA A 116 14.01 0.49 5.54
C ALA A 116 13.28 1.73 6.07
N LEU A 117 12.03 1.61 6.40
CA LEU A 117 11.27 2.80 6.89
C LEU A 117 11.54 3.03 8.39
N LYS A 118 11.28 4.22 8.87
CA LYS A 118 11.51 4.52 10.31
C LYS A 118 10.16 4.74 11.02
N VAL A 119 9.76 5.96 11.19
CA VAL A 119 8.45 6.23 11.87
C VAL A 119 7.63 7.24 11.06
N GLY A 120 8.09 8.46 11.00
CA GLY A 120 7.35 9.49 10.22
C GLY A 120 7.77 9.44 8.75
N ASP A 121 7.63 8.31 8.13
CA ASP A 121 8.02 8.19 6.70
C ASP A 121 6.80 7.86 5.85
N ILE A 122 5.88 7.09 6.37
CA ILE A 122 4.67 6.73 5.61
C ILE A 122 5.06 6.04 4.30
N SER A 123 6.29 5.61 4.18
CA SER A 123 6.74 4.93 2.93
C SER A 123 6.58 5.86 1.72
N ASP A 124 5.37 6.09 1.29
CA ASP A 124 5.12 6.98 0.13
C ASP A 124 5.56 6.30 -1.17
N ILE A 125 4.67 6.25 -2.14
CA ILE A 125 5.03 5.61 -3.45
C ILE A 125 5.62 4.22 -3.21
N VAL A 126 4.85 3.19 -3.46
CA VAL A 126 5.37 1.81 -3.26
C VAL A 126 5.06 0.95 -4.48
N ASP A 127 5.41 1.42 -5.65
CA ASP A 127 5.14 0.64 -6.89
C ASP A 127 5.51 -0.84 -6.68
N THR A 128 4.53 -1.67 -6.45
CA THR A 128 4.80 -3.12 -6.25
C THR A 128 3.69 -3.94 -6.90
N ASP A 129 3.55 -5.18 -6.54
CA ASP A 129 2.47 -6.00 -7.15
C ASP A 129 1.17 -5.19 -7.16
N SER A 130 0.25 -5.52 -8.02
CA SER A 130 -1.02 -4.74 -8.08
C SER A 130 -0.76 -3.34 -8.64
N GLY A 131 0.11 -2.61 -8.00
CA GLY A 131 0.42 -1.23 -8.49
C GLY A 131 1.26 -0.51 -7.43
N VAL A 132 1.01 0.75 -7.22
CA VAL A 132 1.77 1.50 -6.19
C VAL A 132 0.97 1.59 -4.90
N HIS A 133 1.55 1.18 -3.80
CA HIS A 133 0.82 1.23 -2.51
C HIS A 133 1.48 2.22 -1.55
N ILE A 134 0.98 2.33 -0.37
CA ILE A 134 1.58 3.24 0.64
C ILE A 134 1.65 2.46 1.96
N ILE A 135 2.54 2.80 2.85
CA ILE A 135 2.62 2.01 4.11
C ILE A 135 2.86 2.91 5.33
N LYS A 136 2.64 2.37 6.49
CA LYS A 136 2.86 3.15 7.75
C LYS A 136 2.88 2.18 8.94
N ARG A 137 3.96 2.14 9.67
CA ARG A 137 4.04 1.20 10.83
C ARG A 137 4.20 1.98 12.14
N THR A 138 5.40 2.39 12.45
CA THR A 138 5.63 3.15 13.72
C THR A 138 4.80 4.43 13.73
N ALA A 139 5.09 5.32 14.65
CA ALA A 139 4.32 6.60 14.72
C ALA A 139 2.88 6.32 15.16
N HIS A 20 17.32 -20.38 16.51
CA HIS A 20 16.41 -19.34 17.08
C HIS A 20 15.18 -19.18 16.20
N MET A 21 14.13 -18.61 16.72
CA MET A 21 12.89 -18.42 15.90
C MET A 21 12.25 -17.06 16.21
N ALA A 22 12.31 -16.63 17.44
CA ALA A 22 11.69 -15.31 17.79
C ALA A 22 12.77 -14.32 18.22
N SER A 23 12.40 -13.31 18.96
CA SER A 23 13.40 -12.31 19.43
C SER A 23 14.34 -11.93 18.28
N ARG A 24 13.81 -11.48 17.18
CA ARG A 24 14.66 -11.10 16.02
C ARG A 24 14.29 -9.70 15.52
N ASP A 25 14.41 -9.46 14.24
CA ASP A 25 14.05 -8.12 13.69
C ASP A 25 12.58 -8.07 13.28
N GLN A 26 12.19 -8.88 12.35
CA GLN A 26 10.77 -8.87 11.90
C GLN A 26 10.38 -7.45 11.48
N VAL A 27 9.22 -7.27 10.89
CA VAL A 27 8.84 -5.90 10.45
C VAL A 27 7.32 -5.70 10.52
N LYS A 28 6.85 -4.89 11.45
CA LYS A 28 5.39 -4.62 11.55
C LYS A 28 5.03 -3.46 10.63
N ALA A 29 3.77 -3.29 10.28
CA ALA A 29 3.40 -2.16 9.38
C ALA A 29 1.98 -2.24 8.86
N SER A 30 1.47 -1.14 8.35
CA SER A 30 0.11 -1.12 7.76
C SER A 30 0.26 -0.94 6.25
N HIS A 31 -0.79 -0.79 5.49
CA HIS A 31 -0.53 -0.63 4.02
C HIS A 31 -1.81 -0.37 3.20
N ILE A 32 -1.64 0.27 2.07
CA ILE A 32 -2.79 0.56 1.15
C ILE A 32 -2.33 0.34 -0.31
N LEU A 33 -3.23 0.41 -1.25
CA LEU A 33 -2.84 0.23 -2.68
C LEU A 33 -3.72 1.10 -3.59
N ILE A 34 -3.20 2.18 -4.08
CA ILE A 34 -4.02 3.06 -4.96
C ILE A 34 -4.31 2.34 -6.29
N LYS A 35 -5.13 2.92 -7.13
CA LYS A 35 -5.45 2.25 -8.42
C LYS A 35 -4.60 2.84 -9.56
N HIS A 36 -4.31 2.05 -10.57
CA HIS A 36 -3.50 2.54 -11.70
C HIS A 36 -3.39 1.48 -12.80
N GLN A 37 -2.57 1.70 -13.79
CA GLN A 37 -2.43 0.70 -14.88
C GLN A 37 -1.29 -0.28 -14.56
N GLY A 38 -1.39 -0.98 -13.46
CA GLY A 38 -0.31 -1.95 -13.11
C GLY A 38 -0.66 -3.33 -13.64
N SER A 39 -0.05 -3.73 -14.72
CA SER A 39 -0.35 -5.08 -15.30
C SER A 39 -1.86 -5.22 -15.52
N ARG A 40 -2.40 -4.51 -16.47
CA ARG A 40 -3.87 -4.60 -16.73
C ARG A 40 -4.65 -4.03 -15.54
N ARG A 41 -4.57 -4.68 -14.41
CA ARG A 41 -5.32 -4.16 -13.22
C ARG A 41 -5.25 -5.19 -12.08
N LYS A 42 -6.09 -6.19 -12.11
CA LYS A 42 -6.07 -7.21 -11.03
C LYS A 42 -7.13 -8.30 -11.33
N ALA A 43 -7.71 -8.86 -10.31
CA ALA A 43 -8.73 -9.92 -10.54
C ALA A 43 -10.11 -9.29 -10.75
N SER A 44 -10.18 -7.98 -10.80
CA SER A 44 -11.49 -7.31 -11.01
C SER A 44 -12.44 -7.65 -9.86
N TRP A 45 -13.21 -6.70 -9.40
CA TRP A 45 -14.15 -6.99 -8.28
C TRP A 45 -15.14 -8.09 -8.69
N LYS A 46 -15.91 -8.58 -7.75
CA LYS A 46 -16.89 -9.65 -8.07
C LYS A 46 -18.19 -9.06 -8.60
N ASP A 47 -18.14 -8.02 -9.38
CA ASP A 47 -19.40 -7.43 -9.93
C ASP A 47 -19.11 -6.17 -10.76
N PRO A 48 -18.65 -5.13 -10.10
CA PRO A 48 -18.36 -3.86 -10.80
C PRO A 48 -17.10 -4.00 -11.66
N GLU A 49 -17.27 -4.06 -12.96
CA GLU A 49 -16.08 -4.18 -13.85
C GLU A 49 -15.36 -2.84 -13.96
N GLY A 50 -14.45 -2.71 -14.88
CA GLY A 50 -13.71 -1.42 -15.03
C GLY A 50 -12.72 -1.53 -16.19
N LYS A 51 -13.10 -1.08 -17.35
CA LYS A 51 -12.18 -1.17 -18.52
C LYS A 51 -12.04 0.20 -19.20
N ILE A 52 -12.84 1.14 -18.82
CA ILE A 52 -12.75 2.50 -19.46
C ILE A 52 -12.68 3.59 -18.39
N ILE A 53 -11.64 3.60 -17.61
CA ILE A 53 -11.51 4.65 -16.56
C ILE A 53 -10.22 5.44 -16.76
N LEU A 54 -9.10 4.78 -16.82
CA LEU A 54 -7.81 5.48 -17.04
C LEU A 54 -7.72 6.71 -16.13
N THR A 55 -8.00 6.57 -14.86
CA THR A 55 -7.92 7.73 -13.94
C THR A 55 -6.48 7.91 -13.45
N THR A 56 -5.63 6.95 -13.71
CA THR A 56 -4.21 7.06 -13.27
C THR A 56 -3.38 5.95 -13.91
N THR A 57 -2.12 6.21 -14.16
CA THR A 57 -1.25 5.16 -14.78
C THR A 57 -0.06 4.85 -13.86
N ARG A 58 0.89 4.10 -14.35
CA ARG A 58 2.07 3.75 -13.51
C ARG A 58 2.74 5.02 -12.96
N GLU A 59 3.23 5.84 -13.83
CA GLU A 59 3.89 7.09 -13.37
C GLU A 59 2.87 7.97 -12.63
N ALA A 60 1.77 8.29 -13.26
CA ALA A 60 0.74 9.11 -12.59
C ALA A 60 0.42 8.54 -11.21
N ALA A 61 0.27 7.25 -11.13
CA ALA A 61 -0.04 6.62 -9.81
C ALA A 61 0.88 7.20 -8.74
N VAL A 62 2.16 7.14 -8.96
CA VAL A 62 3.10 7.71 -7.95
C VAL A 62 2.67 9.15 -7.63
N GLU A 63 2.30 9.89 -8.64
CA GLU A 63 1.85 11.29 -8.40
C GLU A 63 0.62 11.25 -7.50
N GLN A 64 -0.41 10.56 -7.91
CA GLN A 64 -1.62 10.45 -7.08
C GLN A 64 -1.24 9.84 -5.72
N LEU A 65 -0.33 8.91 -5.74
CA LEU A 65 0.13 8.27 -4.49
C LEU A 65 0.98 9.26 -3.70
N LYS A 66 1.40 10.32 -4.34
CA LYS A 66 2.23 11.35 -3.63
C LYS A 66 1.32 12.26 -2.80
N SER A 67 0.16 12.54 -3.30
CA SER A 67 -0.80 13.42 -2.55
C SER A 67 -1.33 12.67 -1.33
N ILE A 68 -1.51 11.38 -1.43
CA ILE A 68 -2.01 10.63 -0.26
C ILE A 68 -0.97 10.65 0.85
N ARG A 69 0.25 10.34 0.54
CA ARG A 69 1.32 10.38 1.58
C ARG A 69 1.48 11.82 2.03
N GLU A 70 1.18 12.73 1.15
CA GLU A 70 1.26 14.18 1.49
C GLU A 70 0.07 14.53 2.39
N ASP A 71 -1.09 14.20 1.93
CA ASP A 71 -2.31 14.47 2.75
C ASP A 71 -2.10 13.91 4.15
N ILE A 72 -1.70 12.66 4.25
CA ILE A 72 -1.46 12.07 5.59
C ILE A 72 -0.22 12.72 6.21
N VAL A 73 0.53 13.45 5.42
CA VAL A 73 1.74 14.14 5.95
C VAL A 73 1.34 15.50 6.53
N SER A 74 0.57 16.26 5.82
CA SER A 74 0.14 17.59 6.33
C SER A 74 -1.23 17.48 7.00
N GLY A 75 -2.04 16.56 6.56
CA GLY A 75 -3.39 16.37 7.14
C GLY A 75 -3.63 14.89 7.39
N LYS A 76 -3.14 14.37 8.48
CA LYS A 76 -3.35 12.93 8.78
C LYS A 76 -4.83 12.66 9.08
N ALA A 77 -5.69 13.00 8.16
CA ALA A 77 -7.14 12.78 8.35
C ALA A 77 -7.42 11.34 8.81
N ASN A 78 -7.47 10.42 7.90
CA ASN A 78 -7.75 9.01 8.28
C ASN A 78 -6.80 8.05 7.56
N PHE A 79 -7.17 6.81 7.45
CA PHE A 79 -6.30 5.83 6.75
C PHE A 79 -6.99 4.47 6.67
N GLU A 80 -7.79 4.14 7.65
CA GLU A 80 -8.50 2.83 7.62
C GLU A 80 -9.39 2.73 6.38
N GLU A 81 -10.60 3.24 6.46
CA GLU A 81 -11.51 3.17 5.28
C GLU A 81 -10.73 3.55 4.02
N VAL A 82 -9.88 4.54 4.10
CA VAL A 82 -9.08 4.93 2.91
C VAL A 82 -8.34 3.71 2.38
N ALA A 83 -7.95 2.83 3.26
CA ALA A 83 -7.23 1.61 2.82
C ALA A 83 -8.22 0.56 2.34
N THR A 84 -9.09 0.11 3.20
CA THR A 84 -10.10 -0.91 2.79
C THR A 84 -10.68 -0.56 1.42
N ARG A 85 -10.67 0.70 1.07
CA ARG A 85 -11.22 1.10 -0.25
C ARG A 85 -10.13 1.12 -1.32
N VAL A 86 -9.08 1.84 -1.07
CA VAL A 86 -7.97 1.94 -2.06
C VAL A 86 -6.86 0.90 -1.75
N SER A 87 -7.21 -0.33 -1.52
CA SER A 87 -6.14 -1.33 -1.20
C SER A 87 -6.22 -2.56 -2.12
N ASP A 88 -5.22 -3.40 -2.03
CA ASP A 88 -5.17 -4.63 -2.90
C ASP A 88 -6.39 -5.53 -2.66
N CYS A 89 -7.45 -5.29 -3.39
CA CYS A 89 -8.70 -6.11 -3.26
C CYS A 89 -8.81 -6.72 -1.85
N SER A 90 -8.26 -7.89 -1.66
CA SER A 90 -8.32 -8.52 -0.31
C SER A 90 -8.02 -7.45 0.74
N SER A 91 -6.91 -6.81 0.61
CA SER A 91 -6.55 -5.73 1.57
C SER A 91 -7.73 -4.76 1.65
N ALA A 92 -8.40 -4.52 0.55
CA ALA A 92 -9.57 -3.60 0.62
C ALA A 92 -10.46 -4.06 1.77
N LYS A 93 -10.40 -5.33 2.07
CA LYS A 93 -11.19 -5.87 3.21
C LYS A 93 -10.31 -5.73 4.46
N ARG A 94 -9.02 -5.82 4.27
CA ARG A 94 -8.06 -5.67 5.40
C ARG A 94 -7.14 -4.47 5.09
N GLY A 95 -7.71 -3.32 4.88
CA GLY A 95 -6.90 -2.12 4.53
C GLY A 95 -6.22 -1.56 5.78
N GLY A 96 -6.60 -2.01 6.93
CA GLY A 96 -5.97 -1.50 8.16
C GLY A 96 -4.46 -1.68 8.05
N ASP A 97 -3.94 -2.73 8.61
CA ASP A 97 -2.48 -2.95 8.54
C ASP A 97 -2.12 -4.43 8.63
N LEU A 98 -0.89 -4.76 8.37
CA LEU A 98 -0.45 -6.17 8.44
C LEU A 98 -0.27 -6.55 9.91
N GLY A 99 0.51 -5.77 10.61
CA GLY A 99 0.77 -6.03 12.05
C GLY A 99 2.24 -6.38 12.20
N SER A 100 2.59 -7.58 11.86
CA SER A 100 4.01 -7.99 11.98
C SER A 100 4.33 -9.13 11.01
N PHE A 101 5.36 -8.98 10.23
CA PHE A 101 5.75 -10.03 9.26
C PHE A 101 7.23 -9.87 8.91
N GLY A 102 7.62 -10.27 7.73
CA GLY A 102 9.06 -10.12 7.36
C GLY A 102 9.40 -11.09 6.23
N ARG A 103 9.62 -12.33 6.55
CA ARG A 103 9.96 -13.32 5.49
C ARG A 103 8.76 -14.23 5.19
N GLY A 104 8.37 -14.31 3.95
CA GLY A 104 7.21 -15.18 3.59
C GLY A 104 5.93 -14.36 3.48
N GLN A 105 6.02 -13.06 3.52
CA GLN A 105 4.79 -12.22 3.42
C GLN A 105 4.96 -11.18 2.29
N MET A 106 5.88 -10.27 2.47
CA MET A 106 6.09 -9.22 1.44
C MET A 106 7.40 -9.50 0.68
N GLN A 107 7.35 -9.44 -0.62
CA GLN A 107 8.58 -9.71 -1.43
C GLN A 107 9.72 -8.76 -1.03
N LYS A 108 10.64 -8.51 -1.92
CA LYS A 108 11.79 -7.61 -1.58
C LYS A 108 11.45 -6.11 -1.73
N PRO A 109 10.45 -5.76 -2.51
CA PRO A 109 10.11 -4.32 -2.68
C PRO A 109 9.40 -3.79 -1.43
N PHE A 110 8.29 -4.36 -1.07
CA PHE A 110 7.59 -3.87 0.15
C PHE A 110 8.51 -4.02 1.35
N GLU A 111 8.98 -5.21 1.59
CA GLU A 111 9.86 -5.45 2.77
C GLU A 111 10.84 -4.29 2.94
N GLU A 112 11.79 -4.16 2.06
CA GLU A 112 12.78 -3.05 2.18
C GLU A 112 12.04 -1.76 2.55
N ALA A 113 10.80 -1.63 2.16
CA ALA A 113 10.03 -0.40 2.48
C ALA A 113 9.81 -0.31 3.99
N THR A 114 9.18 -1.30 4.56
CA THR A 114 8.94 -1.27 6.03
C THR A 114 10.27 -1.41 6.76
N TYR A 115 11.20 -2.08 6.15
CA TYR A 115 12.54 -2.25 6.79
C TYR A 115 13.32 -0.94 6.69
N ALA A 116 13.03 -0.16 5.67
CA ALA A 116 13.74 1.13 5.49
C ALA A 116 13.11 2.23 6.35
N LEU A 117 11.84 2.11 6.64
CA LEU A 117 11.16 3.16 7.47
C LEU A 117 11.34 2.87 8.96
N LYS A 118 10.81 3.72 9.80
CA LYS A 118 10.94 3.50 11.27
C LYS A 118 10.18 4.59 12.03
N VAL A 119 8.88 4.66 11.85
CA VAL A 119 8.07 5.69 12.56
C VAL A 119 8.64 7.09 12.30
N GLY A 120 9.37 7.25 11.22
CA GLY A 120 9.95 8.58 10.90
C GLY A 120 9.34 9.11 9.60
N ASP A 121 8.88 8.23 8.76
CA ASP A 121 8.26 8.68 7.47
C ASP A 121 6.96 7.92 7.22
N ILE A 122 6.36 8.13 6.07
CA ILE A 122 5.09 7.43 5.76
C ILE A 122 5.28 6.53 4.54
N SER A 123 6.47 6.01 4.37
CA SER A 123 6.74 5.12 3.21
C SER A 123 6.43 5.84 1.89
N ASP A 124 7.42 6.30 1.19
CA ASP A 124 7.17 7.01 -0.10
C ASP A 124 6.33 6.12 -1.02
N ILE A 125 6.16 6.53 -2.26
CA ILE A 125 5.35 5.71 -3.20
C ILE A 125 5.89 4.28 -3.30
N VAL A 126 5.22 3.34 -2.69
CA VAL A 126 5.70 1.93 -2.75
C VAL A 126 5.19 1.28 -4.04
N ASP A 127 5.85 1.52 -5.14
CA ASP A 127 5.41 0.93 -6.44
C ASP A 127 6.09 -0.43 -6.67
N THR A 128 5.33 -1.50 -6.63
CA THR A 128 5.92 -2.85 -6.88
C THR A 128 4.80 -3.86 -7.10
N ASP A 129 4.94 -5.05 -6.57
CA ASP A 129 3.88 -6.10 -6.75
C ASP A 129 2.49 -5.46 -6.70
N SER A 130 1.55 -6.01 -7.44
CA SER A 130 0.16 -5.44 -7.44
C SER A 130 0.14 -4.04 -8.05
N GLY A 131 0.93 -3.15 -7.53
CA GLY A 131 0.95 -1.77 -8.08
C GLY A 131 1.66 -0.84 -7.08
N VAL A 132 1.08 0.29 -6.78
CA VAL A 132 1.72 1.21 -5.81
C VAL A 132 0.97 1.16 -4.47
N HIS A 133 1.68 0.94 -3.41
CA HIS A 133 1.02 0.86 -2.08
C HIS A 133 1.54 1.97 -1.15
N ILE A 134 1.04 2.00 0.07
CA ILE A 134 1.50 3.03 1.04
C ILE A 134 1.56 2.39 2.43
N ILE A 135 2.74 2.15 2.93
CA ILE A 135 2.87 1.49 4.27
C ILE A 135 2.97 2.54 5.38
N LYS A 136 2.45 2.23 6.54
CA LYS A 136 2.51 3.20 7.67
C LYS A 136 2.82 2.46 8.98
N ARG A 137 4.03 2.55 9.45
CA ARG A 137 4.39 1.87 10.73
C ARG A 137 4.49 2.89 11.87
N THR A 138 3.48 2.96 12.69
CA THR A 138 3.52 3.93 13.84
C THR A 138 4.12 5.27 13.39
N ALA A 139 3.93 5.63 12.15
CA ALA A 139 4.48 6.93 11.66
C ALA A 139 3.35 7.84 11.18
N HIS A 20 17.89 -19.25 14.85
CA HIS A 20 16.44 -19.24 15.17
C HIS A 20 16.21 -19.56 16.66
N MET A 21 14.98 -19.64 17.07
CA MET A 21 14.68 -19.94 18.49
C MET A 21 15.39 -18.94 19.41
N ALA A 22 15.18 -17.67 19.21
CA ALA A 22 15.83 -16.65 20.08
C ALA A 22 15.10 -15.32 19.96
N SER A 23 15.71 -14.25 20.38
CA SER A 23 15.03 -12.92 20.29
C SER A 23 14.52 -12.68 18.86
N ARG A 24 13.33 -12.18 18.73
CA ARG A 24 12.78 -11.93 17.36
C ARG A 24 12.57 -10.44 17.13
N ASP A 25 11.95 -10.08 16.05
CA ASP A 25 11.72 -8.63 15.76
C ASP A 25 10.58 -8.46 14.74
N GLN A 26 10.74 -9.01 13.58
CA GLN A 26 9.68 -8.90 12.54
C GLN A 26 9.47 -7.43 12.14
N VAL A 27 8.81 -7.20 11.04
CA VAL A 27 8.57 -5.79 10.60
C VAL A 27 7.07 -5.50 10.52
N LYS A 28 6.50 -5.00 11.60
CA LYS A 28 5.04 -4.69 11.57
C LYS A 28 4.79 -3.53 10.61
N ALA A 29 3.56 -3.32 10.19
CA ALA A 29 3.31 -2.18 9.25
C ALA A 29 1.88 -2.19 8.70
N SER A 30 1.52 -1.15 8.00
CA SER A 30 0.17 -1.05 7.39
C SER A 30 0.31 -0.82 5.89
N HIS A 31 -0.75 -0.59 5.16
CA HIS A 31 -0.56 -0.37 3.70
C HIS A 31 -1.86 0.02 2.99
N ILE A 32 -1.74 0.65 1.85
CA ILE A 32 -2.93 1.05 1.05
C ILE A 32 -2.61 0.88 -0.44
N LEU A 33 -3.58 1.05 -1.31
CA LEU A 33 -3.31 0.91 -2.76
C LEU A 33 -4.23 1.84 -3.57
N ILE A 34 -3.69 2.51 -4.55
CA ILE A 34 -4.53 3.41 -5.37
C ILE A 34 -4.64 2.87 -6.81
N LYS A 35 -3.91 1.84 -7.11
CA LYS A 35 -3.96 1.24 -8.47
C LYS A 35 -3.45 2.25 -9.52
N HIS A 36 -3.13 1.78 -10.69
CA HIS A 36 -2.62 2.70 -11.75
C HIS A 36 -2.38 1.92 -13.06
N GLN A 37 -1.47 2.38 -13.87
CA GLN A 37 -1.20 1.67 -15.15
C GLN A 37 -0.63 0.27 -14.87
N GLY A 38 0.65 0.16 -14.69
CA GLY A 38 1.26 -1.17 -14.41
C GLY A 38 1.08 -2.08 -15.63
N SER A 39 0.67 -3.30 -15.43
CA SER A 39 0.49 -4.22 -16.58
C SER A 39 -0.38 -5.42 -16.17
N ARG A 40 -1.57 -5.52 -16.71
CA ARG A 40 -2.45 -6.67 -16.36
C ARG A 40 -3.77 -6.58 -17.13
N ARG A 41 -4.80 -7.21 -16.65
CA ARG A 41 -6.12 -7.17 -17.37
C ARG A 41 -6.92 -5.94 -16.92
N LYS A 42 -7.64 -6.06 -15.84
CA LYS A 42 -8.46 -4.91 -15.36
C LYS A 42 -7.88 -4.36 -14.06
N ALA A 43 -6.81 -4.94 -13.58
CA ALA A 43 -6.18 -4.44 -12.32
C ALA A 43 -7.07 -4.76 -11.11
N SER A 44 -7.15 -6.01 -10.72
CA SER A 44 -7.98 -6.38 -9.54
C SER A 44 -9.46 -6.13 -9.82
N TRP A 45 -10.33 -6.62 -8.96
CA TRP A 45 -11.79 -6.41 -9.16
C TRP A 45 -12.23 -6.97 -10.51
N LYS A 46 -13.52 -6.97 -10.78
CA LYS A 46 -14.01 -7.53 -12.08
C LYS A 46 -15.47 -7.13 -12.33
N ASP A 47 -16.40 -7.85 -11.77
CA ASP A 47 -17.84 -7.53 -11.99
C ASP A 47 -18.19 -6.14 -11.42
N PRO A 48 -17.77 -5.90 -10.20
CA PRO A 48 -18.07 -4.59 -9.55
C PRO A 48 -17.20 -3.48 -10.15
N GLU A 49 -17.81 -2.58 -10.88
CA GLU A 49 -17.04 -1.45 -11.50
C GLU A 49 -17.91 -0.72 -12.53
N GLY A 50 -18.65 -1.45 -13.31
CA GLY A 50 -19.51 -0.80 -14.34
C GLY A 50 -18.69 -0.54 -15.60
N LYS A 51 -18.28 0.69 -15.81
CA LYS A 51 -17.47 1.01 -17.01
C LYS A 51 -16.03 0.56 -16.82
N ILE A 52 -15.36 0.21 -17.89
CA ILE A 52 -13.94 -0.25 -17.76
C ILE A 52 -12.98 0.90 -18.09
N ILE A 53 -13.14 2.02 -17.44
CA ILE A 53 -12.23 3.18 -17.73
C ILE A 53 -10.97 3.09 -16.85
N LEU A 54 -9.82 3.17 -17.45
CA LEU A 54 -8.56 3.10 -16.66
C LEU A 54 -7.85 4.46 -16.65
N THR A 55 -7.36 4.88 -15.51
CA THR A 55 -6.66 6.19 -15.44
C THR A 55 -5.45 6.10 -14.51
N THR A 56 -5.03 7.21 -13.95
CA THR A 56 -3.86 7.20 -13.03
C THR A 56 -2.75 6.28 -13.58
N THR A 57 -1.80 6.84 -14.28
CA THR A 57 -0.70 6.00 -14.83
C THR A 57 0.50 6.02 -13.88
N ARG A 58 1.62 5.50 -14.31
CA ARG A 58 2.82 5.49 -13.42
C ARG A 58 3.11 6.91 -12.93
N GLU A 59 3.26 7.82 -13.84
CA GLU A 59 3.54 9.23 -13.44
C GLU A 59 2.38 9.75 -12.58
N ALA A 60 1.19 9.67 -13.08
CA ALA A 60 0.02 10.14 -12.30
C ALA A 60 -0.06 9.41 -10.97
N ALA A 61 0.08 8.12 -11.00
CA ALA A 61 0.02 7.32 -9.74
C ALA A 61 0.90 7.98 -8.67
N VAL A 62 2.18 7.96 -8.85
CA VAL A 62 3.09 8.58 -7.85
C VAL A 62 2.54 9.95 -7.45
N GLU A 63 2.00 10.68 -8.39
CA GLU A 63 1.44 12.01 -8.06
C GLU A 63 0.26 11.84 -7.10
N GLN A 64 -0.68 11.01 -7.46
CA GLN A 64 -1.84 10.78 -6.56
C GLN A 64 -1.34 10.39 -5.18
N LEU A 65 -0.22 9.71 -5.12
CA LEU A 65 0.35 9.31 -3.81
C LEU A 65 1.18 10.45 -3.24
N LYS A 66 1.83 11.20 -4.10
CA LYS A 66 2.64 12.34 -3.62
C LYS A 66 1.80 13.21 -2.69
N SER A 67 0.53 13.38 -3.01
CA SER A 67 -0.35 14.20 -2.15
C SER A 67 -0.88 13.37 -0.99
N ILE A 68 -1.15 12.11 -1.20
CA ILE A 68 -1.64 11.26 -0.09
C ILE A 68 -0.59 11.22 1.02
N ARG A 69 0.63 10.94 0.67
CA ARG A 69 1.70 10.92 1.71
C ARG A 69 1.78 12.33 2.31
N GLU A 70 1.53 13.32 1.52
CA GLU A 70 1.54 14.72 2.01
C GLU A 70 0.35 14.93 2.94
N ASP A 71 -0.83 14.79 2.42
CA ASP A 71 -2.03 14.97 3.29
C ASP A 71 -1.85 14.11 4.54
N ILE A 72 -1.41 12.90 4.38
CA ILE A 72 -1.18 12.04 5.58
C ILE A 72 0.01 12.59 6.36
N VAL A 73 0.93 13.20 5.65
CA VAL A 73 2.11 13.80 6.34
C VAL A 73 1.62 14.88 7.30
N SER A 74 0.76 15.75 6.84
CA SER A 74 0.22 16.81 7.74
C SER A 74 -1.13 16.36 8.30
N GLY A 75 -1.34 16.54 9.56
CA GLY A 75 -2.63 16.11 10.15
C GLY A 75 -2.63 14.60 10.19
N LYS A 76 -2.53 14.01 11.35
CA LYS A 76 -2.52 12.53 11.45
C LYS A 76 -3.88 11.96 11.02
N ALA A 77 -4.33 12.31 9.85
CA ALA A 77 -5.63 11.80 9.36
C ALA A 77 -5.73 10.28 9.57
N ASN A 78 -6.87 9.70 9.33
CA ASN A 78 -7.02 8.23 9.53
C ASN A 78 -6.17 7.48 8.50
N PHE A 79 -6.52 6.26 8.22
CA PHE A 79 -5.72 5.46 7.24
C PHE A 79 -6.41 4.12 6.95
N GLU A 80 -7.07 3.56 7.93
CA GLU A 80 -7.76 2.26 7.71
C GLU A 80 -8.94 2.42 6.76
N GLU A 81 -10.03 2.96 7.22
CA GLU A 81 -11.23 3.15 6.35
C GLU A 81 -10.78 3.58 4.95
N VAL A 82 -9.91 4.55 4.87
CA VAL A 82 -9.43 5.01 3.53
C VAL A 82 -8.92 3.82 2.74
N ALA A 83 -8.16 2.96 3.37
CA ALA A 83 -7.62 1.77 2.66
C ALA A 83 -8.76 0.84 2.25
N THR A 84 -9.61 0.49 3.18
CA THR A 84 -10.75 -0.42 2.85
C THR A 84 -11.36 -0.06 1.49
N ARG A 85 -11.35 1.19 1.14
CA ARG A 85 -11.92 1.59 -0.18
C ARG A 85 -10.83 1.60 -1.26
N VAL A 86 -9.79 2.34 -1.04
CA VAL A 86 -8.67 2.39 -2.03
C VAL A 86 -7.57 1.41 -1.63
N SER A 87 -7.86 0.14 -1.68
CA SER A 87 -6.85 -0.88 -1.27
C SER A 87 -6.74 -2.00 -2.32
N ASP A 88 -5.85 -2.94 -2.09
CA ASP A 88 -5.69 -4.07 -3.05
C ASP A 88 -6.85 -5.05 -2.92
N CYS A 89 -8.02 -4.65 -3.33
CA CYS A 89 -9.21 -5.54 -3.24
C CYS A 89 -9.20 -6.30 -1.91
N SER A 90 -8.61 -7.46 -1.89
CA SER A 90 -8.55 -8.23 -0.61
C SER A 90 -8.14 -7.27 0.49
N SER A 91 -7.15 -6.47 0.22
CA SER A 91 -6.70 -5.47 1.22
C SER A 91 -7.90 -4.61 1.64
N ALA A 92 -8.81 -4.34 0.76
CA ALA A 92 -9.99 -3.55 1.19
C ALA A 92 -10.55 -4.22 2.43
N LYS A 93 -10.51 -5.53 2.46
CA LYS A 93 -10.99 -6.27 3.65
C LYS A 93 -10.00 -6.02 4.79
N ARG A 94 -8.76 -5.77 4.43
CA ARG A 94 -7.69 -5.49 5.43
C ARG A 94 -7.05 -4.14 5.10
N GLY A 95 -7.85 -3.13 4.91
CA GLY A 95 -7.31 -1.78 4.52
C GLY A 95 -6.49 -1.21 5.66
N GLY A 96 -6.76 -1.61 6.86
CA GLY A 96 -5.98 -1.08 8.00
C GLY A 96 -4.50 -1.36 7.77
N ASP A 97 -3.99 -2.37 8.38
CA ASP A 97 -2.56 -2.70 8.20
C ASP A 97 -2.35 -4.21 8.20
N LEU A 98 -1.11 -4.63 8.21
CA LEU A 98 -0.82 -6.09 8.21
C LEU A 98 -0.69 -6.57 9.65
N GLY A 99 0.27 -6.04 10.36
CA GLY A 99 0.49 -6.42 11.77
C GLY A 99 1.98 -6.64 11.99
N SER A 100 2.44 -7.83 11.72
CA SER A 100 3.88 -8.12 11.90
C SER A 100 4.34 -9.24 10.96
N PHE A 101 5.31 -8.97 10.12
CA PHE A 101 5.81 -10.01 9.19
C PHE A 101 7.27 -9.75 8.87
N GLY A 102 7.73 -10.13 7.71
CA GLY A 102 9.17 -9.88 7.37
C GLY A 102 9.77 -11.15 6.77
N ARG A 103 9.93 -12.17 7.57
CA ARG A 103 10.50 -13.45 7.04
C ARG A 103 9.49 -14.09 6.08
N GLY A 104 9.15 -13.39 5.03
CA GLY A 104 8.17 -13.94 4.05
C GLY A 104 7.06 -12.91 3.84
N GLN A 105 6.06 -13.24 3.07
CA GLN A 105 4.96 -12.28 2.82
C GLN A 105 5.46 -11.06 2.07
N MET A 106 4.57 -10.23 1.63
CA MET A 106 4.98 -8.98 0.93
C MET A 106 6.20 -9.23 0.03
N GLN A 107 6.38 -10.43 -0.44
CA GLN A 107 7.54 -10.73 -1.33
C GLN A 107 8.79 -9.95 -0.86
N LYS A 108 9.69 -9.63 -1.76
CA LYS A 108 10.94 -8.90 -1.33
C LYS A 108 10.85 -7.37 -1.53
N PRO A 109 9.91 -6.88 -2.33
CA PRO A 109 9.83 -5.42 -2.55
C PRO A 109 9.23 -4.71 -1.33
N PHE A 110 7.96 -4.90 -1.07
CA PHE A 110 7.35 -4.22 0.10
C PHE A 110 8.27 -4.36 1.32
N GLU A 111 8.62 -5.55 1.66
CA GLU A 111 9.50 -5.76 2.85
C GLU A 111 10.60 -4.70 2.90
N GLU A 112 11.47 -4.69 1.94
CA GLU A 112 12.56 -3.68 1.95
C GLU A 112 11.95 -2.29 2.18
N ALA A 113 10.69 -2.11 1.86
CA ALA A 113 10.04 -0.79 2.07
C ALA A 113 9.85 -0.53 3.56
N THR A 114 9.18 -1.40 4.24
CA THR A 114 8.98 -1.20 5.70
C THR A 114 10.32 -1.35 6.42
N TYR A 115 11.19 -2.16 5.87
CA TYR A 115 12.53 -2.34 6.51
C TYR A 115 13.40 -1.12 6.20
N ALA A 116 13.16 -0.48 5.09
CA ALA A 116 13.97 0.72 4.72
C ALA A 116 13.39 1.97 5.37
N LEU A 117 12.09 2.02 5.51
CA LEU A 117 11.45 3.22 6.13
C LEU A 117 11.34 3.03 7.65
N LYS A 118 11.73 4.02 8.41
CA LYS A 118 11.65 3.89 9.89
C LYS A 118 10.25 4.31 10.38
N VAL A 119 10.04 5.59 10.53
CA VAL A 119 8.70 6.07 11.00
C VAL A 119 8.62 7.59 10.87
N GLY A 120 7.86 8.06 9.91
CA GLY A 120 7.75 9.54 9.72
C GLY A 120 7.79 9.86 8.22
N ASP A 121 8.09 8.89 7.41
CA ASP A 121 8.13 9.14 5.94
C ASP A 121 6.79 8.78 5.29
N ILE A 122 6.15 7.77 5.79
CA ILE A 122 4.83 7.34 5.22
C ILE A 122 5.00 6.75 3.81
N SER A 123 6.20 6.39 3.46
CA SER A 123 6.43 5.79 2.11
C SER A 123 5.78 6.64 1.02
N ASP A 124 6.54 7.44 0.32
CA ASP A 124 5.96 8.28 -0.75
C ASP A 124 5.19 7.41 -1.75
N ILE A 125 5.85 6.44 -2.34
CA ILE A 125 5.17 5.54 -3.31
C ILE A 125 5.77 4.14 -3.23
N VAL A 126 4.94 3.12 -3.34
CA VAL A 126 5.47 1.73 -3.26
C VAL A 126 4.99 0.90 -4.46
N ASP A 127 5.45 1.23 -5.64
CA ASP A 127 5.02 0.45 -6.85
C ASP A 127 5.35 -1.03 -6.67
N THR A 128 4.36 -1.85 -6.49
CA THR A 128 4.60 -3.31 -6.32
C THR A 128 3.45 -4.09 -6.94
N ASP A 129 3.27 -5.33 -6.58
CA ASP A 129 2.16 -6.12 -7.15
C ASP A 129 0.88 -5.27 -7.19
N SER A 130 0.02 -5.52 -8.13
CA SER A 130 -1.23 -4.72 -8.23
C SER A 130 -0.93 -3.30 -8.70
N GLY A 131 -0.08 -2.60 -7.98
CA GLY A 131 0.26 -1.21 -8.39
C GLY A 131 1.00 -0.51 -7.25
N VAL A 132 0.94 0.80 -7.21
CA VAL A 132 1.65 1.55 -6.13
C VAL A 132 0.86 1.49 -4.82
N HIS A 133 1.53 1.18 -3.74
CA HIS A 133 0.84 1.10 -2.42
C HIS A 133 1.34 2.22 -1.51
N ILE A 134 1.07 2.11 -0.23
CA ILE A 134 1.52 3.16 0.73
C ILE A 134 1.62 2.52 2.13
N ILE A 135 2.81 2.24 2.58
CA ILE A 135 2.96 1.59 3.92
C ILE A 135 2.88 2.63 5.04
N LYS A 136 2.60 2.18 6.24
CA LYS A 136 2.52 3.10 7.40
C LYS A 136 2.95 2.37 8.67
N ARG A 137 3.94 2.86 9.36
CA ARG A 137 4.41 2.18 10.59
C ARG A 137 4.21 3.08 11.82
N THR A 138 4.80 2.73 12.92
CA THR A 138 4.64 3.57 14.15
C THR A 138 4.76 5.06 13.80
N ALA A 139 4.12 5.91 14.54
CA ALA A 139 4.19 7.36 14.24
C ALA A 139 3.33 8.15 15.23
N HIS A 20 16.16 -20.18 20.71
CA HIS A 20 14.76 -19.94 20.25
C HIS A 20 14.35 -18.49 20.53
N MET A 21 15.20 -17.55 20.20
CA MET A 21 14.86 -16.12 20.45
C MET A 21 16.04 -15.22 20.03
N ALA A 22 16.65 -15.52 18.91
CA ALA A 22 17.80 -14.69 18.45
C ALA A 22 17.30 -13.37 17.84
N SER A 23 17.08 -12.38 18.67
CA SER A 23 16.59 -11.08 18.15
C SER A 23 15.32 -11.27 17.31
N ARG A 24 15.04 -10.36 16.43
CA ARG A 24 13.82 -10.50 15.59
C ARG A 24 14.21 -10.69 14.11
N ASP A 25 13.24 -10.67 13.24
CA ASP A 25 13.55 -10.85 11.79
C ASP A 25 12.34 -10.44 10.94
N GLN A 26 11.16 -10.72 11.42
CA GLN A 26 9.94 -10.35 10.65
C GLN A 26 9.82 -8.83 10.56
N VAL A 27 8.91 -8.35 9.76
CA VAL A 27 8.74 -6.88 9.62
C VAL A 27 7.26 -6.52 9.61
N LYS A 28 6.72 -6.11 10.72
CA LYS A 28 5.29 -5.74 10.75
C LYS A 28 5.07 -4.45 9.98
N ALA A 29 3.88 -4.20 9.49
CA ALA A 29 3.65 -2.94 8.73
C ALA A 29 2.23 -2.87 8.17
N SER A 30 1.88 -1.72 7.66
CA SER A 30 0.53 -1.56 7.05
C SER A 30 0.69 -1.09 5.61
N HIS A 31 -0.37 -0.90 4.87
CA HIS A 31 -0.16 -0.44 3.46
C HIS A 31 -1.48 -0.29 2.70
N ILE A 32 -1.42 0.38 1.57
CA ILE A 32 -2.62 0.58 0.71
C ILE A 32 -2.22 0.41 -0.76
N LEU A 33 -3.16 0.42 -1.67
CA LEU A 33 -2.79 0.26 -3.11
C LEU A 33 -3.57 1.22 -4.01
N ILE A 34 -2.89 1.92 -4.88
CA ILE A 34 -3.59 2.85 -5.80
C ILE A 34 -3.55 2.28 -7.22
N LYS A 35 -4.58 2.51 -8.00
CA LYS A 35 -4.59 1.98 -9.40
C LYS A 35 -3.72 2.84 -10.32
N HIS A 36 -3.34 2.32 -11.45
CA HIS A 36 -2.50 3.11 -12.39
C HIS A 36 -2.23 2.31 -13.68
N GLN A 37 -1.10 2.53 -14.29
CA GLN A 37 -0.78 1.78 -15.53
C GLN A 37 0.18 0.62 -15.23
N GLY A 38 -0.34 -0.46 -14.73
CA GLY A 38 0.53 -1.63 -14.41
C GLY A 38 0.47 -2.65 -15.55
N SER A 39 0.07 -3.85 -15.28
CA SER A 39 0.00 -4.88 -16.35
C SER A 39 -1.46 -5.27 -16.61
N ARG A 40 -2.25 -5.40 -15.59
CA ARG A 40 -3.68 -5.78 -15.78
C ARG A 40 -4.47 -5.56 -14.49
N ARG A 41 -5.76 -5.36 -14.60
CA ARG A 41 -6.58 -5.14 -13.37
C ARG A 41 -6.57 -6.40 -12.49
N LYS A 42 -7.49 -6.50 -11.58
CA LYS A 42 -7.53 -7.70 -10.70
C LYS A 42 -8.79 -8.53 -11.00
N ALA A 43 -9.22 -9.33 -10.05
CA ALA A 43 -10.44 -10.15 -10.29
C ALA A 43 -11.69 -9.29 -10.15
N SER A 44 -12.73 -9.80 -9.52
CA SER A 44 -13.97 -9.01 -9.36
C SER A 44 -14.30 -8.86 -7.87
N TRP A 45 -15.47 -8.34 -7.57
CA TRP A 45 -15.86 -8.16 -6.14
C TRP A 45 -17.33 -8.54 -5.96
N LYS A 46 -18.18 -8.02 -6.77
CA LYS A 46 -19.63 -8.34 -6.67
C LYS A 46 -20.41 -7.62 -7.77
N ASP A 47 -19.96 -6.45 -8.15
CA ASP A 47 -20.67 -5.70 -9.23
C ASP A 47 -20.03 -6.01 -10.59
N PRO A 48 -20.73 -5.64 -11.63
CA PRO A 48 -20.22 -5.89 -13.00
C PRO A 48 -19.07 -4.93 -13.33
N GLU A 49 -17.86 -5.40 -13.27
CA GLU A 49 -16.70 -4.52 -13.58
C GLU A 49 -16.92 -3.80 -14.91
N GLY A 50 -15.97 -3.03 -15.35
CA GLY A 50 -16.13 -2.31 -16.64
C GLY A 50 -14.97 -2.67 -17.57
N LYS A 51 -14.81 -1.94 -18.65
CA LYS A 51 -13.71 -2.24 -19.59
C LYS A 51 -12.36 -1.92 -18.96
N ILE A 52 -11.85 -0.74 -19.16
CA ILE A 52 -10.53 -0.36 -18.56
C ILE A 52 -10.53 1.11 -18.15
N ILE A 53 -10.06 1.40 -16.96
CA ILE A 53 -10.05 2.81 -16.51
C ILE A 53 -8.75 3.51 -16.94
N LEU A 54 -8.87 4.62 -17.61
CA LEU A 54 -7.64 5.35 -18.06
C LEU A 54 -7.53 6.69 -17.34
N THR A 55 -7.20 6.67 -16.07
CA THR A 55 -7.10 7.95 -15.32
C THR A 55 -5.73 8.07 -14.65
N THR A 56 -5.33 7.07 -13.91
CA THR A 56 -4.00 7.13 -13.23
C THR A 56 -2.95 6.35 -14.02
N THR A 57 -1.80 6.95 -14.25
CA THR A 57 -0.73 6.24 -15.00
C THR A 57 0.52 6.10 -14.12
N ARG A 58 1.62 5.71 -14.69
CA ARG A 58 2.86 5.56 -13.88
C ARG A 58 3.23 6.90 -13.23
N GLU A 59 3.37 7.93 -14.01
CA GLU A 59 3.70 9.26 -13.43
C GLU A 59 2.58 9.73 -12.51
N ALA A 60 1.38 9.78 -13.02
CA ALA A 60 0.23 10.22 -12.17
C ALA A 60 0.20 9.41 -10.88
N ALA A 61 0.28 8.11 -10.97
CA ALA A 61 0.27 7.27 -9.74
C ALA A 61 1.20 7.87 -8.69
N VAL A 62 2.47 7.87 -8.95
CA VAL A 62 3.43 8.45 -7.97
C VAL A 62 2.91 9.79 -7.47
N GLU A 63 2.37 10.59 -8.35
CA GLU A 63 1.82 11.91 -7.91
C GLU A 63 0.69 11.68 -6.91
N GLN A 64 -0.24 10.83 -7.24
CA GLN A 64 -1.35 10.56 -6.30
C GLN A 64 -0.76 10.15 -4.95
N LEU A 65 0.40 9.53 -4.97
CA LEU A 65 1.06 9.13 -3.71
C LEU A 65 1.84 10.31 -3.15
N LYS A 66 2.41 11.11 -4.01
CA LYS A 66 3.18 12.29 -3.52
C LYS A 66 2.38 13.03 -2.45
N SER A 67 1.15 13.32 -2.73
CA SER A 67 0.28 14.02 -1.74
C SER A 67 -0.19 13.03 -0.69
N ILE A 68 -0.49 11.82 -1.08
CA ILE A 68 -0.97 10.83 -0.08
C ILE A 68 0.01 10.78 1.09
N ARG A 69 1.26 10.59 0.82
CA ARG A 69 2.27 10.56 1.92
C ARG A 69 2.21 11.90 2.66
N GLU A 70 2.09 12.97 1.94
CA GLU A 70 2.00 14.32 2.56
C GLU A 70 0.74 14.38 3.41
N ASP A 71 -0.37 14.08 2.82
CA ASP A 71 -1.64 14.09 3.61
C ASP A 71 -1.51 13.09 4.74
N ILE A 72 -1.04 11.91 4.45
CA ILE A 72 -0.85 10.92 5.54
C ILE A 72 0.19 11.47 6.51
N VAL A 73 1.02 12.35 6.03
CA VAL A 73 2.06 12.97 6.89
C VAL A 73 1.40 13.95 7.86
N SER A 74 0.82 15.01 7.35
CA SER A 74 0.15 15.99 8.26
C SER A 74 -1.36 15.73 8.30
N GLY A 75 -2.07 16.50 9.07
CA GLY A 75 -3.53 16.30 9.16
C GLY A 75 -3.81 14.96 9.79
N LYS A 76 -4.24 14.95 11.02
CA LYS A 76 -4.55 13.66 11.69
C LYS A 76 -5.74 12.98 11.01
N ALA A 77 -5.71 12.84 9.72
CA ALA A 77 -6.83 12.20 9.00
C ALA A 77 -6.92 10.71 9.33
N ASN A 78 -7.69 9.98 8.58
CA ASN A 78 -7.83 8.52 8.84
C ASN A 78 -6.88 7.72 7.94
N PHE A 79 -7.21 6.50 7.63
CA PHE A 79 -6.33 5.68 6.76
C PHE A 79 -6.97 4.31 6.47
N GLU A 80 -7.72 3.79 7.39
CA GLU A 80 -8.36 2.47 7.17
C GLU A 80 -9.37 2.54 6.02
N GLU A 81 -10.49 3.17 6.23
CA GLU A 81 -11.51 3.27 5.15
C GLU A 81 -10.83 3.52 3.81
N VAL A 82 -9.91 4.45 3.76
CA VAL A 82 -9.20 4.73 2.48
C VAL A 82 -8.61 3.43 1.93
N ALA A 83 -7.88 2.73 2.75
CA ALA A 83 -7.27 1.45 2.29
C ALA A 83 -8.37 0.46 1.86
N THR A 84 -9.34 0.24 2.69
CA THR A 84 -10.44 -0.71 2.32
C THR A 84 -10.88 -0.47 0.87
N ARG A 85 -10.79 0.76 0.41
CA ARG A 85 -11.21 1.04 -0.98
C ARG A 85 -9.99 1.02 -1.92
N VAL A 86 -8.99 1.79 -1.62
CA VAL A 86 -7.78 1.83 -2.49
C VAL A 86 -6.73 0.83 -2.00
N SER A 87 -7.09 -0.42 -1.84
CA SER A 87 -6.09 -1.41 -1.36
C SER A 87 -6.02 -2.61 -2.31
N ASP A 88 -4.96 -3.38 -2.22
CA ASP A 88 -4.81 -4.57 -3.12
C ASP A 88 -5.94 -5.57 -2.89
N CYS A 89 -7.09 -5.31 -3.46
CA CYS A 89 -8.25 -6.23 -3.29
C CYS A 89 -8.27 -6.84 -1.89
N SER A 90 -7.64 -7.98 -1.72
CA SER A 90 -7.60 -8.60 -0.37
C SER A 90 -7.28 -7.51 0.65
N SER A 91 -6.27 -6.74 0.37
CA SER A 91 -5.91 -5.63 1.29
C SER A 91 -7.16 -4.80 1.58
N ALA A 92 -8.01 -4.63 0.60
CA ALA A 92 -9.26 -3.87 0.87
C ALA A 92 -9.89 -4.43 2.13
N LYS A 93 -9.89 -5.73 2.25
CA LYS A 93 -10.45 -6.36 3.48
C LYS A 93 -9.51 -6.04 4.65
N ARG A 94 -8.25 -5.86 4.33
CA ARG A 94 -7.24 -5.53 5.38
C ARG A 94 -6.68 -4.13 5.09
N GLY A 95 -7.54 -3.19 4.80
CA GLY A 95 -7.08 -1.81 4.49
C GLY A 95 -6.17 -1.33 5.62
N GLY A 96 -6.31 -1.92 6.76
CA GLY A 96 -5.46 -1.52 7.92
C GLY A 96 -3.99 -1.84 7.60
N ASP A 97 -3.51 -2.94 8.08
CA ASP A 97 -2.09 -3.27 7.82
C ASP A 97 -1.87 -4.78 7.65
N LEU A 98 -0.69 -5.17 7.27
CA LEU A 98 -0.39 -6.62 7.10
C LEU A 98 -0.33 -7.26 8.48
N GLY A 99 0.56 -6.77 9.30
CA GLY A 99 0.74 -7.32 10.66
C GLY A 99 2.20 -7.60 10.86
N SER A 100 2.63 -8.77 10.47
CA SER A 100 4.06 -9.13 10.62
C SER A 100 4.48 -10.12 9.53
N PHE A 101 5.57 -9.85 8.87
CA PHE A 101 6.03 -10.77 7.78
C PHE A 101 7.51 -10.50 7.47
N GLY A 102 7.89 -10.50 6.22
CA GLY A 102 9.32 -10.25 5.88
C GLY A 102 9.77 -11.24 4.81
N ARG A 103 9.11 -12.36 4.70
CA ARG A 103 9.51 -13.37 3.67
C ARG A 103 8.37 -14.37 3.45
N GLY A 104 7.58 -14.15 2.43
CA GLY A 104 6.45 -15.09 2.15
C GLY A 104 5.18 -14.28 1.85
N GLN A 105 5.22 -13.01 2.08
CA GLN A 105 4.02 -12.15 1.81
C GLN A 105 4.36 -11.11 0.75
N MET A 106 5.31 -10.27 1.07
CA MET A 106 5.71 -9.20 0.14
C MET A 106 6.48 -9.77 -1.05
N GLN A 107 7.38 -9.03 -1.63
CA GLN A 107 8.15 -9.55 -2.79
C GLN A 107 9.64 -9.20 -2.68
N LYS A 108 9.93 -7.96 -2.40
CA LYS A 108 11.36 -7.55 -2.27
C LYS A 108 11.48 -6.02 -2.12
N PRO A 109 10.90 -5.30 -3.04
CA PRO A 109 10.96 -3.82 -2.98
C PRO A 109 10.19 -3.31 -1.75
N PHE A 110 9.03 -3.85 -1.49
CA PHE A 110 8.28 -3.38 -0.29
C PHE A 110 9.09 -3.69 0.96
N GLU A 111 9.44 -4.92 1.15
CA GLU A 111 10.22 -5.30 2.37
C GLU A 111 11.30 -4.26 2.67
N GLU A 112 12.30 -4.19 1.85
CA GLU A 112 13.37 -3.18 2.11
C GLU A 112 12.73 -1.84 2.48
N ALA A 113 11.54 -1.59 2.02
CA ALA A 113 10.86 -0.32 2.37
C ALA A 113 10.51 -0.32 3.85
N THR A 114 9.75 -1.27 4.29
CA THR A 114 9.39 -1.34 5.73
C THR A 114 10.64 -1.64 6.54
N TYR A 115 11.51 -2.45 6.00
CA TYR A 115 12.77 -2.78 6.72
C TYR A 115 13.63 -1.52 6.80
N ALA A 116 13.46 -0.64 5.85
CA ALA A 116 14.25 0.63 5.85
C ALA A 116 13.47 1.74 6.55
N LEU A 117 12.18 1.78 6.34
CA LEU A 117 11.34 2.83 6.99
C LEU A 117 11.13 2.49 8.47
N LYS A 118 10.77 3.46 9.26
CA LYS A 118 10.54 3.20 10.70
C LYS A 118 9.15 3.69 11.11
N VAL A 119 9.02 4.95 11.42
CA VAL A 119 7.69 5.48 11.82
C VAL A 119 7.66 7.00 11.61
N GLY A 120 8.54 7.51 10.80
CA GLY A 120 8.56 8.98 10.54
C GLY A 120 8.76 9.23 9.04
N ASP A 121 8.48 8.26 8.22
CA ASP A 121 8.67 8.43 6.75
C ASP A 121 7.35 8.18 6.02
N ILE A 122 6.51 7.34 6.56
CA ILE A 122 5.21 7.04 5.89
C ILE A 122 5.45 6.53 4.47
N SER A 123 6.65 6.14 4.16
CA SER A 123 6.94 5.63 2.79
C SER A 123 6.67 6.72 1.75
N ASP A 124 7.69 7.17 1.07
CA ASP A 124 7.48 8.23 0.05
C ASP A 124 6.60 7.69 -1.09
N ILE A 125 7.11 6.76 -1.84
CA ILE A 125 6.32 6.19 -2.97
C ILE A 125 6.67 4.71 -3.14
N VAL A 126 5.73 3.83 -2.96
CA VAL A 126 6.03 2.38 -3.11
C VAL A 126 5.39 1.83 -4.40
N ASP A 127 6.19 1.50 -5.37
CA ASP A 127 5.62 0.95 -6.65
C ASP A 127 5.95 -0.54 -6.77
N THR A 128 4.95 -1.38 -6.88
CA THR A 128 5.23 -2.84 -6.98
C THR A 128 4.10 -3.54 -7.74
N ASP A 129 4.08 -4.84 -7.73
CA ASP A 129 3.00 -5.57 -8.45
C ASP A 129 1.65 -4.90 -8.17
N SER A 130 0.69 -5.09 -9.04
CA SER A 130 -0.66 -4.46 -8.82
C SER A 130 -0.59 -2.95 -9.08
N GLY A 131 0.32 -2.27 -8.46
CA GLY A 131 0.43 -0.81 -8.67
C GLY A 131 1.30 -0.21 -7.57
N VAL A 132 1.14 1.05 -7.27
CA VAL A 132 1.98 1.64 -6.20
C VAL A 132 1.22 1.62 -4.88
N HIS A 133 1.90 1.26 -3.82
CA HIS A 133 1.24 1.18 -2.49
C HIS A 133 1.85 2.18 -1.50
N ILE A 134 1.44 2.10 -0.27
CA ILE A 134 1.98 3.00 0.79
C ILE A 134 2.24 2.13 2.03
N ILE A 135 2.93 2.64 3.02
CA ILE A 135 3.19 1.78 4.21
C ILE A 135 3.15 2.60 5.52
N LYS A 136 2.88 1.95 6.61
CA LYS A 136 2.83 2.65 7.93
C LYS A 136 2.85 1.62 9.07
N ARG A 137 3.67 1.83 10.05
CA ARG A 137 3.73 0.85 11.18
C ARG A 137 3.12 1.44 12.45
N THR A 138 3.80 2.35 13.09
CA THR A 138 3.25 2.96 14.33
C THR A 138 3.06 4.47 14.16
N ALA A 139 3.38 4.99 13.01
CA ALA A 139 3.23 6.46 12.78
C ALA A 139 1.75 6.86 12.96
N HIS A 20 24.97 -18.48 16.90
CA HIS A 20 23.55 -18.43 16.45
C HIS A 20 22.70 -17.65 17.45
N MET A 21 21.46 -17.40 17.12
CA MET A 21 20.58 -16.63 18.05
C MET A 21 21.08 -15.20 18.21
N ALA A 22 20.19 -14.25 18.34
CA ALA A 22 20.62 -12.83 18.49
C ALA A 22 19.41 -11.95 18.83
N SER A 23 18.73 -11.46 17.82
CA SER A 23 17.55 -10.60 18.07
C SER A 23 16.36 -11.10 17.24
N ARG A 24 15.40 -10.26 17.02
CA ARG A 24 14.22 -10.67 16.21
C ARG A 24 13.94 -9.65 15.11
N ASP A 25 12.98 -9.91 14.27
CA ASP A 25 12.67 -8.95 13.18
C ASP A 25 11.15 -8.74 13.10
N GLN A 26 10.49 -9.47 12.23
CA GLN A 26 9.01 -9.31 12.10
C GLN A 26 8.64 -7.86 11.82
N VAL A 27 8.08 -7.57 10.68
CA VAL A 27 7.73 -6.16 10.37
C VAL A 27 6.22 -5.98 10.26
N LYS A 28 5.61 -5.40 11.26
CA LYS A 28 4.14 -5.17 11.18
C LYS A 28 3.88 -3.97 10.26
N ALA A 29 2.67 -3.77 9.82
CA ALA A 29 2.44 -2.59 8.92
C ALA A 29 1.02 -2.54 8.35
N SER A 30 0.60 -1.38 7.95
CA SER A 30 -0.74 -1.21 7.33
C SER A 30 -0.52 -0.83 5.86
N HIS A 31 -1.53 -0.68 5.05
CA HIS A 31 -1.22 -0.30 3.63
C HIS A 31 -2.46 0.01 2.79
N ILE A 32 -2.22 0.50 1.59
CA ILE A 32 -3.33 0.85 0.65
C ILE A 32 -2.86 0.59 -0.79
N LEU A 33 -3.73 0.71 -1.76
CA LEU A 33 -3.29 0.49 -3.18
C LEU A 33 -3.99 1.49 -4.10
N ILE A 34 -3.24 2.32 -4.78
CA ILE A 34 -3.86 3.30 -5.70
C ILE A 34 -3.95 2.72 -7.11
N LYS A 35 -5.01 3.03 -7.82
CA LYS A 35 -5.16 2.49 -9.21
C LYS A 35 -4.23 3.24 -10.17
N HIS A 36 -3.79 2.60 -11.21
CA HIS A 36 -2.88 3.27 -12.18
C HIS A 36 -2.72 2.43 -13.44
N GLN A 37 -1.85 2.83 -14.32
CA GLN A 37 -1.64 2.04 -15.58
C GLN A 37 -1.33 0.58 -15.23
N GLY A 38 -0.46 0.36 -14.29
CA GLY A 38 -0.10 -1.03 -13.88
C GLY A 38 -0.08 -1.95 -15.11
N SER A 39 -0.67 -3.10 -15.01
CA SER A 39 -0.69 -4.03 -16.17
C SER A 39 -1.85 -5.03 -16.04
N ARG A 40 -2.99 -4.55 -15.65
CA ARG A 40 -4.17 -5.47 -15.49
C ARG A 40 -5.45 -4.77 -15.96
N ARG A 41 -6.50 -5.52 -16.20
CA ARG A 41 -7.77 -4.91 -16.65
C ARG A 41 -8.58 -4.42 -15.45
N LYS A 42 -7.96 -4.32 -14.31
CA LYS A 42 -8.69 -3.84 -13.09
C LYS A 42 -10.03 -4.58 -12.96
N ALA A 43 -10.02 -5.74 -12.38
CA ALA A 43 -11.29 -6.50 -12.21
C ALA A 43 -11.03 -7.81 -11.47
N SER A 44 -11.53 -7.94 -10.27
CA SER A 44 -11.30 -9.19 -9.49
C SER A 44 -12.57 -9.58 -8.71
N TRP A 45 -13.29 -8.62 -8.22
CA TRP A 45 -14.53 -8.95 -7.45
C TRP A 45 -15.59 -9.53 -8.38
N LYS A 46 -16.77 -9.79 -7.87
CA LYS A 46 -17.85 -10.36 -8.73
C LYS A 46 -19.10 -9.50 -8.66
N ASP A 47 -19.09 -8.35 -9.28
CA ASP A 47 -20.29 -7.47 -9.25
C ASP A 47 -19.98 -6.10 -9.85
N PRO A 48 -19.03 -5.44 -9.24
CA PRO A 48 -18.62 -4.09 -9.70
C PRO A 48 -17.86 -4.18 -11.03
N GLU A 49 -18.14 -3.29 -11.95
CA GLU A 49 -17.44 -3.32 -13.26
C GLU A 49 -17.24 -1.90 -13.79
N GLY A 50 -18.27 -1.28 -14.28
CA GLY A 50 -18.14 0.10 -14.81
C GLY A 50 -17.48 0.05 -16.19
N LYS A 51 -17.12 1.18 -16.73
CA LYS A 51 -16.46 1.20 -18.07
C LYS A 51 -14.96 1.46 -17.92
N ILE A 52 -14.31 1.86 -18.97
CA ILE A 52 -12.84 2.13 -18.89
C ILE A 52 -12.57 3.63 -18.81
N ILE A 53 -11.72 4.03 -17.91
CA ILE A 53 -11.38 5.48 -17.77
C ILE A 53 -9.89 5.64 -17.44
N LEU A 54 -9.05 4.96 -18.18
CA LEU A 54 -7.58 5.06 -17.92
C LEU A 54 -7.18 6.50 -17.59
N THR A 55 -6.55 6.70 -16.47
CA THR A 55 -6.11 8.07 -16.08
C THR A 55 -4.73 8.01 -15.43
N THR A 56 -4.66 7.93 -14.13
CA THR A 56 -3.34 7.85 -13.45
C THR A 56 -2.45 6.84 -14.19
N THR A 57 -1.16 7.03 -14.17
CA THR A 57 -0.25 6.07 -14.87
C THR A 57 0.96 5.73 -14.02
N ARG A 58 1.93 5.09 -14.58
CA ARG A 58 3.15 4.73 -13.80
C ARG A 58 3.69 5.96 -13.08
N GLU A 59 4.08 6.96 -13.82
CA GLU A 59 4.62 8.19 -13.18
C GLU A 59 3.53 8.85 -12.33
N ALA A 60 2.46 9.26 -12.96
CA ALA A 60 1.35 9.91 -12.19
C ALA A 60 1.08 9.12 -10.91
N ALA A 61 0.98 7.82 -11.03
CA ALA A 61 0.73 6.98 -9.83
C ALA A 61 1.70 7.37 -8.71
N VAL A 62 2.97 7.32 -8.98
CA VAL A 62 3.96 7.69 -7.95
C VAL A 62 3.65 9.11 -7.45
N GLU A 63 3.31 9.98 -8.34
CA GLU A 63 2.96 11.38 -7.93
C GLU A 63 1.73 11.34 -7.04
N GLN A 64 0.70 10.65 -7.48
CA GLN A 64 -0.53 10.54 -6.66
C GLN A 64 -0.16 10.02 -5.27
N LEU A 65 0.88 9.24 -5.19
CA LEU A 65 1.32 8.71 -3.88
C LEU A 65 2.22 9.73 -3.18
N LYS A 66 3.21 10.22 -3.87
CA LYS A 66 4.11 11.23 -3.25
C LYS A 66 3.29 12.28 -2.51
N SER A 67 2.17 12.66 -3.05
CA SER A 67 1.30 13.67 -2.37
C SER A 67 0.44 12.99 -1.30
N ILE A 68 0.11 11.74 -1.51
CA ILE A 68 -0.71 11.03 -0.48
C ILE A 68 0.10 10.87 0.80
N ARG A 69 1.33 10.44 0.69
CA ARG A 69 2.17 10.31 1.91
C ARG A 69 2.43 11.71 2.47
N GLU A 70 2.44 12.68 1.60
CA GLU A 70 2.65 14.09 2.04
C GLU A 70 1.39 14.57 2.72
N ASP A 71 0.28 14.45 2.05
CA ASP A 71 -1.01 14.86 2.66
C ASP A 71 -1.17 14.15 4.01
N ILE A 72 -0.96 12.86 4.02
CA ILE A 72 -1.07 12.11 5.30
C ILE A 72 0.05 12.56 6.23
N VAL A 73 1.08 13.15 5.68
CA VAL A 73 2.22 13.64 6.52
C VAL A 73 1.79 14.88 7.29
N SER A 74 1.17 15.82 6.62
CA SER A 74 0.71 17.05 7.31
C SER A 74 -0.72 16.87 7.82
N GLY A 75 -1.35 15.81 7.41
CA GLY A 75 -2.75 15.54 7.84
C GLY A 75 -2.95 14.04 7.92
N LYS A 76 -2.72 13.47 9.07
CA LYS A 76 -2.90 11.99 9.24
C LYS A 76 -4.36 11.60 9.05
N ALA A 77 -4.91 11.89 7.90
CA ALA A 77 -6.32 11.55 7.63
C ALA A 77 -6.66 10.16 8.18
N ASN A 78 -7.91 9.85 8.32
CA ASN A 78 -8.31 8.53 8.86
C ASN A 78 -7.52 7.40 8.18
N PHE A 79 -7.29 7.53 6.89
CA PHE A 79 -6.54 6.47 6.15
C PHE A 79 -7.33 5.14 6.16
N GLU A 80 -8.51 5.13 6.71
CA GLU A 80 -9.30 3.87 6.73
C GLU A 80 -10.23 3.83 5.51
N GLU A 81 -11.32 4.56 5.54
CA GLU A 81 -12.24 4.56 4.39
C GLU A 81 -11.44 4.63 3.08
N VAL A 82 -10.28 5.24 3.14
CA VAL A 82 -9.45 5.33 1.92
C VAL A 82 -8.87 3.95 1.59
N ALA A 83 -8.19 3.35 2.53
CA ALA A 83 -7.62 2.00 2.29
C ALA A 83 -8.72 1.01 1.93
N THR A 84 -9.94 1.28 2.33
CA THR A 84 -11.05 0.35 2.00
C THR A 84 -11.50 0.54 0.55
N ARG A 85 -11.35 1.73 0.02
CA ARG A 85 -11.78 1.99 -1.38
C ARG A 85 -10.59 1.87 -2.34
N VAL A 86 -9.51 2.52 -2.03
CA VAL A 86 -8.30 2.45 -2.92
C VAL A 86 -7.35 1.36 -2.44
N SER A 87 -7.79 0.13 -2.46
CA SER A 87 -6.92 -0.99 -1.98
C SER A 87 -6.88 -2.14 -2.98
N ASP A 88 -6.02 -3.10 -2.73
CA ASP A 88 -5.92 -4.28 -3.64
C ASP A 88 -7.17 -5.14 -3.52
N CYS A 89 -8.29 -4.61 -3.95
CA CYS A 89 -9.57 -5.38 -3.85
C CYS A 89 -9.69 -6.02 -2.46
N SER A 90 -9.20 -7.22 -2.30
CA SER A 90 -9.27 -7.87 -0.96
C SER A 90 -8.88 -6.85 0.09
N SER A 91 -7.79 -6.18 -0.13
CA SER A 91 -7.35 -5.14 0.83
C SER A 91 -8.52 -4.20 1.12
N ALA A 92 -9.31 -3.89 0.13
CA ALA A 92 -10.48 -3.01 0.39
C ALA A 92 -11.22 -3.57 1.60
N LYS A 93 -11.30 -4.86 1.68
CA LYS A 93 -11.95 -5.49 2.86
C LYS A 93 -11.00 -5.35 4.05
N ARG A 94 -9.73 -5.35 3.77
CA ARG A 94 -8.69 -5.20 4.82
C ARG A 94 -7.96 -3.87 4.63
N GLY A 95 -8.68 -2.81 4.44
CA GLY A 95 -8.04 -1.48 4.21
C GLY A 95 -7.29 -1.05 5.47
N GLY A 96 -7.49 -1.75 6.55
CA GLY A 96 -6.79 -1.38 7.80
C GLY A 96 -5.30 -1.71 7.66
N ASP A 97 -4.87 -2.76 8.28
CA ASP A 97 -3.43 -3.11 8.18
C ASP A 97 -3.21 -4.61 8.13
N LEU A 98 -2.00 -5.01 7.84
CA LEU A 98 -1.66 -6.46 7.78
C LEU A 98 -1.59 -7.02 9.20
N GLY A 99 -0.50 -6.74 9.85
CA GLY A 99 -0.29 -7.21 11.23
C GLY A 99 1.21 -7.34 11.45
N SER A 100 1.74 -8.51 11.26
CA SER A 100 3.21 -8.69 11.43
C SER A 100 3.74 -9.78 10.49
N PHE A 101 4.87 -9.53 9.86
CA PHE A 101 5.44 -10.55 8.94
C PHE A 101 6.91 -10.21 8.66
N GLY A 102 7.81 -10.84 9.36
CA GLY A 102 9.27 -10.56 9.14
C GLY A 102 9.62 -10.77 7.67
N ARG A 103 10.08 -11.94 7.32
CA ARG A 103 10.45 -12.20 5.90
C ARG A 103 9.43 -13.16 5.26
N GLY A 104 8.21 -12.72 5.15
CA GLY A 104 7.16 -13.59 4.53
C GLY A 104 5.98 -12.71 4.10
N GLN A 105 4.98 -13.30 3.51
CA GLN A 105 3.79 -12.51 3.06
C GLN A 105 4.18 -11.52 1.96
N MET A 106 5.07 -10.63 2.27
CA MET A 106 5.50 -9.60 1.28
C MET A 106 6.93 -9.91 0.81
N GLN A 107 7.12 -10.02 -0.48
CA GLN A 107 8.48 -10.32 -1.01
C GLN A 107 9.51 -9.27 -0.57
N LYS A 108 10.41 -8.89 -1.44
CA LYS A 108 11.45 -7.88 -1.05
C LYS A 108 11.03 -6.43 -1.34
N PRO A 109 10.04 -6.20 -2.17
CA PRO A 109 9.63 -4.80 -2.47
C PRO A 109 8.86 -4.22 -1.28
N PHE A 110 7.73 -4.77 -0.94
CA PHE A 110 6.97 -4.24 0.21
C PHE A 110 7.83 -4.27 1.47
N GLU A 111 8.20 -5.45 1.90
CA GLU A 111 9.01 -5.57 3.14
C GLU A 111 10.04 -4.46 3.23
N GLU A 112 10.96 -4.41 2.32
CA GLU A 112 11.99 -3.33 2.36
C GLU A 112 11.31 -1.99 2.63
N ALA A 113 10.08 -1.85 2.22
CA ALA A 113 9.37 -0.56 2.47
C ALA A 113 9.06 -0.41 3.95
N THR A 114 8.37 -1.36 4.50
CA THR A 114 8.04 -1.29 5.94
C THR A 114 9.31 -1.47 6.78
N TYR A 115 10.26 -2.19 6.24
CA TYR A 115 11.53 -2.40 6.98
C TYR A 115 12.35 -1.10 6.93
N ALA A 116 12.13 -0.30 5.92
CA ALA A 116 12.87 0.99 5.81
C ALA A 116 12.27 2.00 6.79
N LEU A 117 11.04 1.83 7.14
CA LEU A 117 10.38 2.76 8.10
C LEU A 117 10.57 2.27 9.53
N LYS A 118 10.73 3.16 10.47
CA LYS A 118 10.92 2.72 11.89
C LYS A 118 9.58 2.28 12.49
N VAL A 119 8.90 3.16 13.18
CA VAL A 119 7.59 2.78 13.78
C VAL A 119 6.48 3.71 13.29
N GLY A 120 6.80 4.94 13.00
CA GLY A 120 5.76 5.89 12.53
C GLY A 120 6.03 6.28 11.09
N ASP A 121 6.27 7.54 10.85
CA ASP A 121 6.55 8.02 9.47
C ASP A 121 5.56 7.37 8.48
N ILE A 122 5.76 7.60 7.21
CA ILE A 122 4.84 7.00 6.19
C ILE A 122 5.65 6.49 5.00
N SER A 123 5.72 5.20 4.83
CA SER A 123 6.51 4.62 3.71
C SER A 123 6.36 5.49 2.45
N ASP A 124 7.27 5.38 1.53
CA ASP A 124 7.18 6.20 0.28
C ASP A 124 6.50 5.40 -0.83
N ILE A 125 6.42 5.95 -2.01
CA ILE A 125 5.77 5.24 -3.14
C ILE A 125 6.18 3.76 -3.15
N VAL A 126 5.25 2.87 -2.94
CA VAL A 126 5.57 1.41 -2.94
C VAL A 126 4.93 0.76 -4.17
N ASP A 127 5.62 0.71 -5.28
CA ASP A 127 5.03 0.10 -6.51
C ASP A 127 5.42 -1.38 -6.63
N THR A 128 4.49 -2.26 -6.36
CA THR A 128 4.80 -3.72 -6.46
C THR A 128 3.52 -4.53 -6.20
N ASP A 129 3.64 -5.78 -5.87
CA ASP A 129 2.45 -6.61 -5.61
C ASP A 129 1.44 -6.50 -6.77
N SER A 130 0.48 -5.62 -6.65
CA SER A 130 -0.53 -5.46 -7.74
C SER A 130 -0.28 -4.15 -8.50
N GLY A 131 0.24 -3.17 -7.82
CA GLY A 131 0.51 -1.86 -8.49
C GLY A 131 1.28 -0.96 -7.55
N VAL A 132 0.66 0.09 -7.08
CA VAL A 132 1.35 1.00 -6.13
C VAL A 132 0.58 1.01 -4.81
N HIS A 133 1.25 0.74 -3.74
CA HIS A 133 0.55 0.71 -2.42
C HIS A 133 1.18 1.68 -1.43
N ILE A 134 0.61 1.76 -0.25
CA ILE A 134 1.16 2.66 0.79
C ILE A 134 1.41 1.83 2.06
N ILE A 135 2.19 2.32 2.98
CA ILE A 135 2.44 1.51 4.22
C ILE A 135 2.63 2.42 5.44
N LYS A 136 2.22 1.96 6.59
CA LYS A 136 2.38 2.77 7.83
C LYS A 136 2.87 1.87 8.96
N ARG A 137 3.17 2.44 10.11
CA ARG A 137 3.66 1.59 11.23
C ARG A 137 3.12 2.11 12.57
N THR A 138 3.67 1.65 13.67
CA THR A 138 3.21 2.12 15.00
C THR A 138 3.48 3.61 15.18
N ALA A 139 3.88 4.01 16.36
CA ALA A 139 4.16 5.47 16.59
C ALA A 139 2.85 6.26 16.63
N HIS A 20 23.30 -12.04 25.77
CA HIS A 20 22.86 -12.01 24.35
C HIS A 20 22.53 -13.42 23.85
N MET A 21 21.44 -13.59 23.18
CA MET A 21 21.05 -14.94 22.67
C MET A 21 20.79 -14.89 21.16
N ALA A 22 19.89 -14.04 20.75
CA ALA A 22 19.58 -13.94 19.29
C ALA A 22 18.55 -12.84 19.04
N SER A 23 17.50 -12.81 19.81
CA SER A 23 16.45 -11.76 19.62
C SER A 23 15.86 -11.86 18.21
N ARG A 24 14.64 -12.34 18.11
CA ARG A 24 14.00 -12.46 16.77
C ARG A 24 13.91 -11.09 16.10
N ASP A 25 13.18 -11.01 15.02
CA ASP A 25 13.05 -9.71 14.29
C ASP A 25 11.61 -9.52 13.79
N GLN A 26 11.31 -9.96 12.60
CA GLN A 26 9.94 -9.80 12.04
C GLN A 26 9.69 -8.33 11.68
N VAL A 27 8.70 -8.07 10.87
CA VAL A 27 8.42 -6.65 10.48
C VAL A 27 6.90 -6.40 10.41
N LYS A 28 6.36 -5.73 11.38
CA LYS A 28 4.89 -5.43 11.34
C LYS A 28 4.65 -4.30 10.34
N ALA A 29 3.42 -4.10 9.92
CA ALA A 29 3.18 -2.99 8.94
C ALA A 29 1.74 -2.99 8.41
N SER A 30 1.35 -1.92 7.77
CA SER A 30 -0.02 -1.84 7.18
C SER A 30 0.11 -1.49 5.70
N HIS A 31 -0.97 -1.27 5.00
CA HIS A 31 -0.81 -0.95 3.55
C HIS A 31 -2.12 -0.55 2.88
N ILE A 32 -2.02 0.10 1.75
CA ILE A 32 -3.23 0.54 0.99
C ILE A 32 -2.89 0.48 -0.52
N LEU A 33 -3.83 0.80 -1.37
CA LEU A 33 -3.53 0.75 -2.84
C LEU A 33 -4.17 1.96 -3.53
N ILE A 34 -3.62 2.37 -4.64
CA ILE A 34 -4.21 3.53 -5.37
C ILE A 34 -4.50 3.15 -6.82
N LYS A 35 -4.07 1.98 -7.24
CA LYS A 35 -4.32 1.55 -8.64
C LYS A 35 -3.62 2.50 -9.62
N HIS A 36 -3.41 2.08 -10.83
CA HIS A 36 -2.72 2.95 -11.82
C HIS A 36 -2.64 2.25 -13.18
N GLN A 37 -1.57 2.44 -13.89
CA GLN A 37 -1.43 1.79 -15.23
C GLN A 37 -0.46 0.61 -15.14
N GLY A 38 -0.96 -0.54 -14.80
CA GLY A 38 -0.07 -1.73 -14.69
C GLY A 38 -0.55 -2.80 -15.68
N SER A 39 -0.86 -2.41 -16.89
CA SER A 39 -1.34 -3.39 -17.89
C SER A 39 -2.47 -4.23 -17.30
N ARG A 40 -3.63 -3.67 -17.14
CA ARG A 40 -4.77 -4.43 -16.55
C ARG A 40 -6.09 -4.05 -17.23
N ARG A 41 -7.18 -4.56 -16.75
CA ARG A 41 -8.50 -4.22 -17.36
C ARG A 41 -9.48 -3.73 -16.29
N LYS A 42 -9.01 -3.58 -15.08
CA LYS A 42 -9.92 -3.11 -13.98
C LYS A 42 -11.15 -4.00 -13.90
N ALA A 43 -10.95 -5.29 -13.78
CA ALA A 43 -12.11 -6.22 -13.69
C ALA A 43 -11.82 -7.34 -12.69
N SER A 44 -12.09 -7.11 -11.44
CA SER A 44 -11.83 -8.16 -10.40
C SER A 44 -12.89 -8.10 -9.30
N TRP A 45 -14.12 -8.33 -9.65
CA TRP A 45 -15.21 -8.27 -8.62
C TRP A 45 -16.55 -8.69 -9.25
N LYS A 46 -17.62 -8.30 -8.65
CA LYS A 46 -18.97 -8.67 -9.21
C LYS A 46 -19.87 -7.44 -9.23
N ASP A 47 -19.57 -6.49 -10.09
CA ASP A 47 -20.40 -5.25 -10.15
C ASP A 47 -19.72 -4.21 -11.04
N PRO A 48 -18.49 -3.90 -10.71
CA PRO A 48 -17.72 -2.90 -11.51
C PRO A 48 -17.38 -3.47 -12.89
N GLU A 49 -18.33 -3.53 -13.77
CA GLU A 49 -18.06 -4.07 -15.14
C GLU A 49 -16.77 -3.48 -15.69
N GLY A 50 -16.63 -2.18 -15.64
CA GLY A 50 -15.39 -1.54 -16.17
C GLY A 50 -15.78 -0.41 -17.13
N LYS A 51 -14.82 0.28 -17.68
CA LYS A 51 -15.13 1.39 -18.62
C LYS A 51 -14.09 1.44 -19.74
N ILE A 52 -13.96 2.56 -20.39
CA ILE A 52 -12.96 2.69 -21.49
C ILE A 52 -12.17 3.99 -21.35
N ILE A 53 -12.24 4.62 -20.21
CA ILE A 53 -11.50 5.90 -20.02
C ILE A 53 -10.10 5.62 -19.46
N LEU A 54 -9.56 6.53 -18.69
CA LEU A 54 -8.21 6.31 -18.13
C LEU A 54 -8.06 7.07 -16.80
N THR A 55 -7.59 6.42 -15.78
CA THR A 55 -7.42 7.10 -14.47
C THR A 55 -5.94 7.15 -14.08
N THR A 56 -5.63 6.96 -12.83
CA THR A 56 -4.21 7.00 -12.39
C THR A 56 -3.34 6.17 -13.34
N THR A 57 -2.23 6.71 -13.77
CA THR A 57 -1.35 5.95 -14.70
C THR A 57 0.02 5.71 -14.04
N ARG A 58 0.97 5.22 -14.79
CA ARG A 58 2.32 4.97 -14.20
C ARG A 58 2.82 6.24 -13.52
N GLU A 59 3.11 7.25 -14.28
CA GLU A 59 3.60 8.52 -13.68
C GLU A 59 2.65 8.97 -12.57
N ALA A 60 1.42 9.24 -12.91
CA ALA A 60 0.44 9.68 -11.88
C ALA A 60 0.57 8.81 -10.62
N ALA A 61 0.56 7.51 -10.79
CA ALA A 61 0.69 6.60 -9.61
C ALA A 61 1.78 7.12 -8.68
N VAL A 62 3.01 7.02 -9.09
CA VAL A 62 4.12 7.52 -8.21
C VAL A 62 3.81 8.95 -7.80
N GLU A 63 3.14 9.69 -8.64
CA GLU A 63 2.79 11.09 -8.29
C GLU A 63 1.79 11.08 -7.14
N GLN A 64 0.74 10.32 -7.27
CA GLN A 64 -0.26 10.23 -6.17
C GLN A 64 0.41 9.62 -4.95
N LEU A 65 1.29 8.68 -5.16
CA LEU A 65 2.01 8.06 -4.02
C LEU A 65 2.91 9.11 -3.37
N LYS A 66 3.17 10.17 -4.08
CA LYS A 66 4.04 11.24 -3.52
C LYS A 66 3.21 12.10 -2.55
N SER A 67 2.03 12.46 -2.95
CA SER A 67 1.15 13.29 -2.06
C SER A 67 0.46 12.40 -1.02
N ILE A 68 0.31 11.13 -1.30
CA ILE A 68 -0.36 10.24 -0.31
C ILE A 68 0.52 10.13 0.94
N ARG A 69 1.78 9.87 0.76
CA ARG A 69 2.69 9.78 1.95
C ARG A 69 2.80 11.17 2.57
N GLU A 70 2.69 12.18 1.75
CA GLU A 70 2.75 13.58 2.27
C GLU A 70 1.45 13.91 2.98
N ASP A 71 0.37 13.73 2.30
CA ASP A 71 -0.95 14.01 2.92
C ASP A 71 -1.06 13.24 4.24
N ILE A 72 -0.84 11.95 4.20
CA ILE A 72 -0.90 11.16 5.46
C ILE A 72 0.18 11.68 6.41
N VAL A 73 1.20 12.28 5.88
CA VAL A 73 2.28 12.83 6.73
C VAL A 73 1.69 13.98 7.57
N SER A 74 1.08 14.93 6.92
CA SER A 74 0.46 16.07 7.67
C SER A 74 -1.01 15.79 7.90
N GLY A 75 -1.51 16.08 9.06
CA GLY A 75 -2.95 15.82 9.34
C GLY A 75 -3.11 14.34 9.63
N LYS A 76 -3.46 13.99 10.83
CA LYS A 76 -3.63 12.56 11.20
C LYS A 76 -4.81 11.96 10.43
N ALA A 77 -4.79 12.06 9.13
CA ALA A 77 -5.90 11.50 8.31
C ALA A 77 -6.13 10.03 8.67
N ASN A 78 -7.32 9.54 8.43
CA ASN A 78 -7.60 8.11 8.76
C ASN A 78 -6.79 7.19 7.84
N PHE A 79 -7.18 5.95 7.74
CA PHE A 79 -6.44 5.00 6.86
C PHE A 79 -7.27 3.74 6.62
N GLU A 80 -8.02 3.31 7.60
CA GLU A 80 -8.85 2.08 7.43
C GLU A 80 -9.93 2.32 6.37
N GLU A 81 -11.00 2.97 6.75
CA GLU A 81 -12.08 3.23 5.77
C GLU A 81 -11.48 3.69 4.43
N VAL A 82 -10.57 4.62 4.48
CA VAL A 82 -9.94 5.10 3.21
C VAL A 82 -9.32 3.90 2.48
N ALA A 83 -8.70 3.02 3.20
CA ALA A 83 -8.08 1.83 2.54
C ALA A 83 -9.16 0.84 2.11
N THR A 84 -10.01 0.46 3.02
CA THR A 84 -11.10 -0.51 2.67
C THR A 84 -11.72 -0.15 1.31
N ARG A 85 -11.65 1.10 0.91
CA ARG A 85 -12.24 1.49 -0.41
C ARG A 85 -11.18 1.48 -1.51
N VAL A 86 -10.15 2.27 -1.36
CA VAL A 86 -9.08 2.32 -2.39
C VAL A 86 -7.93 1.38 -1.99
N SER A 87 -8.18 0.11 -2.02
CA SER A 87 -7.12 -0.87 -1.63
C SER A 87 -6.98 -1.99 -2.66
N ASP A 88 -6.05 -2.89 -2.44
CA ASP A 88 -5.86 -4.03 -3.40
C ASP A 88 -7.01 -5.02 -3.26
N CYS A 89 -8.19 -4.63 -3.67
CA CYS A 89 -9.36 -5.54 -3.57
C CYS A 89 -9.39 -6.23 -2.21
N SER A 90 -8.77 -7.38 -2.09
CA SER A 90 -8.74 -8.09 -0.79
C SER A 90 -8.43 -7.07 0.30
N SER A 91 -7.44 -6.26 0.07
CA SER A 91 -7.10 -5.22 1.07
C SER A 91 -8.35 -4.42 1.41
N ALA A 92 -9.22 -4.19 0.45
CA ALA A 92 -10.47 -3.46 0.77
C ALA A 92 -11.10 -4.13 1.98
N LYS A 93 -10.97 -5.42 2.05
CA LYS A 93 -11.52 -6.16 3.23
C LYS A 93 -10.53 -6.00 4.38
N ARG A 94 -9.27 -5.82 4.05
CA ARG A 94 -8.21 -5.63 5.07
C ARG A 94 -7.47 -4.31 4.80
N GLY A 95 -8.17 -3.22 4.75
CA GLY A 95 -7.51 -1.92 4.47
C GLY A 95 -6.69 -1.47 5.66
N GLY A 96 -6.84 -2.14 6.77
CA GLY A 96 -6.06 -1.76 7.97
C GLY A 96 -4.58 -2.08 7.74
N ASP A 97 -4.10 -3.14 8.32
CA ASP A 97 -2.67 -3.49 8.14
C ASP A 97 -2.45 -5.00 8.19
N LEU A 98 -1.26 -5.44 7.92
CA LEU A 98 -0.97 -6.90 7.98
C LEU A 98 -0.84 -7.32 9.45
N GLY A 99 0.03 -6.65 10.16
CA GLY A 99 0.23 -6.97 11.59
C GLY A 99 1.71 -7.26 11.81
N SER A 100 2.10 -8.46 11.57
CA SER A 100 3.53 -8.84 11.74
C SER A 100 3.90 -9.99 10.81
N PHE A 101 5.02 -9.87 10.15
CA PHE A 101 5.45 -10.94 9.21
C PHE A 101 6.94 -10.77 8.91
N GLY A 102 7.38 -11.14 7.74
CA GLY A 102 8.82 -10.98 7.41
C GLY A 102 9.22 -11.97 6.31
N ARG A 103 9.47 -13.20 6.67
CA ARG A 103 9.88 -14.21 5.64
C ARG A 103 8.67 -15.00 5.15
N GLY A 104 8.41 -14.97 3.87
CA GLY A 104 7.26 -15.74 3.32
C GLY A 104 6.16 -14.79 2.86
N GLN A 105 5.69 -13.96 3.75
CA GLN A 105 4.60 -13.00 3.37
C GLN A 105 5.13 -11.98 2.38
N MET A 106 4.28 -11.14 1.87
CA MET A 106 4.74 -10.10 0.91
C MET A 106 5.44 -10.74 -0.29
N GLN A 107 6.22 -9.97 -0.99
CA GLN A 107 6.93 -10.53 -2.18
C GLN A 107 8.43 -10.27 -2.08
N LYS A 108 8.82 -9.04 -1.95
CA LYS A 108 10.27 -8.70 -1.85
C LYS A 108 10.46 -7.20 -1.70
N PRO A 109 9.94 -6.45 -2.64
CA PRO A 109 10.07 -4.97 -2.59
C PRO A 109 9.29 -4.41 -1.39
N PHE A 110 8.17 -4.99 -1.05
CA PHE A 110 7.40 -4.47 0.12
C PHE A 110 8.26 -4.60 1.38
N GLU A 111 8.63 -5.80 1.72
CA GLU A 111 9.45 -5.99 2.95
C GLU A 111 10.54 -4.93 3.02
N GLU A 112 11.35 -4.86 2.01
CA GLU A 112 12.43 -3.83 2.01
C GLU A 112 11.83 -2.47 2.37
N ALA A 113 10.58 -2.28 2.04
CA ALA A 113 9.91 -0.99 2.35
C ALA A 113 9.79 -0.83 3.87
N THR A 114 9.09 -1.72 4.50
CA THR A 114 8.93 -1.65 5.98
C THR A 114 10.29 -1.91 6.64
N TYR A 115 11.12 -2.68 5.99
CA TYR A 115 12.47 -2.97 6.56
C TYR A 115 13.36 -1.74 6.37
N ALA A 116 13.06 -0.94 5.39
CA ALA A 116 13.88 0.28 5.14
C ALA A 116 13.39 1.42 6.03
N LEU A 117 12.11 1.67 6.04
CA LEU A 117 11.57 2.78 6.89
C LEU A 117 11.08 2.24 8.23
N LYS A 118 11.89 2.35 9.26
CA LYS A 118 11.46 1.84 10.59
C LYS A 118 10.12 2.47 11.01
N VAL A 119 9.98 3.76 10.85
CA VAL A 119 8.70 4.43 11.24
C VAL A 119 8.88 5.95 11.20
N GLY A 120 10.09 6.42 11.37
CA GLY A 120 10.35 7.90 11.37
C GLY A 120 9.49 8.57 10.28
N ASP A 121 9.17 7.86 9.24
CA ASP A 121 8.35 8.47 8.16
C ASP A 121 7.17 7.55 7.81
N ILE A 122 6.72 7.58 6.58
CA ILE A 122 5.58 6.71 6.17
C ILE A 122 5.89 6.03 4.84
N SER A 123 6.88 5.18 4.80
CA SER A 123 7.23 4.48 3.54
C SER A 123 7.30 5.48 2.38
N ASP A 124 7.41 5.01 1.17
CA ASP A 124 7.50 5.95 0.01
C ASP A 124 7.25 5.20 -1.30
N ILE A 125 6.19 5.54 -2.00
CA ILE A 125 5.87 4.86 -3.30
C ILE A 125 6.19 3.37 -3.22
N VAL A 126 5.20 2.55 -2.93
CA VAL A 126 5.44 1.09 -2.84
C VAL A 126 4.95 0.38 -4.11
N ASP A 127 5.36 0.83 -5.25
CA ASP A 127 4.92 0.18 -6.52
C ASP A 127 5.15 -1.32 -6.45
N THR A 128 4.11 -2.08 -6.23
CA THR A 128 4.25 -3.56 -6.16
C THR A 128 3.11 -4.22 -6.92
N ASP A 129 2.85 -5.47 -6.66
CA ASP A 129 1.72 -6.15 -7.37
C ASP A 129 0.50 -5.22 -7.40
N SER A 130 -0.38 -5.40 -8.33
CA SER A 130 -1.58 -4.52 -8.40
C SER A 130 -1.20 -3.11 -8.83
N GLY A 131 -0.31 -2.48 -8.11
CA GLY A 131 0.10 -1.09 -8.48
C GLY A 131 0.94 -0.49 -7.35
N VAL A 132 0.72 0.76 -7.05
CA VAL A 132 1.51 1.41 -5.96
C VAL A 132 0.71 1.43 -4.66
N HIS A 133 1.32 0.99 -3.59
CA HIS A 133 0.62 0.96 -2.27
C HIS A 133 1.30 1.90 -1.28
N ILE A 134 0.77 1.98 -0.09
CA ILE A 134 1.39 2.86 0.95
C ILE A 134 1.34 2.14 2.30
N ILE A 135 2.47 1.86 2.88
CA ILE A 135 2.49 1.13 4.18
C ILE A 135 2.48 2.09 5.37
N LYS A 136 2.02 1.61 6.50
CA LYS A 136 1.99 2.47 7.73
C LYS A 136 2.27 1.60 8.96
N ARG A 137 3.33 1.84 9.67
CA ARG A 137 3.65 1.02 10.87
C ARG A 137 3.33 1.79 12.15
N THR A 138 4.07 2.81 12.46
CA THR A 138 3.81 3.59 13.71
C THR A 138 4.36 5.01 13.57
N ALA A 139 3.90 5.74 12.59
CA ALA A 139 4.40 7.13 12.41
C ALA A 139 3.28 8.13 12.71
N HIS A 20 23.42 -15.80 17.61
CA HIS A 20 22.66 -15.22 18.76
C HIS A 20 21.19 -14.98 18.36
N MET A 21 20.97 -14.24 17.31
CA MET A 21 19.57 -13.98 16.87
C MET A 21 18.69 -13.63 18.08
N ALA A 22 18.02 -14.61 18.64
CA ALA A 22 17.15 -14.32 19.82
C ALA A 22 16.16 -13.19 19.50
N SER A 23 16.57 -11.98 19.71
CA SER A 23 15.66 -10.82 19.43
C SER A 23 14.90 -11.05 18.12
N ARG A 24 15.46 -11.79 17.20
CA ARG A 24 14.75 -12.04 15.92
C ARG A 24 14.57 -10.73 15.15
N ASP A 25 13.59 -10.66 14.29
CA ASP A 25 13.35 -9.41 13.52
C ASP A 25 11.86 -9.15 13.35
N GLN A 26 11.23 -9.81 12.42
CA GLN A 26 9.77 -9.59 12.20
C GLN A 26 9.52 -8.15 11.79
N VAL A 27 8.36 -7.85 11.28
CA VAL A 27 8.08 -6.45 10.85
C VAL A 27 6.56 -6.17 10.83
N LYS A 28 6.08 -5.41 11.78
CA LYS A 28 4.62 -5.09 11.80
C LYS A 28 4.35 -3.92 10.85
N ALA A 29 3.11 -3.71 10.46
CA ALA A 29 2.83 -2.56 9.54
C ALA A 29 1.39 -2.63 8.99
N SER A 30 1.02 -1.63 8.22
CA SER A 30 -0.34 -1.60 7.61
C SER A 30 -0.20 -1.42 6.10
N HIS A 31 -1.27 -1.30 5.36
CA HIS A 31 -1.07 -1.13 3.89
C HIS A 31 -2.30 -0.57 3.16
N ILE A 32 -2.06 -0.03 1.99
CA ILE A 32 -3.14 0.55 1.14
C ILE A 32 -2.66 0.46 -0.33
N LEU A 33 -3.46 0.82 -1.29
CA LEU A 33 -2.99 0.73 -2.70
C LEU A 33 -3.89 1.54 -3.63
N ILE A 34 -3.31 2.22 -4.59
CA ILE A 34 -4.15 3.01 -5.54
C ILE A 34 -4.16 2.30 -6.91
N LYS A 35 -4.90 2.82 -7.85
CA LYS A 35 -4.97 2.15 -9.19
C LYS A 35 -3.90 2.72 -10.13
N HIS A 36 -3.51 1.97 -11.13
CA HIS A 36 -2.48 2.46 -12.09
C HIS A 36 -2.23 1.39 -13.17
N GLN A 37 -1.06 1.36 -13.74
CA GLN A 37 -0.77 0.36 -14.80
C GLN A 37 -1.17 -1.04 -14.32
N GLY A 38 -1.24 -1.23 -13.04
CA GLY A 38 -1.63 -2.56 -12.49
C GLY A 38 -2.81 -3.12 -13.29
N SER A 39 -2.96 -4.41 -13.31
CA SER A 39 -4.10 -5.02 -14.06
C SER A 39 -5.39 -4.27 -13.76
N ARG A 40 -5.58 -3.85 -12.53
CA ARG A 40 -6.83 -3.11 -12.17
C ARG A 40 -6.73 -1.65 -12.62
N ARG A 41 -7.85 -1.02 -12.87
CA ARG A 41 -7.82 0.40 -13.31
C ARG A 41 -8.67 1.26 -12.37
N LYS A 42 -9.78 0.76 -11.91
CA LYS A 42 -10.64 1.55 -10.99
C LYS A 42 -11.17 0.66 -9.86
N ALA A 43 -10.48 -0.41 -9.55
CA ALA A 43 -10.94 -1.31 -8.46
C ALA A 43 -12.35 -1.83 -8.78
N SER A 44 -12.67 -1.95 -10.04
CA SER A 44 -14.03 -2.45 -10.42
C SER A 44 -14.23 -3.89 -9.92
N TRP A 45 -14.96 -4.06 -8.85
CA TRP A 45 -15.18 -5.43 -8.32
C TRP A 45 -15.83 -6.31 -9.39
N LYS A 46 -16.48 -7.38 -9.00
CA LYS A 46 -17.13 -8.27 -10.00
C LYS A 46 -18.41 -7.64 -10.56
N ASP A 47 -19.03 -6.78 -9.81
CA ASP A 47 -20.29 -6.15 -10.30
C ASP A 47 -19.98 -5.03 -11.32
N PRO A 48 -19.18 -4.09 -10.90
CA PRO A 48 -18.84 -2.95 -11.78
C PRO A 48 -17.91 -3.40 -12.92
N GLU A 49 -17.99 -2.75 -14.06
CA GLU A 49 -17.13 -3.13 -15.20
C GLU A 49 -16.53 -1.88 -15.86
N GLY A 50 -15.24 -1.85 -16.05
CA GLY A 50 -14.61 -0.66 -16.68
C GLY A 50 -13.61 -1.12 -17.75
N LYS A 51 -13.83 -0.74 -18.98
CA LYS A 51 -12.90 -1.17 -20.06
C LYS A 51 -12.12 0.03 -20.60
N ILE A 52 -10.87 0.14 -20.26
CA ILE A 52 -10.05 1.28 -20.76
C ILE A 52 -10.77 2.61 -20.53
N ILE A 53 -10.73 3.11 -19.33
CA ILE A 53 -11.41 4.41 -19.03
C ILE A 53 -10.39 5.40 -18.46
N LEU A 54 -10.05 5.25 -17.20
CA LEU A 54 -9.05 6.17 -16.58
C LEU A 54 -8.08 5.36 -15.73
N THR A 55 -6.80 5.50 -15.95
CA THR A 55 -5.82 4.72 -15.14
C THR A 55 -4.66 5.61 -14.69
N THR A 56 -3.49 5.03 -14.59
CA THR A 56 -2.30 5.80 -14.15
C THR A 56 -1.06 4.90 -14.22
N THR A 57 0.00 5.35 -14.82
CA THR A 57 1.22 4.49 -14.92
C THR A 57 2.21 4.84 -13.80
N ARG A 58 3.33 4.17 -13.76
CA ARG A 58 4.32 4.47 -12.68
C ARG A 58 4.45 5.97 -12.47
N GLU A 59 4.46 6.72 -13.53
CA GLU A 59 4.56 8.20 -13.40
C GLU A 59 3.25 8.75 -12.85
N ALA A 60 2.16 8.42 -13.48
CA ALA A 60 0.84 8.91 -12.99
C ALA A 60 0.57 8.32 -11.60
N ALA A 61 1.17 7.19 -11.32
CA ALA A 61 0.98 6.56 -9.99
C ALA A 61 1.85 7.28 -8.97
N VAL A 62 3.11 7.42 -9.27
CA VAL A 62 4.01 8.14 -8.33
C VAL A 62 3.46 9.55 -8.11
N GLU A 63 2.79 10.08 -9.09
CA GLU A 63 2.19 11.44 -8.94
C GLU A 63 0.99 11.33 -8.02
N GLN A 64 0.19 10.31 -8.21
CA GLN A 64 -1.00 10.12 -7.33
C GLN A 64 -0.54 9.79 -5.92
N LEU A 65 0.48 8.99 -5.78
CA LEU A 65 0.99 8.63 -4.43
C LEU A 65 1.83 9.79 -3.88
N LYS A 66 2.27 10.67 -4.74
CA LYS A 66 3.08 11.83 -4.26
C LYS A 66 2.19 12.72 -3.39
N SER A 67 1.04 13.05 -3.88
CA SER A 67 0.10 13.90 -3.08
C SER A 67 -0.41 13.08 -1.89
N ILE A 68 -0.62 11.81 -2.09
CA ILE A 68 -1.10 10.96 -0.97
C ILE A 68 -0.16 11.16 0.21
N ARG A 69 1.12 11.03 -0.01
CA ARG A 69 2.09 11.25 1.10
C ARG A 69 1.79 12.62 1.71
N GLU A 70 1.68 13.61 0.87
CA GLU A 70 1.35 14.97 1.38
C GLU A 70 0.04 14.87 2.15
N ASP A 71 -1.00 14.45 1.49
CA ASP A 71 -2.30 14.30 2.20
C ASP A 71 -2.03 13.55 3.51
N ILE A 72 -1.44 12.39 3.44
CA ILE A 72 -1.12 11.64 4.69
C ILE A 72 -0.28 12.55 5.58
N VAL A 73 0.45 13.45 4.99
CA VAL A 73 1.28 14.40 5.78
C VAL A 73 0.36 15.50 6.34
N SER A 74 -0.21 16.30 5.48
CA SER A 74 -1.13 17.38 5.95
C SER A 74 -2.58 16.91 5.83
N GLY A 75 -3.40 17.21 6.78
CA GLY A 75 -4.82 16.79 6.71
C GLY A 75 -5.04 15.63 7.67
N LYS A 76 -5.83 15.85 8.70
CA LYS A 76 -6.08 14.75 9.68
C LYS A 76 -7.04 13.71 9.08
N ALA A 77 -6.75 13.22 7.91
CA ALA A 77 -7.64 12.21 7.27
C ALA A 77 -7.44 10.84 7.93
N ASN A 78 -8.25 9.88 7.57
CA ASN A 78 -8.09 8.52 8.17
C ASN A 78 -7.22 7.64 7.28
N PHE A 79 -7.16 6.36 7.57
CA PHE A 79 -6.31 5.46 6.74
C PHE A 79 -6.99 4.09 6.59
N GLU A 80 -7.56 3.58 7.65
CA GLU A 80 -8.23 2.25 7.57
C GLU A 80 -9.34 2.28 6.51
N GLU A 81 -10.46 2.87 6.83
CA GLU A 81 -11.59 2.93 5.84
C GLU A 81 -11.02 3.30 4.47
N VAL A 82 -10.14 4.25 4.41
CA VAL A 82 -9.54 4.63 3.09
C VAL A 82 -8.95 3.39 2.42
N ALA A 83 -8.26 2.59 3.18
CA ALA A 83 -7.65 1.36 2.60
C ALA A 83 -8.75 0.45 2.05
N THR A 84 -9.69 0.06 2.86
CA THR A 84 -10.78 -0.82 2.39
C THR A 84 -11.27 -0.36 1.01
N ARG A 85 -11.12 0.91 0.72
CA ARG A 85 -11.58 1.43 -0.61
C ARG A 85 -10.40 1.50 -1.59
N VAL A 86 -9.38 2.23 -1.22
CA VAL A 86 -8.20 2.38 -2.12
C VAL A 86 -7.09 1.39 -1.75
N SER A 87 -7.36 0.12 -1.84
CA SER A 87 -6.28 -0.87 -1.49
C SER A 87 -6.29 -2.06 -2.46
N ASP A 88 -5.32 -2.92 -2.37
CA ASP A 88 -5.24 -4.09 -3.29
C ASP A 88 -6.48 -4.98 -3.16
N CYS A 89 -7.55 -4.56 -3.79
CA CYS A 89 -8.84 -5.34 -3.77
C CYS A 89 -8.95 -6.22 -2.52
N SER A 90 -8.56 -7.47 -2.60
CA SER A 90 -8.65 -8.34 -1.40
C SER A 90 -8.06 -7.58 -0.22
N SER A 91 -6.89 -7.06 -0.40
CA SER A 91 -6.26 -6.28 0.70
C SER A 91 -7.26 -5.22 1.16
N ALA A 92 -8.10 -4.72 0.29
CA ALA A 92 -9.11 -3.72 0.74
C ALA A 92 -9.86 -4.34 1.92
N LYS A 93 -10.39 -5.52 1.73
CA LYS A 93 -11.10 -6.19 2.85
C LYS A 93 -10.16 -6.19 4.07
N ARG A 94 -8.89 -6.10 3.80
CA ARG A 94 -7.86 -6.05 4.88
C ARG A 94 -7.14 -4.68 4.80
N GLY A 95 -7.84 -3.68 4.36
CA GLY A 95 -7.23 -2.33 4.21
C GLY A 95 -6.61 -1.90 5.53
N GLY A 96 -7.02 -2.51 6.60
CA GLY A 96 -6.45 -2.14 7.92
C GLY A 96 -4.93 -2.28 7.85
N ASP A 97 -4.41 -3.37 8.35
CA ASP A 97 -2.95 -3.55 8.32
C ASP A 97 -2.57 -5.03 8.47
N LEU A 98 -1.34 -5.36 8.21
CA LEU A 98 -0.89 -6.78 8.36
C LEU A 98 -0.73 -7.08 9.85
N GLY A 99 -0.29 -6.10 10.59
CA GLY A 99 -0.08 -6.27 12.04
C GLY A 99 1.35 -6.70 12.28
N SER A 100 1.67 -7.90 11.92
CA SER A 100 3.06 -8.40 12.13
C SER A 100 3.37 -9.56 11.18
N PHE A 101 4.57 -9.59 10.66
CA PHE A 101 4.96 -10.67 9.73
C PHE A 101 6.47 -10.59 9.48
N GLY A 102 6.92 -10.89 8.28
CA GLY A 102 8.39 -10.81 8.02
C GLY A 102 8.79 -11.78 6.93
N ARG A 103 8.51 -13.04 7.10
CA ARG A 103 8.89 -14.04 6.06
C ARG A 103 7.67 -14.85 5.63
N GLY A 104 7.61 -15.24 4.38
CA GLY A 104 6.45 -16.04 3.89
C GLY A 104 5.19 -15.17 3.90
N GLN A 105 5.34 -13.89 4.10
CA GLN A 105 4.14 -13.00 4.12
C GLN A 105 4.23 -11.99 2.96
N MET A 106 5.26 -11.20 2.95
CA MET A 106 5.42 -10.18 1.87
C MET A 106 6.62 -10.54 0.99
N GLN A 107 6.45 -10.46 -0.30
CA GLN A 107 7.57 -10.81 -1.22
C GLN A 107 8.81 -9.96 -0.91
N LYS A 108 9.72 -9.86 -1.85
CA LYS A 108 10.97 -9.07 -1.64
C LYS A 108 10.72 -7.54 -1.67
N PRO A 109 9.77 -7.08 -2.45
CA PRO A 109 9.52 -5.62 -2.54
C PRO A 109 8.91 -5.08 -1.25
N PHE A 110 7.75 -5.54 -0.87
CA PHE A 110 7.13 -5.02 0.38
C PHE A 110 8.09 -5.21 1.54
N GLU A 111 8.39 -6.43 1.87
CA GLU A 111 9.28 -6.70 3.02
C GLU A 111 10.41 -5.68 3.08
N GLU A 112 11.34 -5.74 2.18
CA GLU A 112 12.45 -4.75 2.20
C GLU A 112 11.89 -3.33 2.43
N ALA A 113 10.64 -3.11 2.09
CA ALA A 113 10.06 -1.76 2.30
C ALA A 113 9.85 -1.51 3.79
N THR A 114 9.11 -2.35 4.44
CA THR A 114 8.88 -2.17 5.89
C THR A 114 10.18 -2.39 6.65
N TYR A 115 11.04 -3.22 6.13
CA TYR A 115 12.34 -3.47 6.80
C TYR A 115 13.27 -2.30 6.54
N ALA A 116 13.10 -1.63 5.44
CA ALA A 116 13.98 -0.47 5.11
C ALA A 116 13.45 0.81 5.79
N LEU A 117 12.16 0.95 5.89
CA LEU A 117 11.60 2.18 6.53
C LEU A 117 11.30 1.95 8.01
N LYS A 118 12.25 2.19 8.87
CA LYS A 118 12.01 2.00 10.33
C LYS A 118 10.98 3.01 10.82
N VAL A 119 9.75 2.85 10.39
CA VAL A 119 8.66 3.79 10.80
C VAL A 119 9.17 5.22 10.96
N GLY A 120 9.94 5.68 10.02
CA GLY A 120 10.46 7.08 10.08
C GLY A 120 9.71 7.91 9.04
N ASP A 121 9.04 7.24 8.13
CA ASP A 121 8.28 7.97 7.07
C ASP A 121 6.93 7.25 6.83
N ILE A 122 6.50 7.10 5.61
CA ILE A 122 5.20 6.41 5.36
C ILE A 122 5.34 5.42 4.20
N SER A 123 6.53 5.00 3.90
CA SER A 123 6.72 4.04 2.78
C SER A 123 5.86 4.45 1.58
N ASP A 124 5.99 5.66 1.14
CA ASP A 124 5.18 6.14 -0.02
C ASP A 124 5.62 5.43 -1.31
N ILE A 125 4.84 5.52 -2.36
CA ILE A 125 5.20 4.86 -3.65
C ILE A 125 5.83 3.49 -3.39
N VAL A 126 5.02 2.47 -3.33
CA VAL A 126 5.57 1.10 -3.08
C VAL A 126 5.09 0.14 -4.19
N ASP A 127 5.34 0.49 -5.43
CA ASP A 127 4.90 -0.38 -6.56
C ASP A 127 5.25 -1.84 -6.27
N THR A 128 4.29 -2.61 -5.83
CA THR A 128 4.55 -4.05 -5.54
C THR A 128 3.80 -4.94 -6.53
N ASP A 129 3.65 -6.20 -6.23
CA ASP A 129 2.92 -7.10 -7.16
C ASP A 129 1.56 -6.50 -7.51
N SER A 130 0.81 -6.07 -6.52
CA SER A 130 -0.52 -5.46 -6.80
C SER A 130 -0.34 -4.11 -7.49
N GLY A 131 0.67 -3.37 -7.09
CA GLY A 131 0.89 -2.04 -7.70
C GLY A 131 1.39 -1.07 -6.65
N VAL A 132 1.49 0.19 -6.98
CA VAL A 132 1.97 1.18 -5.98
C VAL A 132 1.21 1.01 -4.67
N HIS A 133 1.91 0.77 -3.60
CA HIS A 133 1.25 0.57 -2.28
C HIS A 133 1.67 1.65 -1.29
N ILE A 134 1.28 1.49 -0.05
CA ILE A 134 1.63 2.49 1.00
C ILE A 134 1.54 1.78 2.37
N ILE A 135 2.65 1.61 3.04
CA ILE A 135 2.62 0.89 4.34
C ILE A 135 2.89 1.81 5.52
N LYS A 136 2.45 1.42 6.69
CA LYS A 136 2.68 2.24 7.91
C LYS A 136 3.39 1.37 8.97
N ARG A 137 3.55 1.88 10.16
CA ARG A 137 4.24 1.06 11.20
C ARG A 137 4.07 1.69 12.60
N THR A 138 5.06 1.55 13.44
CA THR A 138 4.97 2.13 14.82
C THR A 138 4.69 3.63 14.79
N ALA A 139 5.31 4.38 15.66
CA ALA A 139 5.08 5.85 15.69
C ALA A 139 3.64 6.15 16.09
N HIS A 20 19.32 -12.39 15.91
CA HIS A 20 17.99 -13.02 16.18
C HIS A 20 18.06 -13.92 17.42
N MET A 21 18.73 -15.03 17.34
CA MET A 21 18.83 -15.93 18.51
C MET A 21 17.44 -16.40 18.94
N ALA A 22 16.70 -15.56 19.63
CA ALA A 22 15.33 -15.95 20.07
C ALA A 22 14.46 -14.71 20.28
N SER A 23 14.34 -13.88 19.27
CA SER A 23 13.49 -12.66 19.42
C SER A 23 13.02 -12.18 18.04
N ARG A 24 13.85 -12.28 17.04
CA ARG A 24 13.45 -11.81 15.68
C ARG A 24 12.82 -10.41 15.76
N ASP A 25 12.22 -9.95 14.70
CA ASP A 25 11.61 -8.59 14.72
C ASP A 25 10.26 -8.61 14.01
N GLN A 26 10.25 -9.04 12.78
CA GLN A 26 8.96 -9.09 12.02
C GLN A 26 8.49 -7.67 11.67
N VAL A 27 8.70 -7.26 10.46
CA VAL A 27 8.28 -5.89 10.03
C VAL A 27 6.76 -5.75 10.05
N LYS A 28 6.21 -5.09 11.05
CA LYS A 28 4.73 -4.90 11.07
C LYS A 28 4.39 -3.69 10.20
N ALA A 29 3.16 -3.55 9.77
CA ALA A 29 2.83 -2.37 8.91
C ALA A 29 1.37 -2.39 8.46
N SER A 30 0.98 -1.36 7.76
CA SER A 30 -0.41 -1.28 7.22
C SER A 30 -0.31 -0.95 5.74
N HIS A 31 -1.40 -0.80 5.02
CA HIS A 31 -1.21 -0.50 3.56
C HIS A 31 -2.50 -0.02 2.87
N ILE A 32 -2.32 0.55 1.69
CA ILE A 32 -3.47 1.05 0.88
C ILE A 32 -3.11 0.88 -0.61
N LEU A 33 -4.03 1.16 -1.50
CA LEU A 33 -3.71 1.02 -2.96
C LEU A 33 -4.46 2.06 -3.78
N ILE A 34 -3.79 2.73 -4.68
CA ILE A 34 -4.46 3.76 -5.51
C ILE A 34 -4.72 3.22 -6.93
N LYS A 35 -4.11 2.13 -7.28
CA LYS A 35 -4.31 1.55 -8.64
C LYS A 35 -3.71 2.47 -9.71
N HIS A 36 -3.09 1.90 -10.70
CA HIS A 36 -2.48 2.73 -11.78
C HIS A 36 -2.01 1.85 -12.94
N GLN A 37 -0.91 2.19 -13.55
CA GLN A 37 -0.40 1.36 -14.69
C GLN A 37 -0.51 -0.13 -14.34
N GLY A 38 0.43 -0.62 -13.59
CA GLY A 38 0.39 -2.08 -13.21
C GLY A 38 0.09 -2.91 -14.45
N SER A 39 -0.28 -4.15 -14.25
CA SER A 39 -0.59 -5.02 -15.42
C SER A 39 -1.22 -6.34 -14.96
N ARG A 40 -2.44 -6.29 -14.47
CA ARG A 40 -3.11 -7.54 -14.00
C ARG A 40 -4.63 -7.40 -14.12
N ARG A 41 -5.36 -8.28 -13.50
CA ARG A 41 -6.84 -8.19 -13.58
C ARG A 41 -7.38 -7.18 -12.54
N LYS A 42 -6.75 -6.04 -12.43
CA LYS A 42 -7.21 -5.02 -11.45
C LYS A 42 -7.45 -5.67 -10.08
N ALA A 43 -8.63 -6.14 -9.84
CA ALA A 43 -8.93 -6.78 -8.52
C ALA A 43 -9.69 -8.10 -8.74
N SER A 44 -9.89 -8.85 -7.69
CA SER A 44 -10.62 -10.15 -7.84
C SER A 44 -12.06 -10.00 -7.34
N TRP A 45 -12.76 -9.00 -7.81
CA TRP A 45 -14.17 -8.81 -7.36
C TRP A 45 -15.13 -8.98 -8.55
N LYS A 46 -16.38 -8.69 -8.35
CA LYS A 46 -17.37 -8.84 -9.46
C LYS A 46 -18.42 -7.73 -9.39
N ASP A 47 -18.24 -6.77 -8.53
CA ASP A 47 -19.24 -5.67 -8.41
C ASP A 47 -18.87 -4.50 -9.35
N PRO A 48 -17.73 -3.90 -9.11
CA PRO A 48 -17.29 -2.77 -9.95
C PRO A 48 -16.84 -3.26 -11.34
N GLU A 49 -17.00 -2.45 -12.35
CA GLU A 49 -16.59 -2.87 -13.71
C GLU A 49 -15.73 -1.78 -14.36
N GLY A 50 -14.90 -2.16 -15.30
CA GLY A 50 -14.03 -1.15 -15.98
C GLY A 50 -14.40 -1.09 -17.46
N LYS A 51 -14.93 0.02 -17.91
CA LYS A 51 -15.32 0.14 -19.34
C LYS A 51 -14.07 0.04 -20.23
N ILE A 52 -13.24 1.05 -20.23
CA ILE A 52 -12.01 1.00 -21.08
C ILE A 52 -11.12 2.23 -20.76
N ILE A 53 -11.71 3.40 -20.74
CA ILE A 53 -10.90 4.62 -20.43
C ILE A 53 -10.31 4.52 -19.02
N LEU A 54 -9.14 5.05 -18.84
CA LEU A 54 -8.50 5.00 -17.49
C LEU A 54 -7.31 5.97 -17.42
N THR A 55 -6.66 6.04 -16.29
CA THR A 55 -5.49 6.97 -16.16
C THR A 55 -4.63 6.55 -14.98
N THR A 56 -3.98 7.50 -14.34
CA THR A 56 -3.12 7.16 -13.19
C THR A 56 -2.10 6.08 -13.58
N THR A 57 -0.91 6.47 -13.96
CA THR A 57 0.12 5.48 -14.37
C THR A 57 1.27 5.46 -13.36
N ARG A 58 2.31 4.75 -13.66
CA ARG A 58 3.47 4.69 -12.72
C ARG A 58 3.77 6.07 -12.15
N GLU A 59 4.36 6.93 -12.94
CA GLU A 59 4.67 8.30 -12.45
C GLU A 59 3.47 8.86 -11.69
N ALA A 60 2.37 9.04 -12.36
CA ALA A 60 1.16 9.58 -11.67
C ALA A 60 0.94 8.87 -10.34
N ALA A 61 0.78 7.57 -10.38
CA ALA A 61 0.57 6.82 -9.11
C ALA A 61 1.55 7.32 -8.06
N VAL A 62 2.82 7.24 -8.34
CA VAL A 62 3.83 7.74 -7.38
C VAL A 62 3.43 9.16 -6.95
N GLU A 63 3.25 10.04 -7.90
CA GLU A 63 2.85 11.43 -7.55
C GLU A 63 1.65 11.40 -6.61
N GLN A 64 0.62 10.68 -6.96
CA GLN A 64 -0.55 10.59 -6.07
C GLN A 64 -0.08 10.09 -4.70
N LEU A 65 0.91 9.25 -4.70
CA LEU A 65 1.44 8.71 -3.42
C LEU A 65 2.46 9.70 -2.83
N LYS A 66 2.99 10.58 -3.64
CA LYS A 66 3.96 11.57 -3.12
C LYS A 66 3.27 12.47 -2.10
N SER A 67 2.27 13.20 -2.53
CA SER A 67 1.51 14.07 -1.58
C SER A 67 0.91 13.19 -0.49
N ILE A 68 0.48 12.01 -0.84
CA ILE A 68 -0.11 11.11 0.19
C ILE A 68 0.82 11.08 1.41
N ARG A 69 2.04 10.69 1.22
CA ARG A 69 2.98 10.66 2.39
C ARG A 69 2.85 12.00 3.13
N GLU A 70 2.79 13.08 2.40
CA GLU A 70 2.63 14.42 3.03
C GLU A 70 1.24 14.49 3.67
N ASP A 71 0.23 14.38 2.89
CA ASP A 71 -1.15 14.41 3.45
C ASP A 71 -1.19 13.48 4.65
N ILE A 72 -0.66 12.30 4.51
CA ILE A 72 -0.63 11.35 5.66
C ILE A 72 0.22 11.98 6.76
N VAL A 73 1.21 12.74 6.35
CA VAL A 73 2.09 13.42 7.33
C VAL A 73 1.31 14.57 7.98
N SER A 74 0.91 15.54 7.21
CA SER A 74 0.12 16.67 7.79
C SER A 74 -1.38 16.43 7.57
N GLY A 75 -2.19 16.71 8.55
CA GLY A 75 -3.64 16.49 8.40
C GLY A 75 -3.98 15.08 8.89
N LYS A 76 -4.73 14.99 9.95
CA LYS A 76 -5.10 13.65 10.51
C LYS A 76 -6.00 12.89 9.51
N ALA A 77 -5.55 12.73 8.31
CA ALA A 77 -6.35 12.01 7.29
C ALA A 77 -6.64 10.57 7.75
N ASN A 78 -5.94 10.13 8.75
CA ASN A 78 -6.13 8.75 9.28
C ASN A 78 -5.53 7.72 8.30
N PHE A 79 -6.16 6.59 8.13
CA PHE A 79 -5.58 5.57 7.19
C PHE A 79 -6.51 4.36 7.05
N GLU A 80 -7.00 3.85 8.14
CA GLU A 80 -7.89 2.64 8.08
C GLU A 80 -9.00 2.83 7.04
N GLU A 81 -10.12 3.39 7.45
CA GLU A 81 -11.26 3.58 6.49
C GLU A 81 -10.73 3.98 5.11
N VAL A 82 -9.83 4.93 5.05
CA VAL A 82 -9.28 5.34 3.73
C VAL A 82 -8.76 4.11 3.00
N ALA A 83 -8.13 3.21 3.72
CA ALA A 83 -7.59 1.98 3.07
C ALA A 83 -8.74 1.06 2.65
N THR A 84 -9.56 0.67 3.58
CA THR A 84 -10.70 -0.24 3.25
C THR A 84 -11.32 0.12 1.90
N ARG A 85 -11.25 1.35 1.49
CA ARG A 85 -11.85 1.73 0.18
C ARG A 85 -10.80 1.71 -0.95
N VAL A 86 -9.87 2.61 -0.91
CA VAL A 86 -8.82 2.68 -1.97
C VAL A 86 -7.73 1.64 -1.69
N SER A 87 -8.07 0.39 -1.68
CA SER A 87 -7.05 -0.66 -1.42
C SER A 87 -7.09 -1.74 -2.51
N ASP A 88 -6.18 -2.69 -2.44
CA ASP A 88 -6.15 -3.78 -3.46
C ASP A 88 -7.37 -4.69 -3.29
N CYS A 89 -8.54 -4.17 -3.53
CA CYS A 89 -9.78 -4.98 -3.40
C CYS A 89 -9.77 -5.78 -2.08
N SER A 90 -9.21 -6.96 -2.09
CA SER A 90 -9.17 -7.77 -0.84
C SER A 90 -8.78 -6.86 0.32
N SER A 91 -7.68 -6.18 0.18
CA SER A 91 -7.26 -5.25 1.26
C SER A 91 -8.43 -4.34 1.62
N ALA A 92 -9.28 -4.01 0.69
CA ALA A 92 -10.45 -3.17 1.07
C ALA A 92 -11.11 -3.82 2.28
N LYS A 93 -11.13 -5.13 2.27
CA LYS A 93 -11.69 -5.88 3.43
C LYS A 93 -10.71 -5.75 4.60
N ARG A 94 -9.45 -5.63 4.28
CA ARG A 94 -8.38 -5.47 5.31
C ARG A 94 -7.65 -4.15 5.08
N GLY A 95 -8.37 -3.06 4.97
CA GLY A 95 -7.73 -1.74 4.69
C GLY A 95 -6.85 -1.34 5.86
N GLY A 96 -7.12 -1.87 7.01
CA GLY A 96 -6.30 -1.51 8.20
C GLY A 96 -4.83 -1.81 7.92
N ASP A 97 -4.38 -2.96 8.36
CA ASP A 97 -2.95 -3.30 8.14
C ASP A 97 -2.75 -4.82 8.13
N LEU A 98 -1.56 -5.28 7.83
CA LEU A 98 -1.30 -6.75 7.83
C LEU A 98 -1.03 -7.18 9.27
N GLY A 99 -0.14 -6.49 9.92
CA GLY A 99 0.22 -6.80 11.32
C GLY A 99 1.71 -6.99 11.42
N SER A 100 2.19 -8.17 11.11
CA SER A 100 3.65 -8.41 11.19
C SER A 100 4.10 -9.48 10.19
N PHE A 101 5.30 -9.34 9.69
CA PHE A 101 5.85 -10.32 8.72
C PHE A 101 7.34 -10.06 8.54
N GLY A 102 8.04 -10.82 7.77
CA GLY A 102 9.49 -10.55 7.61
C GLY A 102 10.08 -11.40 6.49
N ARG A 103 10.83 -12.41 6.84
CA ARG A 103 11.45 -13.28 5.81
C ARG A 103 10.36 -13.97 4.97
N GLY A 104 9.75 -13.25 4.08
CA GLY A 104 8.69 -13.87 3.23
C GLY A 104 7.51 -12.91 3.11
N GLN A 105 6.35 -13.41 2.80
CA GLN A 105 5.16 -12.52 2.67
C GLN A 105 5.42 -11.39 1.69
N MET A 106 4.40 -10.64 1.43
CA MET A 106 4.52 -9.44 0.54
C MET A 106 5.64 -9.60 -0.49
N GLN A 107 5.79 -10.77 -1.04
CA GLN A 107 6.87 -10.97 -2.05
C GLN A 107 8.17 -10.31 -1.58
N LYS A 108 8.99 -9.86 -2.49
CA LYS A 108 10.28 -9.23 -2.08
C LYS A 108 10.24 -7.68 -2.12
N PRO A 109 9.37 -7.09 -2.92
CA PRO A 109 9.34 -5.61 -2.99
C PRO A 109 8.77 -4.98 -1.72
N PHE A 110 7.47 -5.10 -1.50
CA PHE A 110 6.88 -4.48 -0.28
C PHE A 110 7.77 -4.70 0.94
N GLU A 111 7.99 -5.93 1.32
CA GLU A 111 8.83 -6.20 2.53
C GLU A 111 10.05 -5.28 2.56
N GLU A 112 10.89 -5.37 1.58
CA GLU A 112 12.09 -4.48 1.56
C GLU A 112 11.65 -3.02 1.74
N ALA A 113 10.40 -2.73 1.47
CA ALA A 113 9.90 -1.34 1.62
C ALA A 113 9.74 -0.98 3.09
N THR A 114 8.98 -1.76 3.81
CA THR A 114 8.77 -1.47 5.25
C THR A 114 10.07 -1.69 6.01
N TYR A 115 10.96 -2.46 5.45
CA TYR A 115 12.26 -2.71 6.13
C TYR A 115 13.21 -1.55 5.85
N ALA A 116 12.93 -0.81 4.80
CA ALA A 116 13.80 0.34 4.43
C ALA A 116 13.29 1.64 5.04
N LEU A 117 12.01 1.91 4.94
CA LEU A 117 11.48 3.19 5.51
C LEU A 117 10.93 2.98 6.92
N LYS A 118 10.81 4.03 7.68
CA LYS A 118 10.26 3.91 9.06
C LYS A 118 9.01 4.79 9.19
N VAL A 119 8.26 4.61 10.23
CA VAL A 119 7.01 5.42 10.41
C VAL A 119 7.34 6.92 10.38
N GLY A 120 8.58 7.27 10.57
CA GLY A 120 8.95 8.72 10.56
C GLY A 120 8.95 9.25 9.13
N ASP A 121 9.01 8.38 8.16
CA ASP A 121 9.01 8.86 6.74
C ASP A 121 7.71 8.44 6.03
N ILE A 122 7.05 7.44 6.52
CA ILE A 122 5.79 6.97 5.87
C ILE A 122 6.08 6.58 4.42
N SER A 123 5.74 5.38 4.05
CA SER A 123 5.99 4.93 2.64
C SER A 123 5.67 6.05 1.65
N ASP A 124 6.67 6.60 1.02
CA ASP A 124 6.42 7.70 0.06
C ASP A 124 5.67 7.18 -1.17
N ILE A 125 6.22 6.22 -1.84
CA ILE A 125 5.54 5.67 -3.05
C ILE A 125 5.86 4.18 -3.23
N VAL A 126 4.92 3.32 -2.96
CA VAL A 126 5.15 1.86 -3.13
C VAL A 126 4.60 1.41 -4.48
N ASP A 127 5.08 0.32 -5.00
CA ASP A 127 4.58 -0.16 -6.32
C ASP A 127 4.78 -1.67 -6.46
N THR A 128 3.72 -2.42 -6.62
CA THR A 128 3.84 -3.89 -6.77
C THR A 128 2.65 -4.41 -7.59
N ASP A 129 2.40 -5.69 -7.56
CA ASP A 129 1.24 -6.22 -8.33
C ASP A 129 0.03 -5.33 -8.08
N SER A 130 -1.01 -5.47 -8.87
CA SER A 130 -2.21 -4.61 -8.67
C SER A 130 -1.89 -3.15 -9.03
N GLY A 131 -0.92 -2.58 -8.38
CA GLY A 131 -0.56 -1.16 -8.68
C GLY A 131 0.38 -0.63 -7.59
N VAL A 132 0.11 0.55 -7.09
CA VAL A 132 0.99 1.12 -6.03
C VAL A 132 0.24 1.15 -4.69
N HIS A 133 0.96 1.11 -3.60
CA HIS A 133 0.29 1.12 -2.28
C HIS A 133 0.99 2.11 -1.33
N ILE A 134 0.43 2.30 -0.16
CA ILE A 134 1.05 3.22 0.84
C ILE A 134 1.09 2.50 2.18
N ILE A 135 2.25 2.26 2.72
CA ILE A 135 2.32 1.51 4.01
C ILE A 135 2.64 2.43 5.20
N LYS A 136 2.27 1.98 6.37
CA LYS A 136 2.55 2.77 7.60
C LYS A 136 3.28 1.87 8.59
N ARG A 137 3.58 2.36 9.77
CA ARG A 137 4.30 1.52 10.75
C ARG A 137 3.88 1.87 12.19
N THR A 138 4.77 2.40 12.99
CA THR A 138 4.41 2.75 14.39
C THR A 138 3.28 3.80 14.40
N ALA A 139 3.43 4.85 15.15
CA ALA A 139 2.36 5.90 15.20
C ALA A 139 1.13 5.38 15.95
N HIS A 20 13.31 -17.18 22.50
CA HIS A 20 12.48 -15.95 22.64
C HIS A 20 12.82 -14.95 21.52
N MET A 21 12.27 -13.77 21.58
CA MET A 21 12.55 -12.77 20.52
C MET A 21 13.83 -11.99 20.86
N ALA A 22 14.76 -11.92 19.95
CA ALA A 22 16.02 -11.18 20.23
C ALA A 22 16.65 -10.70 18.92
N SER A 23 16.78 -9.41 18.75
CA SER A 23 17.38 -8.89 17.49
C SER A 23 16.61 -9.41 16.27
N ARG A 24 16.95 -10.58 15.81
CA ARG A 24 16.24 -11.14 14.62
C ARG A 24 15.99 -10.05 13.58
N ASP A 25 15.03 -10.25 12.71
CA ASP A 25 14.75 -9.22 11.68
C ASP A 25 13.24 -9.07 11.49
N GLN A 26 12.66 -9.78 10.57
CA GLN A 26 11.19 -9.68 10.33
C GLN A 26 10.79 -8.21 10.10
N VAL A 27 9.61 -7.97 9.61
CA VAL A 27 9.19 -6.56 9.37
C VAL A 27 7.66 -6.42 9.42
N LYS A 28 7.12 -5.99 10.53
CA LYS A 28 5.64 -5.80 10.61
C LYS A 28 5.26 -4.53 9.83
N ALA A 29 4.01 -4.35 9.53
CA ALA A 29 3.63 -3.10 8.79
C ALA A 29 2.19 -3.14 8.28
N SER A 30 1.69 -2.00 7.88
CA SER A 30 0.30 -1.92 7.34
C SER A 30 0.38 -1.33 5.93
N HIS A 31 -0.72 -1.18 5.24
CA HIS A 31 -0.60 -0.61 3.86
C HIS A 31 -1.96 -0.40 3.16
N ILE A 32 -1.92 0.22 2.01
CA ILE A 32 -3.15 0.47 1.21
C ILE A 32 -2.79 0.40 -0.28
N LEU A 33 -3.75 0.47 -1.16
CA LEU A 33 -3.44 0.42 -2.62
C LEU A 33 -4.35 1.37 -3.40
N ILE A 34 -3.79 2.23 -4.20
CA ILE A 34 -4.63 3.17 -4.98
C ILE A 34 -5.04 2.50 -6.31
N LYS A 35 -4.47 2.91 -7.41
CA LYS A 35 -4.84 2.29 -8.71
C LYS A 35 -4.03 2.91 -9.85
N HIS A 36 -3.79 2.18 -10.90
CA HIS A 36 -3.02 2.74 -12.04
C HIS A 36 -2.92 1.70 -13.18
N GLN A 37 -1.80 1.64 -13.83
CA GLN A 37 -1.65 0.67 -14.96
C GLN A 37 -0.82 -0.54 -14.52
N GLY A 38 -1.36 -1.37 -13.65
CA GLY A 38 -0.61 -2.56 -13.19
C GLY A 38 -1.24 -3.82 -13.78
N SER A 39 -1.54 -4.79 -12.95
CA SER A 39 -2.17 -6.04 -13.48
C SER A 39 -3.49 -6.31 -12.74
N ARG A 40 -4.07 -7.46 -12.97
CA ARG A 40 -5.35 -7.78 -12.28
C ARG A 40 -6.46 -6.81 -12.73
N ARG A 41 -7.59 -6.85 -12.08
CA ARG A 41 -8.70 -5.94 -12.47
C ARG A 41 -9.22 -5.20 -11.23
N LYS A 42 -9.39 -3.91 -11.33
CA LYS A 42 -9.89 -3.14 -10.15
C LYS A 42 -11.40 -2.91 -10.28
N ALA A 43 -11.99 -2.21 -9.35
CA ALA A 43 -13.46 -1.96 -9.42
C ALA A 43 -14.22 -3.27 -9.53
N SER A 44 -13.66 -4.35 -9.06
CA SER A 44 -14.35 -5.66 -9.15
C SER A 44 -15.68 -5.61 -8.39
N TRP A 45 -16.02 -6.66 -7.69
CA TRP A 45 -17.30 -6.66 -6.93
C TRP A 45 -18.49 -6.50 -7.90
N LYS A 46 -18.65 -7.42 -8.81
CA LYS A 46 -19.79 -7.31 -9.78
C LYS A 46 -19.81 -5.91 -10.40
N ASP A 47 -18.85 -5.59 -11.21
CA ASP A 47 -18.81 -4.25 -11.86
C ASP A 47 -18.48 -4.37 -13.35
N PRO A 48 -18.99 -3.45 -14.12
CA PRO A 48 -18.75 -3.45 -15.58
C PRO A 48 -17.32 -2.98 -15.88
N GLU A 49 -16.99 -2.88 -17.14
CA GLU A 49 -15.62 -2.41 -17.51
C GLU A 49 -15.67 -1.65 -18.84
N GLY A 50 -14.76 -0.73 -19.05
CA GLY A 50 -14.77 0.04 -20.32
C GLY A 50 -13.57 -0.37 -21.18
N LYS A 51 -12.63 -1.09 -20.62
CA LYS A 51 -11.44 -1.51 -21.40
C LYS A 51 -10.78 -0.30 -22.06
N ILE A 52 -10.37 -0.43 -23.29
CA ILE A 52 -9.71 0.72 -23.98
C ILE A 52 -8.56 1.24 -23.12
N ILE A 53 -8.81 2.19 -22.27
CA ILE A 53 -7.73 2.73 -21.39
C ILE A 53 -8.11 2.53 -19.93
N LEU A 54 -7.35 3.07 -19.03
CA LEU A 54 -7.69 2.90 -17.57
C LEU A 54 -7.88 4.26 -16.91
N THR A 55 -6.81 4.91 -16.52
CA THR A 55 -6.93 6.24 -15.85
C THR A 55 -5.59 6.65 -15.25
N THR A 56 -5.38 6.38 -14.00
CA THR A 56 -4.10 6.76 -13.36
C THR A 56 -2.93 5.99 -13.98
N THR A 57 -1.89 6.67 -14.36
CA THR A 57 -0.71 5.98 -14.97
C THR A 57 0.45 5.97 -13.98
N ARG A 58 1.55 5.36 -14.33
CA ARG A 58 2.71 5.34 -13.38
C ARG A 58 2.90 6.73 -12.77
N GLU A 59 3.18 7.71 -13.57
CA GLU A 59 3.37 9.08 -13.03
C GLU A 59 2.15 9.47 -12.20
N ALA A 60 1.01 9.59 -12.83
CA ALA A 60 -0.22 9.96 -12.08
C ALA A 60 -0.29 9.18 -10.77
N ALA A 61 -0.14 7.89 -10.83
CA ALA A 61 -0.17 7.06 -9.58
C ALA A 61 0.71 7.70 -8.51
N VAL A 62 2.00 7.68 -8.72
CA VAL A 62 2.92 8.29 -7.72
C VAL A 62 2.38 9.66 -7.30
N GLU A 63 1.76 10.36 -8.21
CA GLU A 63 1.21 11.70 -7.87
C GLU A 63 0.07 11.52 -6.86
N GLN A 64 -0.87 10.68 -7.18
CA GLN A 64 -2.01 10.45 -6.23
C GLN A 64 -1.45 9.91 -4.91
N LEU A 65 -0.35 9.22 -4.97
CA LEU A 65 0.26 8.68 -3.73
C LEU A 65 1.12 9.76 -3.05
N LYS A 66 1.80 10.55 -3.83
CA LYS A 66 2.64 11.63 -3.24
C LYS A 66 1.80 12.47 -2.27
N SER A 67 0.53 12.57 -2.54
CA SER A 67 -0.36 13.36 -1.65
C SER A 67 -0.84 12.48 -0.49
N ILE A 68 -1.13 11.23 -0.76
CA ILE A 68 -1.59 10.33 0.34
C ILE A 68 -0.50 10.24 1.40
N ARG A 69 0.71 9.99 1.00
CA ARG A 69 1.82 9.92 2.00
C ARG A 69 1.94 11.28 2.68
N GLU A 70 1.76 12.32 1.91
CA GLU A 70 1.83 13.70 2.47
C GLU A 70 0.70 13.87 3.48
N ASP A 71 -0.51 13.67 3.05
CA ASP A 71 -1.65 13.80 3.98
C ASP A 71 -1.39 12.90 5.18
N ILE A 72 -1.03 11.66 4.95
CA ILE A 72 -0.72 10.76 6.08
C ILE A 72 0.48 11.32 6.84
N VAL A 73 1.30 12.06 6.16
CA VAL A 73 2.49 12.67 6.82
C VAL A 73 2.01 13.78 7.77
N SER A 74 1.34 14.77 7.26
CA SER A 74 0.85 15.86 8.15
C SER A 74 -0.62 15.62 8.51
N GLY A 75 -0.99 15.89 9.73
CA GLY A 75 -2.40 15.68 10.15
C GLY A 75 -2.60 14.22 10.52
N LYS A 76 -2.76 13.94 11.78
CA LYS A 76 -2.98 12.53 12.20
C LYS A 76 -4.34 12.05 11.71
N ALA A 77 -4.59 12.17 10.44
CA ALA A 77 -5.92 11.74 9.89
C ALA A 77 -6.16 10.25 10.16
N ASN A 78 -7.04 9.65 9.40
CA ASN A 78 -7.34 8.21 9.60
C ASN A 78 -6.49 7.34 8.67
N PHE A 79 -6.92 6.14 8.39
CA PHE A 79 -6.14 5.26 7.48
C PHE A 79 -6.86 3.91 7.32
N GLU A 80 -7.56 3.46 8.32
CA GLU A 80 -8.27 2.15 8.22
C GLU A 80 -9.37 2.21 7.16
N GLU A 81 -10.51 2.76 7.50
CA GLU A 81 -11.62 2.85 6.50
C GLU A 81 -11.04 3.26 5.14
N VAL A 82 -10.19 4.24 5.13
CA VAL A 82 -9.57 4.65 3.84
C VAL A 82 -9.02 3.41 3.13
N ALA A 83 -8.28 2.62 3.86
CA ALA A 83 -7.70 1.39 3.26
C ALA A 83 -8.80 0.42 2.82
N THR A 84 -9.63 0.00 3.74
CA THR A 84 -10.72 -0.96 3.38
C THR A 84 -11.35 -0.59 2.03
N ARG A 85 -11.32 0.65 1.66
CA ARG A 85 -11.93 1.05 0.36
C ARG A 85 -10.87 1.09 -0.74
N VAL A 86 -9.95 2.01 -0.64
CA VAL A 86 -8.87 2.10 -1.68
C VAL A 86 -7.73 1.14 -1.35
N SER A 87 -8.03 -0.13 -1.21
CA SER A 87 -6.96 -1.11 -0.88
C SER A 87 -6.91 -2.23 -1.92
N ASP A 88 -5.96 -3.13 -1.77
CA ASP A 88 -5.84 -4.26 -2.74
C ASP A 88 -7.03 -5.22 -2.62
N CYS A 89 -8.14 -4.88 -3.22
CA CYS A 89 -9.34 -5.76 -3.16
C CYS A 89 -9.47 -6.42 -1.79
N SER A 90 -8.92 -7.60 -1.63
CA SER A 90 -8.99 -8.27 -0.32
C SER A 90 -8.65 -7.27 0.77
N SER A 91 -7.58 -6.56 0.56
CA SER A 91 -7.19 -5.51 1.55
C SER A 91 -8.38 -4.60 1.79
N ALA A 92 -9.17 -4.33 0.78
CA ALA A 92 -10.37 -3.47 1.01
C ALA A 92 -11.10 -4.06 2.22
N LYS A 93 -10.99 -5.35 2.38
CA LYS A 93 -11.61 -6.03 3.55
C LYS A 93 -10.61 -5.93 4.71
N ARG A 94 -9.36 -5.93 4.39
CA ARG A 94 -8.29 -5.82 5.42
C ARG A 94 -7.42 -4.58 5.12
N GLY A 95 -8.01 -3.43 5.11
CA GLY A 95 -7.24 -2.18 4.80
C GLY A 95 -6.37 -1.79 5.98
N GLY A 96 -6.52 -2.46 7.08
CA GLY A 96 -5.69 -2.13 8.28
C GLY A 96 -4.21 -2.37 7.95
N ASP A 97 -3.69 -3.50 8.33
CA ASP A 97 -2.26 -3.77 8.04
C ASP A 97 -2.01 -5.25 7.78
N LEU A 98 -0.75 -5.63 7.70
CA LEU A 98 -0.40 -7.06 7.46
C LEU A 98 -0.17 -7.73 8.81
N GLY A 99 0.88 -7.33 9.47
CA GLY A 99 1.22 -7.90 10.79
C GLY A 99 2.73 -8.04 10.89
N SER A 100 3.25 -9.15 10.45
CA SER A 100 4.73 -9.35 10.51
C SER A 100 5.20 -10.28 9.41
N PHE A 101 6.19 -9.87 8.65
CA PHE A 101 6.72 -10.72 7.56
C PHE A 101 8.19 -10.36 7.33
N GLY A 102 8.69 -10.58 6.14
CA GLY A 102 10.12 -10.23 5.89
C GLY A 102 10.65 -11.08 4.72
N ARG A 103 11.15 -12.25 5.01
CA ARG A 103 11.68 -13.12 3.92
C ARG A 103 10.51 -13.74 3.13
N GLY A 104 10.04 -13.07 2.13
CA GLY A 104 8.91 -13.62 1.33
C GLY A 104 7.65 -12.77 1.55
N GLN A 105 6.50 -13.39 1.60
CA GLN A 105 5.24 -12.62 1.83
C GLN A 105 5.08 -11.51 0.79
N MET A 106 5.70 -10.39 1.05
CA MET A 106 5.62 -9.23 0.13
C MET A 106 6.78 -9.24 -0.87
N GLN A 107 7.26 -10.41 -1.21
CA GLN A 107 8.40 -10.49 -2.18
C GLN A 107 9.55 -9.58 -1.72
N LYS A 108 10.44 -9.23 -2.61
CA LYS A 108 11.59 -8.36 -2.22
C LYS A 108 11.31 -6.84 -2.44
N PRO A 109 10.31 -6.49 -3.22
CA PRO A 109 10.03 -5.05 -3.44
C PRO A 109 9.38 -4.43 -2.20
N PHE A 110 8.14 -4.73 -1.93
CA PHE A 110 7.49 -4.14 -0.73
C PHE A 110 8.43 -4.23 0.47
N GLU A 111 8.91 -5.42 0.75
CA GLU A 111 9.83 -5.61 1.91
C GLU A 111 10.83 -4.45 1.98
N GLU A 112 11.68 -4.34 0.99
CA GLU A 112 12.68 -3.24 0.99
C GLU A 112 12.00 -1.93 1.40
N ALA A 113 10.72 -1.82 1.17
CA ALA A 113 10.00 -0.57 1.54
C ALA A 113 9.93 -0.43 3.06
N THR A 114 9.32 -1.39 3.71
CA THR A 114 9.21 -1.31 5.18
C THR A 114 10.60 -1.50 5.80
N TYR A 115 11.46 -2.20 5.11
CA TYR A 115 12.83 -2.41 5.64
C TYR A 115 13.66 -1.13 5.44
N ALA A 116 13.23 -0.29 4.52
CA ALA A 116 13.96 0.97 4.25
C ALA A 116 13.46 2.11 5.14
N LEU A 117 12.17 2.32 5.20
CA LEU A 117 11.65 3.43 6.05
C LEU A 117 11.22 2.91 7.42
N LYS A 118 11.10 3.79 8.38
CA LYS A 118 10.68 3.35 9.75
C LYS A 118 9.20 3.70 9.98
N VAL A 119 8.90 4.96 10.14
CA VAL A 119 7.48 5.35 10.38
C VAL A 119 7.32 6.87 10.32
N GLY A 120 8.32 7.60 10.74
CA GLY A 120 8.21 9.09 10.71
C GLY A 120 8.06 9.58 9.27
N ASP A 121 8.69 8.91 8.34
CA ASP A 121 8.58 9.34 6.91
C ASP A 121 7.47 8.56 6.20
N ILE A 122 7.12 7.42 6.72
CA ILE A 122 6.04 6.61 6.06
C ILE A 122 6.49 6.19 4.66
N SER A 123 6.60 4.92 4.44
CA SER A 123 7.04 4.41 3.10
C SER A 123 6.46 5.27 1.98
N ASP A 124 7.19 5.42 0.90
CA ASP A 124 6.70 6.26 -0.24
C ASP A 124 6.36 5.35 -1.44
N ILE A 125 5.45 5.79 -2.29
CA ILE A 125 5.02 5.00 -3.49
C ILE A 125 5.61 3.58 -3.48
N VAL A 126 4.80 2.60 -3.23
CA VAL A 126 5.31 1.20 -3.21
C VAL A 126 4.79 0.42 -4.42
N ASP A 127 5.14 0.85 -5.61
CA ASP A 127 4.66 0.13 -6.83
C ASP A 127 5.08 -1.34 -6.79
N THR A 128 4.17 -2.20 -6.41
CA THR A 128 4.49 -3.65 -6.34
C THR A 128 3.33 -4.44 -6.93
N ASP A 129 3.24 -5.70 -6.60
CA ASP A 129 2.09 -6.51 -7.14
C ASP A 129 0.81 -5.70 -7.02
N SER A 130 -0.16 -5.97 -7.84
CA SER A 130 -1.45 -5.20 -7.77
C SER A 130 -1.24 -3.77 -8.26
N GLY A 131 -0.35 -3.05 -7.66
CA GLY A 131 -0.11 -1.65 -8.11
C GLY A 131 0.61 -0.86 -7.00
N VAL A 132 0.63 0.45 -7.12
CA VAL A 132 1.31 1.29 -6.09
C VAL A 132 0.69 1.10 -4.71
N HIS A 133 1.50 0.75 -3.76
CA HIS A 133 1.00 0.54 -2.37
C HIS A 133 1.65 1.55 -1.42
N ILE A 134 1.09 1.71 -0.26
CA ILE A 134 1.69 2.63 0.74
C ILE A 134 1.80 1.87 2.07
N ILE A 135 2.74 2.19 2.92
CA ILE A 135 2.85 1.42 4.18
C ILE A 135 3.09 2.34 5.39
N LYS A 136 2.80 1.83 6.55
CA LYS A 136 3.01 2.62 7.79
C LYS A 136 3.62 1.70 8.86
N ARG A 137 3.99 2.22 9.99
CA ARG A 137 4.59 1.34 11.04
C ARG A 137 4.37 1.94 12.43
N THR A 138 5.42 2.16 13.19
CA THR A 138 5.27 2.72 14.56
C THR A 138 4.64 4.13 14.49
N ALA A 139 5.17 5.06 15.23
CA ALA A 139 4.61 6.44 15.21
C ALA A 139 5.56 7.39 14.48
N HIS A 20 14.84 -12.97 18.16
CA HIS A 20 13.71 -13.19 19.12
C HIS A 20 14.01 -12.48 20.44
N MET A 21 15.13 -12.78 21.05
CA MET A 21 15.48 -12.12 22.33
C MET A 21 16.46 -10.97 22.09
N ALA A 22 17.35 -11.13 21.13
CA ALA A 22 18.33 -10.07 20.84
C ALA A 22 17.70 -8.97 19.97
N SER A 23 16.74 -9.33 19.16
CA SER A 23 16.09 -8.31 18.29
C SER A 23 14.81 -8.88 17.69
N ARG A 24 14.11 -8.10 16.90
CA ARG A 24 12.84 -8.59 16.28
C ARG A 24 13.14 -9.80 15.38
N ASP A 25 12.18 -10.20 14.60
CA ASP A 25 12.39 -11.36 13.69
C ASP A 25 11.60 -11.15 12.41
N GLN A 26 10.30 -11.15 12.51
CA GLN A 26 9.46 -10.94 11.30
C GLN A 26 9.28 -9.44 11.05
N VAL A 27 8.69 -9.07 9.95
CA VAL A 27 8.48 -7.61 9.68
C VAL A 27 6.99 -7.28 9.71
N LYS A 28 6.48 -6.86 10.82
CA LYS A 28 5.03 -6.50 10.88
C LYS A 28 4.80 -5.20 10.13
N ALA A 29 3.59 -4.91 9.76
CA ALA A 29 3.33 -3.62 9.02
C ALA A 29 1.91 -3.55 8.45
N SER A 30 1.54 -2.41 7.94
CA SER A 30 0.19 -2.25 7.33
C SER A 30 0.36 -1.79 5.88
N HIS A 31 -0.70 -1.46 5.18
CA HIS A 31 -0.48 -1.01 3.76
C HIS A 31 -1.77 -0.54 3.08
N ILE A 32 -1.62 0.09 1.94
CA ILE A 32 -2.80 0.58 1.16
C ILE A 32 -2.44 0.55 -0.34
N LEU A 33 -3.39 0.82 -1.21
CA LEU A 33 -3.07 0.79 -2.68
C LEU A 33 -3.86 1.87 -3.43
N ILE A 34 -3.21 2.57 -4.32
CA ILE A 34 -3.92 3.62 -5.11
C ILE A 34 -4.34 3.04 -6.48
N LYS A 35 -3.88 3.62 -7.56
CA LYS A 35 -4.25 3.09 -8.90
C LYS A 35 -3.32 3.66 -9.97
N HIS A 36 -3.09 2.93 -11.03
CA HIS A 36 -2.19 3.42 -12.10
C HIS A 36 -2.16 2.43 -13.28
N GLN A 37 -1.05 2.32 -13.95
CA GLN A 37 -0.97 1.37 -15.09
C GLN A 37 -0.28 0.08 -14.66
N GLY A 38 1.01 0.13 -14.46
CA GLY A 38 1.74 -1.10 -14.03
C GLY A 38 1.30 -2.29 -14.90
N SER A 39 0.50 -3.17 -14.36
CA SER A 39 0.05 -4.35 -15.14
C SER A 39 -1.48 -4.34 -15.25
N ARG A 40 -2.15 -3.65 -14.37
CA ARG A 40 -3.65 -3.60 -14.43
C ARG A 40 -4.13 -2.17 -14.66
N ARG A 41 -5.41 -1.93 -14.52
CA ARG A 41 -5.93 -0.55 -14.72
C ARG A 41 -6.80 -0.12 -13.53
N LYS A 42 -7.32 -1.04 -12.78
CA LYS A 42 -8.17 -0.67 -11.62
C LYS A 42 -8.37 -1.86 -10.68
N ALA A 43 -8.92 -1.63 -9.52
CA ALA A 43 -9.14 -2.74 -8.56
C ALA A 43 -10.53 -3.35 -8.77
N SER A 44 -10.77 -3.93 -9.92
CA SER A 44 -12.11 -4.53 -10.19
C SER A 44 -12.50 -5.48 -9.06
N TRP A 45 -13.76 -5.55 -8.73
CA TRP A 45 -14.21 -6.47 -7.65
C TRP A 45 -14.90 -7.69 -8.25
N LYS A 46 -14.48 -8.11 -9.41
CA LYS A 46 -15.10 -9.30 -10.06
C LYS A 46 -16.57 -9.02 -10.40
N ASP A 47 -17.40 -8.84 -9.41
CA ASP A 47 -18.84 -8.58 -9.69
C ASP A 47 -19.01 -7.44 -10.71
N PRO A 48 -18.62 -6.25 -10.30
CA PRO A 48 -18.73 -5.07 -11.20
C PRO A 48 -17.67 -5.12 -12.30
N GLU A 49 -16.63 -5.88 -12.11
CA GLU A 49 -15.55 -5.97 -13.14
C GLU A 49 -14.74 -4.67 -13.18
N GLY A 50 -15.05 -3.75 -12.32
CA GLY A 50 -14.30 -2.46 -12.30
C GLY A 50 -14.39 -1.79 -13.67
N LYS A 51 -15.31 -2.22 -14.50
CA LYS A 51 -15.44 -1.61 -15.85
C LYS A 51 -14.06 -1.40 -16.47
N ILE A 52 -13.97 -0.54 -17.46
CA ILE A 52 -12.64 -0.30 -18.10
C ILE A 52 -12.45 1.21 -18.35
N ILE A 53 -11.53 1.82 -17.67
CA ILE A 53 -11.30 3.28 -17.85
C ILE A 53 -10.01 3.70 -17.14
N LEU A 54 -8.96 3.94 -17.87
CA LEU A 54 -7.67 4.35 -17.23
C LEU A 54 -7.91 5.51 -16.25
N THR A 55 -6.87 6.01 -15.66
CA THR A 55 -7.02 7.14 -14.69
C THR A 55 -5.64 7.65 -14.26
N THR A 56 -4.81 6.76 -13.79
CA THR A 56 -3.44 7.18 -13.35
C THR A 56 -2.38 6.50 -14.22
N THR A 57 -1.15 6.91 -14.11
CA THR A 57 -0.08 6.29 -14.94
C THR A 57 1.20 6.12 -14.12
N ARG A 58 2.19 5.46 -14.66
CA ARG A 58 3.46 5.26 -13.91
C ARG A 58 3.86 6.55 -13.20
N GLU A 59 3.99 7.62 -13.92
CA GLU A 59 4.37 8.92 -13.28
C GLU A 59 3.26 9.38 -12.34
N ALA A 60 2.07 9.52 -12.83
CA ALA A 60 0.94 9.96 -11.98
C ALA A 60 0.83 9.05 -10.75
N ALA A 61 1.19 7.80 -10.91
CA ALA A 61 1.10 6.86 -9.75
C ALA A 61 1.99 7.36 -8.61
N VAL A 62 3.28 7.31 -8.79
CA VAL A 62 4.19 7.79 -7.71
C VAL A 62 3.77 9.20 -7.29
N GLU A 63 3.24 9.98 -8.19
CA GLU A 63 2.80 11.35 -7.82
C GLU A 63 1.58 11.27 -6.91
N GLN A 64 0.63 10.47 -7.27
CA GLN A 64 -0.58 10.31 -6.41
C GLN A 64 -0.18 9.72 -5.06
N LEU A 65 0.76 8.82 -5.08
CA LEU A 65 1.23 8.19 -3.82
C LEU A 65 2.06 9.20 -3.02
N LYS A 66 2.73 10.09 -3.70
CA LYS A 66 3.55 11.11 -2.98
C LYS A 66 2.64 11.98 -2.11
N SER A 67 1.63 12.56 -2.71
CA SER A 67 0.69 13.42 -1.92
C SER A 67 0.09 12.59 -0.79
N ILE A 68 -0.07 11.31 -0.98
CA ILE A 68 -0.64 10.46 0.10
C ILE A 68 0.20 10.65 1.37
N ARG A 69 1.46 10.31 1.31
CA ARG A 69 2.33 10.48 2.52
C ARG A 69 2.03 11.86 3.13
N GLU A 70 1.91 12.85 2.29
CA GLU A 70 1.59 14.22 2.78
C GLU A 70 0.18 14.20 3.35
N ASP A 71 -0.78 13.86 2.55
CA ASP A 71 -2.17 13.79 3.05
C ASP A 71 -2.16 13.02 4.36
N ILE A 72 -1.55 11.86 4.36
CA ILE A 72 -1.48 11.09 5.63
C ILE A 72 -0.78 11.97 6.67
N VAL A 73 0.13 12.79 6.22
CA VAL A 73 0.85 13.72 7.13
C VAL A 73 -0.11 14.84 7.52
N SER A 74 -0.47 15.69 6.60
CA SER A 74 -1.42 16.78 6.91
C SER A 74 -2.83 16.38 6.49
N GLY A 75 -3.82 16.71 7.27
CA GLY A 75 -5.21 16.33 6.89
C GLY A 75 -5.62 15.09 7.66
N LYS A 76 -6.61 15.21 8.49
CA LYS A 76 -7.08 14.03 9.28
C LYS A 76 -7.72 12.98 8.37
N ALA A 77 -7.01 12.56 7.36
CA ALA A 77 -7.57 11.54 6.43
C ALA A 77 -7.52 10.15 7.07
N ASN A 78 -6.76 10.02 8.13
CA ASN A 78 -6.64 8.70 8.82
C ASN A 78 -5.82 7.72 7.97
N PHE A 79 -6.23 6.49 7.88
CA PHE A 79 -5.45 5.51 7.05
C PHE A 79 -6.19 4.17 6.96
N GLU A 80 -6.89 3.80 7.99
CA GLU A 80 -7.63 2.50 7.95
C GLU A 80 -8.73 2.55 6.91
N GLU A 81 -9.89 3.04 7.28
CA GLU A 81 -11.01 3.12 6.29
C GLU A 81 -10.48 3.58 4.93
N VAL A 82 -9.56 4.50 4.93
CA VAL A 82 -8.99 4.97 3.64
C VAL A 82 -8.45 3.77 2.87
N ALA A 83 -7.85 2.85 3.56
CA ALA A 83 -7.32 1.64 2.87
C ALA A 83 -8.47 0.82 2.28
N THR A 84 -9.43 0.48 3.10
CA THR A 84 -10.59 -0.32 2.60
C THR A 84 -11.05 0.23 1.25
N ARG A 85 -10.90 1.50 1.01
CA ARG A 85 -11.34 2.07 -0.29
C ARG A 85 -10.17 2.07 -1.29
N VAL A 86 -9.07 2.65 -0.91
CA VAL A 86 -7.89 2.68 -1.82
C VAL A 86 -6.95 1.52 -1.48
N SER A 87 -7.41 0.32 -1.64
CA SER A 87 -6.55 -0.86 -1.31
C SER A 87 -6.57 -1.88 -2.45
N ASP A 88 -5.74 -2.89 -2.36
CA ASP A 88 -5.71 -3.93 -3.44
C ASP A 88 -6.97 -4.79 -3.39
N CYS A 89 -8.08 -4.23 -3.73
CA CYS A 89 -9.36 -5.01 -3.71
C CYS A 89 -9.42 -5.89 -2.46
N SER A 90 -8.99 -7.11 -2.56
CA SER A 90 -8.99 -7.99 -1.36
C SER A 90 -8.40 -7.21 -0.19
N SER A 91 -7.28 -6.60 -0.42
CA SER A 91 -6.66 -5.78 0.65
C SER A 91 -7.73 -4.86 1.21
N ALA A 92 -8.63 -4.38 0.40
CA ALA A 92 -9.70 -3.50 0.94
C ALA A 92 -10.33 -4.21 2.13
N LYS A 93 -10.65 -5.46 1.98
CA LYS A 93 -11.23 -6.21 3.12
C LYS A 93 -10.22 -6.22 4.27
N ARG A 94 -8.97 -6.02 3.92
CA ARG A 94 -7.88 -5.99 4.93
C ARG A 94 -7.13 -4.65 4.81
N GLY A 95 -7.85 -3.59 4.59
CA GLY A 95 -7.22 -2.25 4.43
C GLY A 95 -6.41 -1.91 5.67
N GLY A 96 -6.65 -2.61 6.74
CA GLY A 96 -5.89 -2.33 7.98
C GLY A 96 -4.40 -2.57 7.73
N ASP A 97 -3.90 -3.69 8.14
CA ASP A 97 -2.46 -3.96 7.93
C ASP A 97 -2.20 -5.45 7.69
N LEU A 98 -0.95 -5.81 7.54
CA LEU A 98 -0.61 -7.23 7.30
C LEU A 98 -0.55 -7.96 8.65
N GLY A 99 0.34 -7.51 9.48
CA GLY A 99 0.52 -8.13 10.83
C GLY A 99 1.99 -8.44 10.99
N SER A 100 2.43 -9.57 10.52
CA SER A 100 3.87 -9.92 10.62
C SER A 100 4.25 -10.88 9.48
N PHE A 101 5.34 -10.63 8.83
CA PHE A 101 5.76 -11.53 7.71
C PHE A 101 7.21 -11.23 7.31
N GLY A 102 7.51 -11.28 6.04
CA GLY A 102 8.91 -11.00 5.61
C GLY A 102 9.44 -12.17 4.79
N ARG A 103 9.71 -13.27 5.43
CA ARG A 103 10.24 -14.46 4.69
C ARG A 103 9.16 -15.01 3.75
N GLY A 104 7.91 -14.80 4.08
CA GLY A 104 6.82 -15.32 3.20
C GLY A 104 5.96 -14.15 2.72
N GLN A 105 4.74 -14.42 2.35
CA GLN A 105 3.85 -13.32 1.86
C GLN A 105 4.57 -12.47 0.81
N MET A 106 4.76 -11.22 1.09
CA MET A 106 5.46 -10.31 0.17
C MET A 106 6.73 -10.95 -0.38
N GLN A 107 7.42 -10.28 -1.26
CA GLN A 107 8.67 -10.87 -1.83
C GLN A 107 9.84 -9.90 -1.67
N LYS A 108 10.55 -9.62 -2.73
CA LYS A 108 11.71 -8.69 -2.65
C LYS A 108 11.29 -7.21 -2.65
N PRO A 109 10.24 -6.88 -3.37
CA PRO A 109 9.81 -5.46 -3.45
C PRO A 109 9.19 -4.99 -2.14
N PHE A 110 8.04 -5.45 -1.77
CA PHE A 110 7.43 -4.99 -0.49
C PHE A 110 8.39 -5.22 0.66
N GLU A 111 8.81 -6.43 0.86
CA GLU A 111 9.71 -6.74 2.00
C GLU A 111 10.77 -5.64 2.19
N GLU A 112 11.69 -5.53 1.29
CA GLU A 112 12.73 -4.47 1.44
C GLU A 112 12.05 -3.12 1.74
N ALA A 113 10.79 -3.00 1.38
CA ALA A 113 10.07 -1.72 1.66
C ALA A 113 9.81 -1.57 3.15
N THR A 114 9.14 -2.52 3.73
CA THR A 114 8.87 -2.43 5.20
C THR A 114 10.16 -2.66 5.96
N TYR A 115 11.05 -3.43 5.38
CA TYR A 115 12.35 -3.67 6.04
C TYR A 115 13.19 -2.40 5.96
N ALA A 116 12.89 -1.54 5.03
CA ALA A 116 13.65 -0.27 4.86
C ALA A 116 13.00 0.84 5.69
N LEU A 117 11.75 1.12 5.44
CA LEU A 117 11.06 2.21 6.21
C LEU A 117 10.26 1.61 7.37
N LYS A 118 10.41 2.18 8.54
CA LYS A 118 9.65 1.65 9.71
C LYS A 118 8.54 2.61 10.11
N VAL A 119 8.88 3.81 10.50
CA VAL A 119 7.84 4.80 10.90
C VAL A 119 8.42 6.21 10.85
N GLY A 120 8.19 6.92 9.77
CA GLY A 120 8.72 8.31 9.66
C GLY A 120 8.92 8.66 8.19
N ASP A 121 7.96 8.36 7.37
CA ASP A 121 8.09 8.66 5.91
C ASP A 121 6.88 8.10 5.14
N ILE A 122 6.29 7.05 5.64
CA ILE A 122 5.10 6.44 4.97
C ILE A 122 5.50 5.84 3.62
N SER A 123 6.51 5.01 3.61
CA SER A 123 6.95 4.35 2.34
C SER A 123 6.79 5.28 1.13
N ASP A 124 7.86 5.88 0.68
CA ASP A 124 7.77 6.78 -0.51
C ASP A 124 6.82 6.19 -1.55
N ILE A 125 7.28 5.25 -2.33
CA ILE A 125 6.39 4.60 -3.35
C ILE A 125 6.67 3.10 -3.38
N VAL A 126 5.64 2.30 -3.26
CA VAL A 126 5.85 0.83 -3.28
C VAL A 126 5.11 0.19 -4.46
N ASP A 127 5.73 0.14 -5.60
CA ASP A 127 5.04 -0.47 -6.78
C ASP A 127 5.20 -1.99 -6.78
N THR A 128 4.13 -2.69 -6.51
CA THR A 128 4.20 -4.18 -6.49
C THR A 128 2.92 -4.75 -7.12
N ASP A 129 2.54 -5.95 -6.76
CA ASP A 129 1.29 -6.53 -7.33
C ASP A 129 0.18 -5.48 -7.30
N SER A 130 -0.80 -5.62 -8.15
CA SER A 130 -1.92 -4.62 -8.17
C SER A 130 -1.42 -3.27 -8.71
N GLY A 131 -0.41 -2.71 -8.12
CA GLY A 131 0.10 -1.40 -8.60
C GLY A 131 1.06 -0.80 -7.58
N VAL A 132 0.74 0.34 -7.04
CA VAL A 132 1.64 0.98 -6.04
C VAL A 132 0.97 1.02 -4.66
N HIS A 133 1.61 0.50 -3.66
CA HIS A 133 1.02 0.51 -2.30
C HIS A 133 1.80 1.44 -1.37
N ILE A 134 1.35 1.57 -0.16
CA ILE A 134 2.05 2.43 0.83
C ILE A 134 2.02 1.75 2.20
N ILE A 135 3.15 1.29 2.66
CA ILE A 135 3.19 0.58 3.98
C ILE A 135 3.25 1.60 5.13
N LYS A 136 2.96 1.15 6.32
CA LYS A 136 3.02 2.06 7.50
C LYS A 136 2.70 1.26 8.78
N ARG A 137 3.60 1.28 9.73
CA ARG A 137 3.35 0.52 10.99
C ARG A 137 2.75 1.45 12.05
N THR A 138 3.57 2.14 12.78
CA THR A 138 3.06 3.07 13.84
C THR A 138 2.84 4.46 13.24
N ALA A 139 3.70 4.87 12.36
CA ALA A 139 3.54 6.22 11.75
C ALA A 139 4.61 6.46 10.67
N HIS A 20 16.76 -16.41 13.93
CA HIS A 20 17.64 -17.55 13.54
C HIS A 20 16.94 -18.88 13.82
N MET A 21 15.65 -18.94 13.60
CA MET A 21 14.91 -20.20 13.85
C MET A 21 13.44 -20.04 13.50
N ALA A 22 12.75 -19.15 14.17
CA ALA A 22 11.31 -18.94 13.86
C ALA A 22 10.72 -17.87 14.79
N SER A 23 9.60 -17.30 14.42
CA SER A 23 8.98 -16.25 15.27
C SER A 23 10.05 -15.30 15.81
N ARG A 24 10.57 -14.44 14.98
CA ARG A 24 11.60 -13.47 15.45
C ARG A 24 11.02 -12.06 15.50
N ASP A 25 11.85 -11.06 15.43
CA ASP A 25 11.35 -9.66 15.49
C ASP A 25 10.25 -9.45 14.46
N GLN A 26 10.46 -9.90 13.27
CA GLN A 26 9.43 -9.73 12.20
C GLN A 26 9.16 -8.25 11.97
N VAL A 27 8.62 -7.90 10.84
CA VAL A 27 8.36 -6.45 10.55
C VAL A 27 6.84 -6.19 10.46
N LYS A 28 6.23 -5.75 11.52
CA LYS A 28 4.76 -5.46 11.46
C LYS A 28 4.54 -4.16 10.69
N ALA A 29 3.37 -3.95 10.13
CA ALA A 29 3.16 -2.67 9.38
C ALA A 29 1.76 -2.62 8.76
N SER A 30 1.41 -1.48 8.20
CA SER A 30 0.08 -1.33 7.55
C SER A 30 0.28 -0.86 6.11
N HIS A 31 -0.76 -0.56 5.39
CA HIS A 31 -0.52 -0.11 3.97
C HIS A 31 -1.83 0.27 3.24
N ILE A 32 -1.69 0.80 2.06
CA ILE A 32 -2.90 1.19 1.24
C ILE A 32 -2.58 1.03 -0.26
N LEU A 33 -3.58 1.16 -1.12
CA LEU A 33 -3.32 1.01 -2.59
C LEU A 33 -4.04 2.11 -3.38
N ILE A 34 -3.52 2.46 -4.53
CA ILE A 34 -4.19 3.52 -5.35
C ILE A 34 -4.48 2.99 -6.76
N LYS A 35 -3.93 1.86 -7.12
CA LYS A 35 -4.17 1.29 -8.47
C LYS A 35 -3.46 2.13 -9.54
N HIS A 36 -3.20 1.55 -10.69
CA HIS A 36 -2.52 2.29 -11.79
C HIS A 36 -2.32 1.39 -13.00
N GLN A 37 -1.24 1.56 -13.72
CA GLN A 37 -0.99 0.72 -14.92
C GLN A 37 -0.27 -0.57 -14.53
N GLY A 38 -0.82 -1.30 -13.58
CA GLY A 38 -0.17 -2.57 -13.16
C GLY A 38 -0.76 -3.74 -13.94
N SER A 39 -1.41 -4.65 -13.28
CA SER A 39 -2.02 -5.81 -14.00
C SER A 39 -3.25 -6.32 -13.23
N ARG A 40 -4.11 -5.42 -12.82
CA ARG A 40 -5.32 -5.84 -12.07
C ARG A 40 -6.56 -5.13 -12.64
N ARG A 41 -7.70 -5.35 -12.05
CA ARG A 41 -8.94 -4.70 -12.56
C ARG A 41 -9.29 -3.47 -11.70
N LYS A 42 -10.30 -2.73 -12.08
CA LYS A 42 -10.69 -1.54 -11.29
C LYS A 42 -11.10 -1.98 -9.88
N ALA A 43 -11.92 -1.20 -9.22
CA ALA A 43 -12.36 -1.59 -7.86
C ALA A 43 -12.74 -3.07 -7.84
N SER A 44 -13.62 -3.46 -8.73
CA SER A 44 -14.03 -4.89 -8.79
C SER A 44 -14.34 -5.45 -7.40
N TRP A 45 -15.33 -4.90 -6.73
CA TRP A 45 -15.68 -5.42 -5.37
C TRP A 45 -16.01 -6.91 -5.49
N LYS A 46 -16.73 -7.27 -6.53
CA LYS A 46 -17.08 -8.70 -6.75
C LYS A 46 -16.52 -9.14 -8.11
N ASP A 47 -17.34 -9.28 -9.11
CA ASP A 47 -16.82 -9.68 -10.45
C ASP A 47 -17.39 -8.80 -11.57
N PRO A 48 -17.71 -7.55 -11.27
CA PRO A 48 -18.25 -6.65 -12.32
C PRO A 48 -17.13 -6.15 -13.23
N GLU A 49 -16.82 -6.85 -14.29
CA GLU A 49 -15.73 -6.37 -15.18
C GLU A 49 -15.66 -7.22 -16.46
N GLY A 50 -14.57 -7.16 -17.16
CA GLY A 50 -14.43 -7.94 -18.42
C GLY A 50 -13.41 -7.26 -19.32
N LYS A 51 -13.18 -5.99 -19.13
CA LYS A 51 -12.19 -5.26 -19.97
C LYS A 51 -11.47 -4.19 -19.14
N ILE A 52 -10.29 -3.81 -19.56
CA ILE A 52 -9.54 -2.77 -18.80
C ILE A 52 -9.78 -1.38 -19.41
N ILE A 53 -9.03 -0.40 -19.00
CA ILE A 53 -9.22 0.97 -19.56
C ILE A 53 -8.02 1.86 -19.20
N LEU A 54 -7.83 2.93 -19.91
CA LEU A 54 -6.68 3.83 -19.61
C LEU A 54 -6.94 4.63 -18.33
N THR A 55 -6.21 4.35 -17.28
CA THR A 55 -6.41 5.10 -16.01
C THR A 55 -5.05 5.50 -15.42
N THR A 56 -5.00 5.77 -14.15
CA THR A 56 -3.69 6.17 -13.53
C THR A 56 -2.56 5.29 -14.07
N THR A 57 -1.47 5.89 -14.46
CA THR A 57 -0.35 5.07 -15.02
C THR A 57 0.83 4.99 -14.04
N ARG A 58 1.83 4.23 -14.38
CA ARG A 58 3.01 4.09 -13.49
C ARG A 58 3.46 5.46 -12.99
N GLU A 59 4.06 6.24 -13.83
CA GLU A 59 4.53 7.60 -13.40
C GLU A 59 3.40 8.32 -12.68
N ALA A 60 2.28 8.49 -13.33
CA ALA A 60 1.12 9.18 -12.68
C ALA A 60 0.91 8.63 -11.27
N ALA A 61 0.95 7.34 -11.12
CA ALA A 61 0.73 6.75 -9.77
C ALA A 61 1.62 7.45 -8.75
N VAL A 62 2.90 7.46 -8.97
CA VAL A 62 3.82 8.15 -8.01
C VAL A 62 3.35 9.59 -7.80
N GLU A 63 3.06 10.28 -8.87
CA GLU A 63 2.58 11.68 -8.73
C GLU A 63 1.33 11.70 -7.86
N GLN A 64 0.43 10.80 -8.11
CA GLN A 64 -0.81 10.72 -7.30
C GLN A 64 -0.45 10.33 -5.87
N LEU A 65 0.25 9.24 -5.73
CA LEU A 65 0.65 8.79 -4.37
C LEU A 65 1.51 9.87 -3.71
N LYS A 66 2.17 10.67 -4.50
CA LYS A 66 3.01 11.76 -3.91
C LYS A 66 2.14 12.68 -3.06
N SER A 67 1.01 13.08 -3.59
CA SER A 67 0.10 13.97 -2.82
C SER A 67 -0.44 13.24 -1.59
N ILE A 68 -0.73 11.97 -1.71
CA ILE A 68 -1.24 11.23 -0.52
C ILE A 68 -0.22 11.33 0.61
N ARG A 69 1.03 11.06 0.32
CA ARG A 69 2.06 11.19 1.38
C ARG A 69 2.00 12.61 1.93
N GLU A 70 1.97 13.57 1.05
CA GLU A 70 1.86 14.99 1.48
C GLU A 70 0.60 15.15 2.33
N ASP A 71 -0.52 14.85 1.74
CA ASP A 71 -1.80 14.94 2.50
C ASP A 71 -1.61 14.36 3.90
N ILE A 72 -1.11 13.15 3.97
CA ILE A 72 -0.88 12.51 5.30
C ILE A 72 0.25 13.25 6.02
N VAL A 73 1.09 13.91 5.28
CA VAL A 73 2.21 14.67 5.89
C VAL A 73 1.69 15.98 6.48
N SER A 74 0.66 16.53 5.90
CA SER A 74 0.09 17.81 6.41
C SER A 74 -0.76 17.54 7.65
N GLY A 75 -1.95 17.04 7.47
CA GLY A 75 -2.84 16.76 8.63
C GLY A 75 -3.19 15.27 8.66
N LYS A 76 -2.17 14.42 8.63
CA LYS A 76 -2.34 12.94 8.66
C LYS A 76 -3.80 12.53 8.85
N ALA A 77 -4.59 12.74 7.84
CA ALA A 77 -6.03 12.39 7.91
C ALA A 77 -6.22 10.97 8.45
N ASN A 78 -7.44 10.52 8.52
CA ASN A 78 -7.71 9.14 9.04
C ASN A 78 -6.66 8.15 8.52
N PHE A 79 -6.93 7.55 7.37
CA PHE A 79 -6.02 6.53 6.71
C PHE A 79 -6.67 5.16 6.79
N GLU A 80 -7.41 4.88 7.82
CA GLU A 80 -8.08 3.55 7.94
C GLU A 80 -9.17 3.43 6.88
N GLU A 81 -10.35 3.92 7.15
CA GLU A 81 -11.44 3.85 6.14
C GLU A 81 -10.88 4.23 4.78
N VAL A 82 -9.87 5.07 4.77
CA VAL A 82 -9.25 5.46 3.47
C VAL A 82 -8.76 4.21 2.76
N ALA A 83 -8.03 3.39 3.46
CA ALA A 83 -7.52 2.14 2.84
C ALA A 83 -8.69 1.28 2.35
N THR A 84 -9.55 0.88 3.26
CA THR A 84 -10.72 0.04 2.86
C THR A 84 -11.26 0.48 1.50
N ARG A 85 -11.23 1.75 1.21
CA ARG A 85 -11.72 2.23 -0.10
C ARG A 85 -10.56 2.26 -1.10
N VAL A 86 -9.50 2.92 -0.75
CA VAL A 86 -8.32 2.99 -1.66
C VAL A 86 -7.30 1.91 -1.29
N SER A 87 -7.68 0.67 -1.29
CA SER A 87 -6.70 -0.40 -0.93
C SER A 87 -6.89 -1.61 -1.82
N ASP A 88 -5.87 -2.43 -1.93
CA ASP A 88 -6.00 -3.63 -2.78
C ASP A 88 -7.35 -4.29 -2.48
N CYS A 89 -8.06 -4.65 -3.51
CA CYS A 89 -9.41 -5.28 -3.33
C CYS A 89 -9.51 -5.99 -1.96
N SER A 90 -8.82 -7.07 -1.81
CA SER A 90 -8.85 -7.79 -0.50
C SER A 90 -8.48 -6.79 0.60
N SER A 91 -7.42 -6.06 0.39
CA SER A 91 -7.01 -5.06 1.41
C SER A 91 -8.17 -4.10 1.66
N ALA A 92 -9.01 -3.87 0.69
CA ALA A 92 -10.18 -2.98 0.97
C ALA A 92 -10.90 -3.56 2.19
N LYS A 93 -11.01 -4.86 2.23
CA LYS A 93 -11.66 -5.51 3.41
C LYS A 93 -10.70 -5.45 4.60
N ARG A 94 -9.46 -5.14 4.33
CA ARG A 94 -8.40 -5.04 5.39
C ARG A 94 -7.53 -3.81 5.12
N GLY A 95 -8.13 -2.66 4.93
CA GLY A 95 -7.34 -1.43 4.62
C GLY A 95 -6.55 -0.98 5.85
N GLY A 96 -6.78 -1.60 6.96
CA GLY A 96 -6.03 -1.21 8.18
C GLY A 96 -4.54 -1.49 7.96
N ASP A 97 -4.06 -2.56 8.54
CA ASP A 97 -2.63 -2.88 8.37
C ASP A 97 -2.41 -4.40 8.24
N LEU A 98 -1.27 -4.79 7.76
CA LEU A 98 -0.98 -6.24 7.61
C LEU A 98 -0.94 -6.89 8.99
N GLY A 99 0.07 -6.57 9.75
CA GLY A 99 0.20 -7.13 11.11
C GLY A 99 1.67 -7.41 11.37
N SER A 100 2.12 -8.58 11.04
CA SER A 100 3.55 -8.92 11.26
C SER A 100 4.04 -9.94 10.22
N PHE A 101 5.12 -9.63 9.57
CA PHE A 101 5.68 -10.57 8.55
C PHE A 101 7.21 -10.43 8.53
N GLY A 102 7.89 -11.26 7.81
CA GLY A 102 9.38 -11.14 7.77
C GLY A 102 9.94 -11.95 6.60
N ARG A 103 10.16 -11.31 5.49
CA ARG A 103 10.72 -12.04 4.31
C ARG A 103 9.72 -13.08 3.78
N GLY A 104 9.45 -13.06 2.50
CA GLY A 104 8.50 -14.05 1.93
C GLY A 104 7.06 -13.55 2.10
N GLN A 105 6.89 -12.30 2.43
CA GLN A 105 5.51 -11.75 2.60
C GLN A 105 5.29 -10.54 1.70
N MET A 106 5.99 -9.48 1.97
CA MET A 106 5.84 -8.25 1.15
C MET A 106 6.93 -8.18 0.08
N GLN A 107 7.26 -9.29 -0.49
CA GLN A 107 8.32 -9.32 -1.54
C GLN A 107 9.57 -8.56 -1.07
N LYS A 108 10.40 -8.15 -1.99
CA LYS A 108 11.64 -7.41 -1.60
C LYS A 108 11.44 -5.88 -1.51
N PRO A 109 10.52 -5.34 -2.27
CA PRO A 109 10.30 -3.88 -2.25
C PRO A 109 9.58 -3.45 -0.96
N PHE A 110 8.31 -3.73 -0.84
CA PHE A 110 7.61 -3.31 0.41
C PHE A 110 8.44 -3.67 1.63
N GLU A 111 8.72 -4.93 1.80
CA GLU A 111 9.51 -5.36 2.99
C GLU A 111 10.66 -4.39 3.24
N GLU A 112 11.51 -4.22 2.27
CA GLU A 112 12.65 -3.27 2.43
C GLU A 112 12.10 -1.88 2.78
N ALA A 113 10.86 -1.65 2.47
CA ALA A 113 10.24 -0.33 2.77
C ALA A 113 9.96 -0.22 4.27
N THR A 114 9.21 -1.15 4.79
CA THR A 114 8.89 -1.12 6.25
C THR A 114 10.17 -1.37 7.05
N TYR A 115 11.10 -2.08 6.47
CA TYR A 115 12.38 -2.36 7.18
C TYR A 115 13.27 -1.12 7.12
N ALA A 116 13.01 -0.25 6.18
CA ALA A 116 13.85 0.98 6.03
C ALA A 116 13.25 2.15 6.82
N LEU A 117 11.96 2.37 6.71
CA LEU A 117 11.35 3.51 7.45
C LEU A 117 11.78 3.51 8.92
N LYS A 118 11.66 4.63 9.59
CA LYS A 118 12.07 4.69 11.01
C LYS A 118 10.97 5.33 11.87
N VAL A 119 9.74 4.91 11.69
CA VAL A 119 8.63 5.49 12.48
C VAL A 119 8.58 7.02 12.30
N GLY A 120 7.57 7.50 11.63
CA GLY A 120 7.45 8.97 11.41
C GLY A 120 8.00 9.34 10.04
N ASP A 121 7.78 8.52 9.06
CA ASP A 121 8.31 8.84 7.70
C ASP A 121 7.25 8.60 6.61
N ILE A 122 6.21 7.88 6.92
CA ILE A 122 5.16 7.60 5.89
C ILE A 122 5.81 7.21 4.57
N SER A 123 6.27 6.00 4.48
CA SER A 123 6.93 5.53 3.23
C SER A 123 6.20 6.07 2.01
N ASP A 124 5.01 5.61 1.77
CA ASP A 124 4.23 6.10 0.60
C ASP A 124 4.99 5.83 -0.69
N ILE A 125 4.44 6.20 -1.82
CA ILE A 125 5.15 5.96 -3.11
C ILE A 125 5.77 4.57 -3.11
N VAL A 126 4.97 3.55 -2.97
CA VAL A 126 5.51 2.16 -2.94
C VAL A 126 4.92 1.32 -4.06
N ASP A 127 5.53 1.33 -5.22
CA ASP A 127 5.00 0.53 -6.36
C ASP A 127 5.44 -0.93 -6.26
N THR A 128 4.58 -1.77 -5.76
CA THR A 128 4.94 -3.21 -5.62
C THR A 128 3.76 -4.07 -6.09
N ASP A 129 3.59 -5.23 -5.51
CA ASP A 129 2.45 -6.10 -5.92
C ASP A 129 1.18 -5.25 -6.10
N SER A 130 0.34 -5.61 -7.03
CA SER A 130 -0.90 -4.80 -7.26
C SER A 130 -0.55 -3.45 -7.89
N GLY A 131 0.28 -2.69 -7.22
CA GLY A 131 0.66 -1.36 -7.78
C GLY A 131 1.15 -0.44 -6.63
N VAL A 132 1.20 0.85 -6.88
CA VAL A 132 1.66 1.79 -5.82
C VAL A 132 0.91 1.56 -4.52
N HIS A 133 1.61 1.46 -3.43
CA HIS A 133 0.95 1.22 -2.11
C HIS A 133 1.47 2.22 -1.07
N ILE A 134 1.00 2.09 0.14
CA ILE A 134 1.48 3.00 1.22
C ILE A 134 1.86 2.15 2.43
N ILE A 135 2.47 2.72 3.43
CA ILE A 135 2.87 1.89 4.61
C ILE A 135 2.81 2.70 5.91
N LYS A 136 2.64 2.01 7.02
CA LYS A 136 2.59 2.70 8.33
C LYS A 136 3.09 1.75 9.43
N ARG A 137 3.93 2.22 10.31
CA ARG A 137 4.44 1.32 11.40
C ARG A 137 4.21 1.96 12.77
N THR A 138 4.98 2.95 13.12
CA THR A 138 4.79 3.60 14.44
C THR A 138 5.32 5.04 14.40
N ALA A 139 4.81 5.89 15.26
CA ALA A 139 5.29 7.31 15.28
C ALA A 139 4.34 8.16 16.13
N HIS A 20 17.40 -16.91 16.68
CA HIS A 20 17.46 -16.73 18.16
C HIS A 20 16.34 -15.79 18.61
N MET A 21 16.55 -15.08 19.69
CA MET A 21 15.49 -14.15 20.18
C MET A 21 16.13 -12.86 20.70
N ALA A 22 17.31 -12.55 20.25
CA ALA A 22 17.98 -11.30 20.72
C ALA A 22 17.98 -10.25 19.61
N SER A 23 17.17 -9.23 19.74
CA SER A 23 17.11 -8.18 18.69
C SER A 23 16.95 -8.82 17.31
N ARG A 24 15.96 -9.64 17.14
CA ARG A 24 15.75 -10.30 15.82
C ARG A 24 15.23 -9.28 14.80
N ASP A 25 14.65 -9.74 13.72
CA ASP A 25 14.14 -8.79 12.69
C ASP A 25 12.62 -8.65 12.77
N GLN A 26 11.89 -9.39 11.97
CA GLN A 26 10.40 -9.28 12.01
C GLN A 26 9.98 -7.85 11.65
N VAL A 27 8.94 -7.69 10.88
CA VAL A 27 8.52 -6.30 10.49
C VAL A 27 6.99 -6.15 10.45
N LYS A 28 6.44 -5.38 11.35
CA LYS A 28 4.96 -5.15 11.33
C LYS A 28 4.65 -4.03 10.34
N ALA A 29 3.40 -3.79 10.02
CA ALA A 29 3.10 -2.68 9.06
C ALA A 29 1.63 -2.67 8.62
N SER A 30 1.18 -1.54 8.13
CA SER A 30 -0.21 -1.42 7.63
C SER A 30 -0.14 -1.09 6.13
N HIS A 31 -1.23 -1.00 5.44
CA HIS A 31 -1.09 -0.70 3.97
C HIS A 31 -2.39 -0.19 3.33
N ILE A 32 -2.25 0.36 2.14
CA ILE A 32 -3.43 0.88 1.39
C ILE A 32 -3.10 0.92 -0.11
N LEU A 33 -3.84 0.22 -0.93
CA LEU A 33 -3.56 0.23 -2.40
C LEU A 33 -4.31 1.37 -3.08
N ILE A 34 -3.78 1.89 -4.15
CA ILE A 34 -4.48 2.99 -4.87
C ILE A 34 -5.01 2.47 -6.22
N LYS A 35 -4.42 2.86 -7.31
CA LYS A 35 -4.90 2.38 -8.64
C LYS A 35 -4.01 2.95 -9.75
N HIS A 36 -3.65 2.15 -10.71
CA HIS A 36 -2.78 2.67 -11.81
C HIS A 36 -2.67 1.64 -12.94
N GLN A 37 -1.61 1.70 -13.69
CA GLN A 37 -1.43 0.73 -14.81
C GLN A 37 -0.85 -0.59 -14.28
N GLY A 38 -1.61 -1.30 -13.50
CA GLY A 38 -1.11 -2.59 -12.94
C GLY A 38 -1.69 -3.76 -13.75
N SER A 39 -1.84 -3.59 -15.03
CA SER A 39 -2.40 -4.68 -15.87
C SER A 39 -3.75 -5.13 -15.32
N ARG A 40 -4.36 -6.11 -15.94
CA ARG A 40 -5.68 -6.60 -15.47
C ARG A 40 -6.71 -5.46 -15.52
N ARG A 41 -7.83 -5.63 -14.86
CA ARG A 41 -8.87 -4.56 -14.88
C ARG A 41 -9.29 -4.21 -13.45
N LYS A 42 -8.87 -3.07 -12.97
CA LYS A 42 -9.24 -2.65 -11.58
C LYS A 42 -8.81 -3.72 -10.58
N ALA A 43 -9.66 -4.68 -10.31
CA ALA A 43 -9.30 -5.75 -9.34
C ALA A 43 -10.29 -6.91 -9.45
N SER A 44 -11.40 -6.84 -8.77
CA SER A 44 -12.40 -7.94 -8.83
C SER A 44 -13.76 -7.44 -8.35
N TRP A 45 -14.19 -6.31 -8.83
CA TRP A 45 -15.52 -5.77 -8.40
C TRP A 45 -16.51 -5.86 -9.56
N LYS A 46 -17.37 -6.86 -9.55
CA LYS A 46 -18.36 -6.99 -10.65
C LYS A 46 -17.68 -6.72 -12.01
N ASP A 47 -17.79 -5.52 -12.52
CA ASP A 47 -17.14 -5.19 -13.83
C ASP A 47 -17.24 -6.37 -14.80
N PRO A 48 -18.41 -6.54 -15.36
CA PRO A 48 -18.63 -7.64 -16.33
C PRO A 48 -17.92 -7.35 -17.64
N GLU A 49 -16.61 -7.43 -17.66
CA GLU A 49 -15.85 -7.16 -18.91
C GLU A 49 -16.12 -5.73 -19.39
N GLY A 50 -15.13 -5.09 -19.94
CA GLY A 50 -15.34 -3.69 -20.44
C GLY A 50 -14.09 -3.24 -21.19
N LYS A 51 -13.36 -2.30 -20.64
CA LYS A 51 -12.12 -1.81 -21.32
C LYS A 51 -11.40 -0.79 -20.44
N ILE A 52 -10.28 -0.30 -20.88
CA ILE A 52 -9.53 0.71 -20.07
C ILE A 52 -9.89 2.13 -20.50
N ILE A 53 -9.57 3.10 -19.70
CA ILE A 53 -9.89 4.51 -20.06
C ILE A 53 -8.63 5.38 -19.97
N LEU A 54 -8.32 5.86 -18.80
CA LEU A 54 -7.10 6.71 -18.65
C LEU A 54 -6.94 7.17 -17.20
N THR A 55 -7.29 6.34 -16.26
CA THR A 55 -7.17 6.74 -14.82
C THR A 55 -5.69 6.82 -14.43
N THR A 56 -5.40 6.85 -13.16
CA THR A 56 -3.98 6.93 -12.72
C THR A 56 -3.13 5.94 -13.52
N THR A 57 -1.89 6.28 -13.75
CA THR A 57 -1.00 5.37 -14.51
C THR A 57 0.31 5.14 -13.75
N ARG A 58 1.23 4.42 -14.33
CA ARG A 58 2.53 4.18 -13.63
C ARG A 58 3.06 5.48 -13.04
N GLU A 59 3.30 6.45 -13.88
CA GLU A 59 3.81 7.75 -13.37
C GLU A 59 2.76 8.40 -12.45
N ALA A 60 1.62 8.74 -12.99
CA ALA A 60 0.56 9.37 -12.16
C ALA A 60 0.41 8.62 -10.84
N ALA A 61 0.46 7.32 -10.88
CA ALA A 61 0.32 6.52 -9.64
C ALA A 61 1.24 7.10 -8.56
N VAL A 62 2.53 7.07 -8.78
CA VAL A 62 3.46 7.62 -7.76
C VAL A 62 2.99 9.00 -7.33
N GLU A 63 2.60 9.83 -8.27
CA GLU A 63 2.11 11.19 -7.91
C GLU A 63 0.94 11.06 -6.94
N GLN A 64 0.06 10.14 -7.18
CA GLN A 64 -1.10 9.95 -6.27
C GLN A 64 -0.62 9.36 -4.95
N LEU A 65 0.12 8.27 -5.01
CA LEU A 65 0.64 7.65 -3.76
C LEU A 65 1.64 8.60 -3.09
N LYS A 66 2.13 9.56 -3.83
CA LYS A 66 3.09 10.53 -3.23
C LYS A 66 2.32 11.54 -2.37
N SER A 67 1.20 11.98 -2.84
CA SER A 67 0.39 12.95 -2.04
C SER A 67 -0.39 12.20 -0.96
N ILE A 68 -0.70 10.96 -1.19
CA ILE A 68 -1.44 10.17 -0.16
C ILE A 68 -0.55 10.03 1.08
N ARG A 69 0.66 9.55 0.92
CA ARG A 69 1.56 9.44 2.10
C ARG A 69 1.80 10.86 2.62
N GLU A 70 1.87 11.80 1.73
CA GLU A 70 2.06 13.21 2.13
C GLU A 70 0.85 13.64 2.96
N ASP A 71 -0.31 13.35 2.46
CA ASP A 71 -1.55 13.69 3.21
C ASP A 71 -1.52 12.93 4.54
N ILE A 72 -1.25 11.65 4.48
CA ILE A 72 -1.16 10.86 5.74
C ILE A 72 0.00 11.41 6.56
N VAL A 73 0.92 12.06 5.91
CA VAL A 73 2.09 12.65 6.62
C VAL A 73 1.64 13.92 7.35
N SER A 74 1.14 14.88 6.63
CA SER A 74 0.67 16.13 7.28
C SER A 74 -0.84 16.05 7.52
N GLY A 75 -1.30 16.50 8.64
CA GLY A 75 -2.76 16.44 8.93
C GLY A 75 -3.06 15.10 9.60
N LYS A 76 -3.45 15.13 10.84
CA LYS A 76 -3.75 13.86 11.56
C LYS A 76 -4.99 13.18 10.96
N ALA A 77 -4.97 12.95 9.67
CA ALA A 77 -6.14 12.30 9.01
C ALA A 77 -6.33 10.88 9.54
N ASN A 78 -7.04 10.05 8.81
CA ASN A 78 -7.25 8.65 9.26
C ASN A 78 -6.48 7.68 8.36
N PHE A 79 -6.94 6.47 8.25
CA PHE A 79 -6.23 5.48 7.39
C PHE A 79 -7.08 4.22 7.24
N GLU A 80 -7.77 3.83 8.28
CA GLU A 80 -8.61 2.61 8.21
C GLU A 80 -9.67 2.77 7.12
N GLU A 81 -10.80 3.34 7.44
CA GLU A 81 -11.86 3.53 6.41
C GLU A 81 -11.23 4.05 5.13
N VAL A 82 -10.18 4.82 5.24
CA VAL A 82 -9.51 5.34 4.02
C VAL A 82 -9.00 4.16 3.20
N ALA A 83 -8.49 3.16 3.85
CA ALA A 83 -7.97 1.97 3.14
C ALA A 83 -9.13 1.14 2.59
N THR A 84 -10.00 0.68 3.46
CA THR A 84 -11.16 -0.15 3.01
C THR A 84 -11.74 0.41 1.71
N ARG A 85 -11.66 1.70 1.50
CA ARG A 85 -12.20 2.29 0.25
C ARG A 85 -11.14 2.19 -0.86
N VAL A 86 -10.04 2.88 -0.69
CA VAL A 86 -8.96 2.82 -1.72
C VAL A 86 -7.94 1.77 -1.28
N SER A 87 -8.32 0.53 -1.32
CA SER A 87 -7.40 -0.56 -0.89
C SER A 87 -7.28 -1.65 -1.96
N ASP A 88 -6.66 -2.76 -1.64
CA ASP A 88 -6.51 -3.85 -2.64
C ASP A 88 -7.69 -4.82 -2.55
N CYS A 89 -8.79 -4.46 -3.15
CA CYS A 89 -10.00 -5.30 -3.14
C CYS A 89 -10.12 -6.13 -1.85
N SER A 90 -9.78 -7.38 -1.88
CA SER A 90 -9.85 -8.20 -0.64
C SER A 90 -9.21 -7.41 0.48
N SER A 91 -8.04 -6.91 0.23
CA SER A 91 -7.36 -6.09 1.27
C SER A 91 -8.31 -4.99 1.70
N ALA A 92 -9.15 -4.51 0.83
CA ALA A 92 -10.11 -3.47 1.26
C ALA A 92 -10.82 -3.99 2.50
N LYS A 93 -11.17 -5.24 2.50
CA LYS A 93 -11.82 -5.83 3.70
C LYS A 93 -10.83 -5.75 4.86
N ARG A 94 -9.56 -5.78 4.51
CA ARG A 94 -8.47 -5.68 5.53
C ARG A 94 -7.66 -4.40 5.25
N GLY A 95 -8.34 -3.33 4.92
CA GLY A 95 -7.66 -2.06 4.60
C GLY A 95 -6.91 -1.55 5.83
N GLY A 96 -7.14 -2.14 6.96
CA GLY A 96 -6.43 -1.67 8.17
C GLY A 96 -4.93 -1.84 7.99
N ASP A 97 -4.37 -2.86 8.56
CA ASP A 97 -2.90 -3.06 8.42
C ASP A 97 -2.55 -4.55 8.46
N LEU A 98 -1.39 -4.89 7.98
CA LEU A 98 -0.97 -6.33 8.00
C LEU A 98 -0.87 -6.78 9.45
N GLY A 99 0.11 -6.29 10.15
CA GLY A 99 0.30 -6.67 11.58
C GLY A 99 1.77 -6.99 11.79
N SER A 100 2.17 -8.20 11.52
CA SER A 100 3.60 -8.56 11.72
C SER A 100 4.02 -9.69 10.78
N PHE A 101 5.14 -9.53 10.16
CA PHE A 101 5.66 -10.57 9.24
C PHE A 101 7.17 -10.37 9.08
N GLY A 102 7.81 -11.09 8.20
CA GLY A 102 9.28 -10.90 8.05
C GLY A 102 9.77 -11.52 6.74
N ARG A 103 10.18 -12.75 6.76
CA ARG A 103 10.69 -13.38 5.51
C ARG A 103 9.55 -14.09 4.76
N GLY A 104 9.64 -14.20 3.47
CA GLY A 104 8.57 -14.88 2.68
C GLY A 104 7.40 -13.90 2.49
N GLN A 105 6.91 -13.35 3.57
CA GLN A 105 5.78 -12.40 3.51
C GLN A 105 5.90 -11.45 2.30
N MET A 106 4.86 -10.71 2.04
CA MET A 106 4.88 -9.73 0.91
C MET A 106 5.58 -10.32 -0.32
N GLN A 107 6.82 -10.01 -0.51
CA GLN A 107 7.54 -10.55 -1.71
C GLN A 107 9.03 -10.21 -1.66
N LYS A 108 9.33 -8.94 -1.59
CA LYS A 108 10.76 -8.51 -1.54
C LYS A 108 10.86 -6.98 -1.53
N PRO A 109 10.26 -6.35 -2.51
CA PRO A 109 10.29 -4.87 -2.57
C PRO A 109 9.52 -4.29 -1.39
N PHE A 110 8.37 -4.80 -1.09
CA PHE A 110 7.61 -4.27 0.07
C PHE A 110 8.44 -4.43 1.34
N GLU A 111 8.81 -5.64 1.64
CA GLU A 111 9.61 -5.90 2.86
C GLU A 111 10.70 -4.84 3.01
N GLU A 112 11.58 -4.74 2.05
CA GLU A 112 12.66 -3.73 2.13
C GLU A 112 12.03 -2.36 2.42
N ALA A 113 10.78 -2.19 2.07
CA ALA A 113 10.10 -0.89 2.34
C ALA A 113 9.86 -0.73 3.85
N THR A 114 9.14 -1.65 4.42
CA THR A 114 8.87 -1.58 5.88
C THR A 114 10.18 -1.80 6.64
N TYR A 115 11.09 -2.52 6.04
CA TYR A 115 12.40 -2.77 6.70
C TYR A 115 13.29 -1.53 6.57
N ALA A 116 13.10 -0.78 5.52
CA ALA A 116 13.92 0.44 5.30
C ALA A 116 13.37 1.60 6.14
N LEU A 117 12.15 1.50 6.59
CA LEU A 117 11.56 2.59 7.41
C LEU A 117 11.91 2.39 8.89
N LYS A 118 11.46 3.27 9.75
CA LYS A 118 11.76 3.12 11.20
C LYS A 118 10.74 3.91 12.03
N VAL A 119 9.49 3.56 11.93
CA VAL A 119 8.46 4.30 12.72
C VAL A 119 8.66 5.81 12.59
N GLY A 120 8.55 6.32 11.39
CA GLY A 120 8.74 7.78 11.18
C GLY A 120 9.08 8.04 9.72
N ASP A 121 8.12 7.89 8.85
CA ASP A 121 8.39 8.12 7.40
C ASP A 121 7.18 7.68 6.56
N ILE A 122 6.40 6.76 7.07
CA ILE A 122 5.20 6.29 6.31
C ILE A 122 5.63 5.73 4.95
N SER A 123 6.45 4.72 4.95
CA SER A 123 6.91 4.12 3.67
C SER A 123 7.38 5.20 2.69
N ASP A 124 7.52 4.87 1.44
CA ASP A 124 7.96 5.88 0.44
C ASP A 124 7.59 5.41 -0.98
N ILE A 125 6.38 5.66 -1.39
CA ILE A 125 5.96 5.23 -2.76
C ILE A 125 6.17 3.72 -2.94
N VAL A 126 5.25 2.93 -2.48
CA VAL A 126 5.41 1.44 -2.62
C VAL A 126 4.77 0.96 -3.91
N ASP A 127 5.52 0.27 -4.73
CA ASP A 127 4.96 -0.25 -6.01
C ASP A 127 5.25 -1.75 -6.14
N THR A 128 4.26 -2.58 -5.97
CA THR A 128 4.50 -4.06 -6.07
C THR A 128 3.27 -4.75 -6.67
N ASP A 129 3.08 -5.99 -6.36
CA ASP A 129 1.90 -6.71 -6.91
C ASP A 129 0.66 -5.82 -6.80
N SER A 130 -0.37 -6.10 -7.54
CA SER A 130 -1.59 -5.25 -7.48
C SER A 130 -1.31 -3.87 -8.07
N GLY A 131 -0.34 -3.18 -7.54
CA GLY A 131 -0.01 -1.82 -8.07
C GLY A 131 0.85 -1.08 -7.05
N VAL A 132 0.52 0.16 -6.76
CA VAL A 132 1.33 0.92 -5.77
C VAL A 132 0.56 1.05 -4.45
N HIS A 133 1.21 0.81 -3.35
CA HIS A 133 0.53 0.90 -2.04
C HIS A 133 1.26 1.87 -1.10
N ILE A 134 0.81 1.95 0.13
CA ILE A 134 1.47 2.84 1.12
C ILE A 134 1.45 2.14 2.49
N ILE A 135 2.57 1.98 3.11
CA ILE A 135 2.60 1.27 4.43
C ILE A 135 2.88 2.22 5.58
N LYS A 136 2.48 1.85 6.77
CA LYS A 136 2.71 2.71 7.96
C LYS A 136 3.09 1.84 9.16
N ARG A 137 4.24 2.04 9.73
CA ARG A 137 4.66 1.21 10.90
C ARG A 137 4.16 1.81 12.20
N THR A 138 4.72 1.40 13.31
CA THR A 138 4.29 1.94 14.62
C THR A 138 4.14 3.46 14.55
N ALA A 139 4.82 4.10 13.65
CA ALA A 139 4.71 5.58 13.54
C ALA A 139 3.25 6.01 13.64
N HIS A 20 16.51 -18.29 19.19
CA HIS A 20 15.71 -17.08 19.53
C HIS A 20 14.53 -16.94 18.57
N MET A 21 13.33 -16.92 19.09
CA MET A 21 12.12 -16.80 18.21
C MET A 21 11.01 -16.05 18.95
N ALA A 22 11.33 -14.91 19.50
CA ALA A 22 10.28 -14.12 20.23
C ALA A 22 10.77 -12.70 20.51
N SER A 23 11.93 -12.56 21.10
CA SER A 23 12.45 -11.20 21.40
C SER A 23 13.04 -10.56 20.13
N ARG A 24 12.96 -11.23 19.02
CA ARG A 24 13.52 -10.65 17.76
C ARG A 24 12.83 -9.33 17.44
N ASP A 25 12.68 -9.02 16.18
CA ASP A 25 12.02 -7.72 15.81
C ASP A 25 11.14 -7.90 14.57
N GLN A 26 11.67 -8.49 13.54
CA GLN A 26 10.87 -8.67 12.29
C GLN A 26 10.37 -7.31 11.79
N VAL A 27 9.70 -7.27 10.68
CA VAL A 27 9.21 -5.96 10.16
C VAL A 27 7.68 -5.92 10.12
N LYS A 28 7.07 -5.32 11.11
CA LYS A 28 5.59 -5.22 11.11
C LYS A 28 5.19 -4.09 10.17
N ALA A 29 3.96 -4.01 9.75
CA ALA A 29 3.60 -2.89 8.83
C ALA A 29 2.15 -2.97 8.33
N SER A 30 1.71 -1.91 7.70
CA SER A 30 0.34 -1.86 7.13
C SER A 30 0.45 -1.30 5.71
N HIS A 31 -0.63 -1.15 4.99
CA HIS A 31 -0.44 -0.60 3.61
C HIS A 31 -1.77 -0.36 2.86
N ILE A 32 -1.68 0.32 1.74
CA ILE A 32 -2.87 0.60 0.89
C ILE A 32 -2.49 0.36 -0.58
N LEU A 33 -3.45 0.40 -1.48
CA LEU A 33 -3.10 0.16 -2.92
C LEU A 33 -3.87 1.11 -3.83
N ILE A 34 -3.19 1.73 -4.76
CA ILE A 34 -3.88 2.66 -5.70
C ILE A 34 -3.83 2.10 -7.13
N LYS A 35 -4.79 2.42 -7.94
CA LYS A 35 -4.81 1.91 -9.34
C LYS A 35 -3.73 2.63 -10.17
N HIS A 36 -3.40 2.10 -11.31
CA HIS A 36 -2.35 2.76 -12.15
C HIS A 36 -2.16 1.99 -13.48
N GLN A 37 -1.06 2.23 -14.14
CA GLN A 37 -0.80 1.51 -15.43
C GLN A 37 -0.41 0.07 -15.16
N GLY A 38 -1.28 -0.69 -14.54
CA GLY A 38 -0.96 -2.11 -14.25
C GLY A 38 -2.04 -3.01 -14.84
N SER A 39 -2.73 -3.75 -14.01
CA SER A 39 -3.80 -4.65 -14.53
C SER A 39 -4.97 -4.63 -13.54
N ARG A 40 -5.83 -3.66 -13.64
CA ARG A 40 -6.99 -3.58 -12.71
C ARG A 40 -8.21 -2.98 -13.42
N ARG A 41 -9.15 -2.48 -12.68
CA ARG A 41 -10.37 -1.88 -13.28
C ARG A 41 -11.09 -0.99 -12.27
N LYS A 42 -11.07 0.30 -12.48
CA LYS A 42 -11.74 1.24 -11.53
C LYS A 42 -13.23 0.91 -11.41
N ALA A 43 -13.80 1.10 -10.25
CA ALA A 43 -15.25 0.81 -10.06
C ALA A 43 -15.60 -0.56 -10.62
N SER A 44 -14.70 -1.49 -10.55
CA SER A 44 -14.99 -2.86 -11.08
C SER A 44 -14.37 -3.92 -10.17
N TRP A 45 -15.18 -4.70 -9.51
CA TRP A 45 -14.64 -5.76 -8.62
C TRP A 45 -14.61 -7.12 -9.34
N LYS A 46 -14.66 -8.19 -8.61
CA LYS A 46 -14.62 -9.53 -9.25
C LYS A 46 -16.03 -9.99 -9.63
N ASP A 47 -17.01 -9.13 -9.47
CA ASP A 47 -18.40 -9.52 -9.82
C ASP A 47 -18.85 -8.86 -11.13
N PRO A 48 -18.99 -7.56 -11.11
CA PRO A 48 -19.41 -6.83 -12.34
C PRO A 48 -18.26 -6.77 -13.35
N GLU A 49 -18.48 -6.13 -14.46
CA GLU A 49 -17.39 -6.04 -15.48
C GLU A 49 -16.83 -4.61 -15.52
N GLY A 50 -15.93 -4.35 -16.44
CA GLY A 50 -15.34 -2.98 -16.52
C GLY A 50 -15.70 -2.36 -17.87
N LYS A 51 -14.96 -1.37 -18.30
CA LYS A 51 -15.26 -0.72 -19.60
C LYS A 51 -14.24 0.38 -19.90
N ILE A 52 -13.44 0.20 -20.92
CA ILE A 52 -12.39 1.23 -21.27
C ILE A 52 -11.86 1.91 -20.01
N ILE A 53 -10.75 1.43 -19.49
CA ILE A 53 -10.18 2.04 -18.27
C ILE A 53 -8.64 2.02 -18.33
N LEU A 54 -8.02 3.15 -18.13
CA LEU A 54 -6.53 3.18 -18.16
C LEU A 54 -6.00 3.45 -16.75
N THR A 55 -6.85 3.83 -15.84
CA THR A 55 -6.43 4.11 -14.45
C THR A 55 -5.18 4.99 -14.42
N THR A 56 -4.72 5.34 -13.25
CA THR A 56 -3.50 6.20 -13.16
C THR A 56 -2.34 5.51 -13.90
N THR A 57 -1.20 6.13 -13.96
CA THR A 57 -0.05 5.51 -14.68
C THR A 57 1.18 5.44 -13.76
N ARG A 58 2.25 4.88 -14.25
CA ARG A 58 3.49 4.77 -13.41
C ARG A 58 3.80 6.12 -12.75
N GLU A 59 4.04 7.13 -13.53
CA GLU A 59 4.34 8.46 -12.95
C GLU A 59 3.14 8.96 -12.14
N ALA A 60 2.00 9.06 -12.76
CA ALA A 60 0.79 9.53 -12.02
C ALA A 60 0.63 8.73 -10.73
N ALA A 61 0.84 7.45 -10.79
CA ALA A 61 0.71 6.61 -9.56
C ALA A 61 1.62 7.18 -8.47
N VAL A 62 2.90 7.13 -8.66
CA VAL A 62 3.82 7.69 -7.62
C VAL A 62 3.34 9.10 -7.25
N GLU A 63 2.73 9.78 -8.19
CA GLU A 63 2.22 11.14 -7.90
C GLU A 63 1.07 11.05 -6.91
N GLN A 64 0.03 10.34 -7.27
CA GLN A 64 -1.11 10.18 -6.34
C GLN A 64 -0.58 9.70 -4.99
N LEU A 65 0.42 8.86 -5.03
CA LEU A 65 1.02 8.36 -3.76
C LEU A 65 1.85 9.48 -3.11
N LYS A 66 2.41 10.34 -3.93
CA LYS A 66 3.21 11.46 -3.38
C LYS A 66 2.34 12.30 -2.44
N SER A 67 1.36 12.95 -2.98
CA SER A 67 0.44 13.78 -2.13
C SER A 67 -0.05 12.92 -0.97
N ILE A 68 -0.14 11.62 -1.17
CA ILE A 68 -0.60 10.74 -0.07
C ILE A 68 0.35 10.90 1.11
N ARG A 69 1.62 10.67 0.90
CA ARG A 69 2.59 10.85 2.00
C ARG A 69 2.34 12.21 2.65
N GLU A 70 2.14 13.21 1.84
CA GLU A 70 1.87 14.58 2.37
C GLU A 70 0.52 14.56 3.09
N ASP A 71 -0.52 14.29 2.37
CA ASP A 71 -1.86 14.24 3.03
C ASP A 71 -1.74 13.38 4.29
N ILE A 72 -1.22 12.19 4.16
CA ILE A 72 -1.05 11.32 5.36
C ILE A 72 -0.11 12.02 6.34
N VAL A 73 0.70 12.92 5.84
CA VAL A 73 1.64 13.67 6.72
C VAL A 73 0.89 14.81 7.41
N SER A 74 0.33 15.71 6.65
CA SER A 74 -0.42 16.85 7.25
C SER A 74 -1.91 16.54 7.29
N GLY A 75 -2.58 16.92 8.35
CA GLY A 75 -4.04 16.65 8.44
C GLY A 75 -4.26 15.30 9.11
N LYS A 76 -4.78 15.30 10.30
CA LYS A 76 -5.02 14.01 11.01
C LYS A 76 -6.12 13.22 10.29
N ALA A 77 -5.95 12.98 9.01
CA ALA A 77 -6.97 12.23 8.24
C ALA A 77 -7.03 10.78 8.72
N ASN A 78 -7.63 9.92 7.95
CA ASN A 78 -7.72 8.49 8.37
C ASN A 78 -6.81 7.63 7.49
N PHE A 79 -7.00 6.34 7.51
CA PHE A 79 -6.14 5.45 6.69
C PHE A 79 -6.80 4.07 6.57
N GLU A 80 -7.38 3.59 7.63
CA GLU A 80 -8.04 2.26 7.57
C GLU A 80 -9.14 2.27 6.49
N GLU A 81 -10.26 2.90 6.77
CA GLU A 81 -11.34 2.94 5.74
C GLU A 81 -10.72 3.29 4.38
N VAL A 82 -9.86 4.27 4.35
CA VAL A 82 -9.21 4.63 3.06
C VAL A 82 -8.59 3.38 2.45
N ALA A 83 -7.86 2.65 3.23
CA ALA A 83 -7.22 1.40 2.73
C ALA A 83 -8.30 0.41 2.29
N THR A 84 -9.17 0.04 3.19
CA THR A 84 -10.25 -0.93 2.82
C THR A 84 -10.86 -0.51 1.47
N ARG A 85 -10.78 0.75 1.14
CA ARG A 85 -11.35 1.22 -0.15
C ARG A 85 -10.28 1.14 -1.25
N VAL A 86 -9.22 1.88 -1.10
CA VAL A 86 -8.13 1.85 -2.12
C VAL A 86 -7.03 0.87 -1.72
N SER A 87 -7.36 -0.38 -1.52
CA SER A 87 -6.31 -1.36 -1.14
C SER A 87 -6.45 -2.65 -1.96
N ASP A 88 -5.39 -3.39 -2.09
CA ASP A 88 -5.49 -4.66 -2.87
C ASP A 88 -6.77 -5.38 -2.51
N CYS A 89 -7.52 -5.78 -3.51
CA CYS A 89 -8.83 -6.48 -3.27
C CYS A 89 -8.85 -7.16 -1.90
N SER A 90 -8.18 -8.27 -1.76
CA SER A 90 -8.15 -8.94 -0.44
C SER A 90 -7.76 -7.92 0.62
N SER A 91 -6.70 -7.22 0.39
CA SER A 91 -6.27 -6.19 1.37
C SER A 91 -7.43 -5.25 1.65
N ALA A 92 -8.26 -4.98 0.68
CA ALA A 92 -9.43 -4.09 0.95
C ALA A 92 -10.11 -4.63 2.20
N LYS A 93 -10.17 -5.93 2.30
CA LYS A 93 -10.77 -6.54 3.52
C LYS A 93 -9.83 -6.29 4.69
N ARG A 94 -8.55 -6.27 4.40
CA ARG A 94 -7.52 -6.01 5.45
C ARG A 94 -6.81 -4.68 5.13
N GLY A 95 -7.57 -3.65 4.88
CA GLY A 95 -6.97 -2.33 4.53
C GLY A 95 -6.21 -1.78 5.73
N GLY A 96 -6.35 -2.41 6.86
CA GLY A 96 -5.63 -1.92 8.07
C GLY A 96 -4.14 -2.19 7.91
N ASP A 97 -3.64 -3.17 8.60
CA ASP A 97 -2.19 -3.45 8.49
C ASP A 97 -1.92 -4.96 8.40
N LEU A 98 -0.69 -5.32 8.07
CA LEU A 98 -0.34 -6.77 7.97
C LEU A 98 -0.15 -7.33 9.37
N GLY A 99 0.91 -6.94 10.01
CA GLY A 99 1.21 -7.42 11.39
C GLY A 99 2.72 -7.50 11.53
N SER A 100 3.28 -8.64 11.25
CA SER A 100 4.75 -8.79 11.36
C SER A 100 5.26 -9.86 10.38
N PHE A 101 6.40 -9.62 9.79
CA PHE A 101 6.98 -10.60 8.84
C PHE A 101 8.43 -10.21 8.55
N GLY A 102 9.04 -10.83 7.58
CA GLY A 102 10.45 -10.47 7.26
C GLY A 102 11.00 -11.43 6.21
N ARG A 103 11.62 -12.49 6.64
CA ARG A 103 12.18 -13.47 5.67
C ARG A 103 11.05 -14.21 4.95
N GLY A 104 9.83 -13.98 5.36
CA GLY A 104 8.69 -14.68 4.71
C GLY A 104 7.64 -13.65 4.27
N GLN A 105 6.51 -14.11 3.80
CA GLN A 105 5.44 -13.15 3.37
C GLN A 105 6.00 -12.13 2.38
N MET A 106 5.14 -11.27 1.90
CA MET A 106 5.58 -10.20 0.98
C MET A 106 6.67 -10.71 0.01
N GLN A 107 7.41 -9.80 -0.57
CA GLN A 107 8.48 -10.20 -1.51
C GLN A 107 9.74 -9.36 -1.28
N LYS A 108 10.62 -9.29 -2.24
CA LYS A 108 11.87 -8.49 -2.07
C LYS A 108 11.61 -6.97 -2.11
N PRO A 109 10.66 -6.54 -2.91
CA PRO A 109 10.38 -5.09 -3.01
C PRO A 109 9.70 -4.56 -1.75
N PHE A 110 8.47 -4.93 -1.50
CA PHE A 110 7.78 -4.42 -0.28
C PHE A 110 8.70 -4.50 0.93
N GLU A 111 9.12 -5.68 1.29
CA GLU A 111 9.99 -5.83 2.48
C GLU A 111 11.04 -4.72 2.51
N GLU A 112 11.87 -4.67 1.50
CA GLU A 112 12.91 -3.60 1.46
C GLU A 112 12.26 -2.25 1.72
N ALA A 113 10.99 -2.14 1.48
CA ALA A 113 10.29 -0.84 1.71
C ALA A 113 10.15 -0.59 3.20
N THR A 114 9.52 -1.49 3.91
CA THR A 114 9.36 -1.30 5.38
C THR A 114 10.73 -1.46 6.04
N TYR A 115 11.60 -2.19 5.42
CA TYR A 115 12.96 -2.38 6.00
C TYR A 115 13.83 -1.16 5.69
N ALA A 116 13.49 -0.44 4.66
CA ALA A 116 14.29 0.76 4.28
C ALA A 116 13.85 2.00 5.06
N LEU A 117 12.60 2.10 5.40
CA LEU A 117 12.13 3.31 6.14
C LEU A 117 12.18 3.08 7.66
N LYS A 118 11.99 4.12 8.43
CA LYS A 118 12.02 3.98 9.91
C LYS A 118 11.08 5.01 10.56
N VAL A 119 9.81 4.95 10.26
CA VAL A 119 8.87 5.93 10.85
C VAL A 119 9.29 7.35 10.52
N GLY A 120 8.72 7.93 9.49
CA GLY A 120 9.10 9.33 9.12
C GLY A 120 9.17 9.44 7.59
N ASP A 121 8.18 8.92 6.92
CA ASP A 121 8.16 8.99 5.42
C ASP A 121 7.04 8.12 4.86
N ILE A 122 6.61 7.13 5.60
CA ILE A 122 5.51 6.24 5.11
C ILE A 122 5.99 5.33 3.97
N SER A 123 7.09 4.67 4.17
CA SER A 123 7.63 3.75 3.12
C SER A 123 7.54 4.36 1.71
N ASP A 124 7.43 5.66 1.61
CA ASP A 124 7.35 6.30 0.26
C ASP A 124 6.49 5.46 -0.70
N ILE A 125 6.61 5.68 -1.98
CA ILE A 125 5.79 4.87 -2.93
C ILE A 125 6.19 3.40 -2.86
N VAL A 126 5.32 2.51 -3.24
CA VAL A 126 5.64 1.06 -3.18
C VAL A 126 5.08 0.34 -4.41
N ASP A 127 5.67 0.55 -5.56
CA ASP A 127 5.18 -0.13 -6.80
C ASP A 127 5.47 -1.62 -6.75
N THR A 128 4.47 -2.42 -6.51
CA THR A 128 4.68 -3.89 -6.45
C THR A 128 3.50 -4.59 -7.13
N ASP A 129 3.33 -5.87 -6.90
CA ASP A 129 2.18 -6.58 -7.53
C ASP A 129 0.91 -5.72 -7.37
N SER A 130 -0.08 -5.96 -8.18
CA SER A 130 -1.33 -5.15 -8.07
C SER A 130 -1.06 -3.70 -8.50
N GLY A 131 -0.12 -3.04 -7.89
CA GLY A 131 0.19 -1.64 -8.27
C GLY A 131 1.11 -0.99 -7.23
N VAL A 132 0.91 0.28 -6.96
CA VAL A 132 1.78 0.96 -5.96
C VAL A 132 1.06 1.04 -4.61
N HIS A 133 1.76 0.74 -3.54
CA HIS A 133 1.12 0.79 -2.20
C HIS A 133 1.87 1.76 -1.28
N ILE A 134 1.35 1.97 -0.10
CA ILE A 134 2.01 2.88 0.88
C ILE A 134 1.96 2.22 2.25
N ILE A 135 3.10 1.90 2.82
CA ILE A 135 3.10 1.21 4.13
C ILE A 135 3.42 2.16 5.29
N LYS A 136 3.10 1.73 6.49
CA LYS A 136 3.37 2.56 7.70
C LYS A 136 3.88 1.65 8.82
N ARG A 137 4.31 2.21 9.91
CA ARG A 137 4.81 1.36 11.03
C ARG A 137 4.45 1.98 12.39
N THR A 138 4.91 3.16 12.66
CA THR A 138 4.59 3.81 13.97
C THR A 138 4.30 5.30 13.77
N ALA A 139 5.28 6.14 13.96
CA ALA A 139 5.05 7.60 13.77
C ALA A 139 3.94 8.08 14.71
#